data_2HAF
# 
_entry.id   2HAF 
# 
_audit_conform.dict_name       mmcif_pdbx.dic 
_audit_conform.dict_version    5.387 
_audit_conform.dict_location   http://mmcif.pdb.org/dictionaries/ascii/mmcif_pdbx.dic 
# 
loop_
_database_2.database_id 
_database_2.database_code 
_database_2.pdbx_database_accession 
_database_2.pdbx_DOI 
PDB   2HAF         pdb_00002haf 10.2210/pdb2haf/pdb 
RCSB  RCSB038130   ?            ?                   
WWPDB D_1000038130 ?            ?                   
# 
loop_
_pdbx_audit_revision_history.ordinal 
_pdbx_audit_revision_history.data_content_type 
_pdbx_audit_revision_history.major_revision 
_pdbx_audit_revision_history.minor_revision 
_pdbx_audit_revision_history.revision_date 
1 'Structure model' 1 0 2006-07-04 
2 'Structure model' 1 1 2008-05-01 
3 'Structure model' 1 2 2011-07-13 
4 'Structure model' 1 3 2021-02-03 
5 'Structure model' 1 4 2024-02-14 
# 
_pdbx_audit_revision_details.ordinal             1 
_pdbx_audit_revision_details.revision_ordinal    1 
_pdbx_audit_revision_details.data_content_type   'Structure model' 
_pdbx_audit_revision_details.provider            repository 
_pdbx_audit_revision_details.type                'Initial release' 
_pdbx_audit_revision_details.description         ? 
_pdbx_audit_revision_details.details             ? 
# 
loop_
_pdbx_audit_revision_group.ordinal 
_pdbx_audit_revision_group.revision_ordinal 
_pdbx_audit_revision_group.data_content_type 
_pdbx_audit_revision_group.group 
1 2 'Structure model' 'Version format compliance' 
2 3 'Structure model' 'Version format compliance' 
3 4 'Structure model' 'Database references'       
4 4 'Structure model' 'Structure summary'         
5 5 'Structure model' 'Data collection'           
6 5 'Structure model' 'Database references'       
# 
loop_
_pdbx_audit_revision_category.ordinal 
_pdbx_audit_revision_category.revision_ordinal 
_pdbx_audit_revision_category.data_content_type 
_pdbx_audit_revision_category.category 
1 4 'Structure model' audit_author       
2 4 'Structure model' struct_ref_seq_dif 
3 5 'Structure model' chem_comp_atom     
4 5 'Structure model' chem_comp_bond     
5 5 'Structure model' database_2         
# 
loop_
_pdbx_audit_revision_item.ordinal 
_pdbx_audit_revision_item.revision_ordinal 
_pdbx_audit_revision_item.data_content_type 
_pdbx_audit_revision_item.item 
1 4 'Structure model' '_audit_author.identifier_ORCID'      
2 4 'Structure model' '_struct_ref_seq_dif.details'         
3 5 'Structure model' '_database_2.pdbx_DOI'                
4 5 'Structure model' '_database_2.pdbx_database_accession' 
# 
_pdbx_database_status.status_code                     REL 
_pdbx_database_status.entry_id                        2HAF 
_pdbx_database_status.recvd_initial_deposition_date   2006-06-12 
_pdbx_database_status.deposit_site                    RCSB 
_pdbx_database_status.process_site                    RCSB 
_pdbx_database_status.status_code_sf                  REL 
_pdbx_database_status.status_code_mr                  ? 
_pdbx_database_status.SG_entry                        Y 
_pdbx_database_status.pdb_format_compatible           Y 
_pdbx_database_status.status_code_cs                  ? 
_pdbx_database_status.status_code_nmr_data            ? 
_pdbx_database_status.methods_development_category    ? 
# 
_pdbx_database_related.db_name        TargetDB 
_pdbx_database_related.db_id          NYSGXRC-T1503 
_pdbx_database_related.details        . 
_pdbx_database_related.content_type   unspecified 
# 
loop_
_audit_author.name 
_audit_author.pdbx_ordinal 
_audit_author.identifier_ORCID 
'Sugadev, R.'                                                    1 ?                   
'Seetharaman, J.'                                                2 ?                   
'Kumaran, D.'                                                    3 ?                   
'Swaminathan, S.'                                                4 ?                   
'Burley, S.K.'                                                   5 0000-0002-2487-9713 
'New York SGX Research Center for Structural Genomics (NYSGXRC)' 6 ?                   
# 
_citation.id                        primary 
_citation.title                     'Crystal structure of a putative translation repressor from Vibrio cholerae' 
_citation.journal_abbrev            'To be Published' 
_citation.journal_volume            ? 
_citation.page_first                ? 
_citation.page_last                 ? 
_citation.year                      ? 
_citation.journal_id_ASTM           ? 
_citation.country                   ? 
_citation.journal_id_ISSN           ? 
_citation.journal_id_CSD            0353 
_citation.book_publisher            ? 
_citation.pdbx_database_id_PubMed   ? 
_citation.pdbx_database_id_DOI      ? 
# 
loop_
_citation_author.citation_id 
_citation_author.name 
_citation_author.ordinal 
_citation_author.identifier_ORCID 
primary 'Sugadev, R.'     1 ? 
primary 'Seetharaman, J.' 2 ? 
primary 'Kumaran, D.'     3 ? 
primary 'Swaminathan, S.' 4 ? 
# 
loop_
_entity.id 
_entity.type 
_entity.src_method 
_entity.pdbx_description 
_entity.formula_weight 
_entity.pdbx_number_of_molecules 
_entity.pdbx_ec 
_entity.pdbx_mutation 
_entity.pdbx_fragment 
_entity.details 
1 polymer man 'Putative translation repressor' 23418.260 1  ? ? ? ? 
2 water   nat water                            18.015    21 ? ? ? ? 
# 
_entity_poly.entity_id                      1 
_entity_poly.type                           'polypeptide(L)' 
_entity_poly.nstd_linkage                   no 
_entity_poly.nstd_monomer                   no 
_entity_poly.pdbx_seq_one_letter_code       
;MSLSNHSSDIEVGHSMNLTNHFLVAMPSMKDPYFKRSVIYICEHNQDGAMGLMINAPIDITVGGMLKQVDIEPAYPQSHQ
ENLKKPVFNGGPVSEDRGFILHRPRDHYESSMKMTDDIAVTTSKDILTVLGTEAEPEGYIVALGYSGWSAGQLEVELTEN
SWLTIEADPELIFNTPVHEKWQKAIQKLGISPAQLSSDAGHEGGSHHHHHH
;
_entity_poly.pdbx_seq_one_letter_code_can   
;MSLSNHSSDIEVGHSMNLTNHFLVAMPSMKDPYFKRSVIYICEHNQDGAMGLMINAPIDITVGGMLKQVDIEPAYPQSHQ
ENLKKPVFNGGPVSEDRGFILHRPRDHYESSMKMTDDIAVTTSKDILTVLGTEAEPEGYIVALGYSGWSAGQLEVELTEN
SWLTIEADPELIFNTPVHEKWQKAIQKLGISPAQLSSDAGHEGGSHHHHHH
;
_entity_poly.pdbx_strand_id                 A 
_entity_poly.pdbx_target_identifier         NYSGXRC-T1503 
# 
_pdbx_entity_nonpoly.entity_id   2 
_pdbx_entity_nonpoly.name        water 
_pdbx_entity_nonpoly.comp_id     HOH 
# 
loop_
_entity_poly_seq.entity_id 
_entity_poly_seq.num 
_entity_poly_seq.mon_id 
_entity_poly_seq.hetero 
1 1   MET n 
1 2   SER n 
1 3   LEU n 
1 4   SER n 
1 5   ASN n 
1 6   HIS n 
1 7   SER n 
1 8   SER n 
1 9   ASP n 
1 10  ILE n 
1 11  GLU n 
1 12  VAL n 
1 13  GLY n 
1 14  HIS n 
1 15  SER n 
1 16  MET n 
1 17  ASN n 
1 18  LEU n 
1 19  THR n 
1 20  ASN n 
1 21  HIS n 
1 22  PHE n 
1 23  LEU n 
1 24  VAL n 
1 25  ALA n 
1 26  MET n 
1 27  PRO n 
1 28  SER n 
1 29  MET n 
1 30  LYS n 
1 31  ASP n 
1 32  PRO n 
1 33  TYR n 
1 34  PHE n 
1 35  LYS n 
1 36  ARG n 
1 37  SER n 
1 38  VAL n 
1 39  ILE n 
1 40  TYR n 
1 41  ILE n 
1 42  CYS n 
1 43  GLU n 
1 44  HIS n 
1 45  ASN n 
1 46  GLN n 
1 47  ASP n 
1 48  GLY n 
1 49  ALA n 
1 50  MET n 
1 51  GLY n 
1 52  LEU n 
1 53  MET n 
1 54  ILE n 
1 55  ASN n 
1 56  ALA n 
1 57  PRO n 
1 58  ILE n 
1 59  ASP n 
1 60  ILE n 
1 61  THR n 
1 62  VAL n 
1 63  GLY n 
1 64  GLY n 
1 65  MET n 
1 66  LEU n 
1 67  LYS n 
1 68  GLN n 
1 69  VAL n 
1 70  ASP n 
1 71  ILE n 
1 72  GLU n 
1 73  PRO n 
1 74  ALA n 
1 75  TYR n 
1 76  PRO n 
1 77  GLN n 
1 78  SER n 
1 79  HIS n 
1 80  GLN n 
1 81  GLU n 
1 82  ASN n 
1 83  LEU n 
1 84  LYS n 
1 85  LYS n 
1 86  PRO n 
1 87  VAL n 
1 88  PHE n 
1 89  ASN n 
1 90  GLY n 
1 91  GLY n 
1 92  PRO n 
1 93  VAL n 
1 94  SER n 
1 95  GLU n 
1 96  ASP n 
1 97  ARG n 
1 98  GLY n 
1 99  PHE n 
1 100 ILE n 
1 101 LEU n 
1 102 HIS n 
1 103 ARG n 
1 104 PRO n 
1 105 ARG n 
1 106 ASP n 
1 107 HIS n 
1 108 TYR n 
1 109 GLU n 
1 110 SER n 
1 111 SER n 
1 112 MET n 
1 113 LYS n 
1 114 MET n 
1 115 THR n 
1 116 ASP n 
1 117 ASP n 
1 118 ILE n 
1 119 ALA n 
1 120 VAL n 
1 121 THR n 
1 122 THR n 
1 123 SER n 
1 124 LYS n 
1 125 ASP n 
1 126 ILE n 
1 127 LEU n 
1 128 THR n 
1 129 VAL n 
1 130 LEU n 
1 131 GLY n 
1 132 THR n 
1 133 GLU n 
1 134 ALA n 
1 135 GLU n 
1 136 PRO n 
1 137 GLU n 
1 138 GLY n 
1 139 TYR n 
1 140 ILE n 
1 141 VAL n 
1 142 ALA n 
1 143 LEU n 
1 144 GLY n 
1 145 TYR n 
1 146 SER n 
1 147 GLY n 
1 148 TRP n 
1 149 SER n 
1 150 ALA n 
1 151 GLY n 
1 152 GLN n 
1 153 LEU n 
1 154 GLU n 
1 155 VAL n 
1 156 GLU n 
1 157 LEU n 
1 158 THR n 
1 159 GLU n 
1 160 ASN n 
1 161 SER n 
1 162 TRP n 
1 163 LEU n 
1 164 THR n 
1 165 ILE n 
1 166 GLU n 
1 167 ALA n 
1 168 ASP n 
1 169 PRO n 
1 170 GLU n 
1 171 LEU n 
1 172 ILE n 
1 173 PHE n 
1 174 ASN n 
1 175 THR n 
1 176 PRO n 
1 177 VAL n 
1 178 HIS n 
1 179 GLU n 
1 180 LYS n 
1 181 TRP n 
1 182 GLN n 
1 183 LYS n 
1 184 ALA n 
1 185 ILE n 
1 186 GLN n 
1 187 LYS n 
1 188 LEU n 
1 189 GLY n 
1 190 ILE n 
1 191 SER n 
1 192 PRO n 
1 193 ALA n 
1 194 GLN n 
1 195 LEU n 
1 196 SER n 
1 197 SER n 
1 198 ASP n 
1 199 ALA n 
1 200 GLY n 
1 201 HIS n 
1 202 GLU n 
1 203 GLY n 
1 204 GLY n 
1 205 SER n 
1 206 HIS n 
1 207 HIS n 
1 208 HIS n 
1 209 HIS n 
1 210 HIS n 
1 211 HIS n 
# 
_entity_src_gen.entity_id                          1 
_entity_src_gen.pdbx_src_id                        1 
_entity_src_gen.pdbx_alt_source_flag               sample 
_entity_src_gen.pdbx_seq_type                      ? 
_entity_src_gen.pdbx_beg_seq_num                   ? 
_entity_src_gen.pdbx_end_seq_num                   ? 
_entity_src_gen.gene_src_common_name               ? 
_entity_src_gen.gene_src_genus                     Vibrio 
_entity_src_gen.pdbx_gene_src_gene                 ? 
_entity_src_gen.gene_src_species                   ? 
_entity_src_gen.gene_src_strain                    ? 
_entity_src_gen.gene_src_tissue                    ? 
_entity_src_gen.gene_src_tissue_fraction           ? 
_entity_src_gen.gene_src_details                   ? 
_entity_src_gen.pdbx_gene_src_fragment             ? 
_entity_src_gen.pdbx_gene_src_scientific_name      'Vibrio cholerae' 
_entity_src_gen.pdbx_gene_src_ncbi_taxonomy_id     666 
_entity_src_gen.pdbx_gene_src_variant              ? 
_entity_src_gen.pdbx_gene_src_cell_line            ? 
_entity_src_gen.pdbx_gene_src_atcc                 ? 
_entity_src_gen.pdbx_gene_src_organ                ? 
_entity_src_gen.pdbx_gene_src_organelle            ? 
_entity_src_gen.pdbx_gene_src_cell                 ? 
_entity_src_gen.pdbx_gene_src_cellular_location    ? 
_entity_src_gen.host_org_common_name               ? 
_entity_src_gen.pdbx_host_org_scientific_name      'Escherichia coli' 
_entity_src_gen.pdbx_host_org_ncbi_taxonomy_id     562 
_entity_src_gen.host_org_genus                     Escherichia 
_entity_src_gen.pdbx_host_org_gene                 ? 
_entity_src_gen.pdbx_host_org_organ                ? 
_entity_src_gen.host_org_species                   ? 
_entity_src_gen.pdbx_host_org_tissue               ? 
_entity_src_gen.pdbx_host_org_tissue_fraction      ? 
_entity_src_gen.pdbx_host_org_strain               ? 
_entity_src_gen.pdbx_host_org_variant              ? 
_entity_src_gen.pdbx_host_org_cell_line            ? 
_entity_src_gen.pdbx_host_org_atcc                 ? 
_entity_src_gen.pdbx_host_org_culture_collection   ? 
_entity_src_gen.pdbx_host_org_cell                 ? 
_entity_src_gen.pdbx_host_org_organelle            ? 
_entity_src_gen.pdbx_host_org_cellular_location    ? 
_entity_src_gen.pdbx_host_org_vector_type          ? 
_entity_src_gen.pdbx_host_org_vector               ? 
_entity_src_gen.host_org_details                   ? 
_entity_src_gen.expression_system_id               ? 
_entity_src_gen.plasmid_name                       ? 
_entity_src_gen.plasmid_details                    ? 
_entity_src_gen.pdbx_description                   ? 
# 
loop_
_chem_comp.id 
_chem_comp.type 
_chem_comp.mon_nstd_flag 
_chem_comp.name 
_chem_comp.pdbx_synonyms 
_chem_comp.formula 
_chem_comp.formula_weight 
ALA 'L-peptide linking' y ALANINE         ? 'C3 H7 N O2'     89.093  
ARG 'L-peptide linking' y ARGININE        ? 'C6 H15 N4 O2 1' 175.209 
ASN 'L-peptide linking' y ASPARAGINE      ? 'C4 H8 N2 O3'    132.118 
ASP 'L-peptide linking' y 'ASPARTIC ACID' ? 'C4 H7 N O4'     133.103 
CYS 'L-peptide linking' y CYSTEINE        ? 'C3 H7 N O2 S'   121.158 
GLN 'L-peptide linking' y GLUTAMINE       ? 'C5 H10 N2 O3'   146.144 
GLU 'L-peptide linking' y 'GLUTAMIC ACID' ? 'C5 H9 N O4'     147.129 
GLY 'peptide linking'   y GLYCINE         ? 'C2 H5 N O2'     75.067  
HIS 'L-peptide linking' y HISTIDINE       ? 'C6 H10 N3 O2 1' 156.162 
HOH non-polymer         . WATER           ? 'H2 O'           18.015  
ILE 'L-peptide linking' y ISOLEUCINE      ? 'C6 H13 N O2'    131.173 
LEU 'L-peptide linking' y LEUCINE         ? 'C6 H13 N O2'    131.173 
LYS 'L-peptide linking' y LYSINE          ? 'C6 H15 N2 O2 1' 147.195 
MET 'L-peptide linking' y METHIONINE      ? 'C5 H11 N O2 S'  149.211 
PHE 'L-peptide linking' y PHENYLALANINE   ? 'C9 H11 N O2'    165.189 
PRO 'L-peptide linking' y PROLINE         ? 'C5 H9 N O2'     115.130 
SER 'L-peptide linking' y SERINE          ? 'C3 H7 N O3'     105.093 
THR 'L-peptide linking' y THREONINE       ? 'C4 H9 N O3'     119.119 
TRP 'L-peptide linking' y TRYPTOPHAN      ? 'C11 H12 N2 O2'  204.225 
TYR 'L-peptide linking' y TYROSINE        ? 'C9 H11 N O3'    181.189 
VAL 'L-peptide linking' y VALINE          ? 'C5 H11 N O2'    117.146 
# 
loop_
_pdbx_poly_seq_scheme.asym_id 
_pdbx_poly_seq_scheme.entity_id 
_pdbx_poly_seq_scheme.seq_id 
_pdbx_poly_seq_scheme.mon_id 
_pdbx_poly_seq_scheme.ndb_seq_num 
_pdbx_poly_seq_scheme.pdb_seq_num 
_pdbx_poly_seq_scheme.auth_seq_num 
_pdbx_poly_seq_scheme.pdb_mon_id 
_pdbx_poly_seq_scheme.auth_mon_id 
_pdbx_poly_seq_scheme.pdb_strand_id 
_pdbx_poly_seq_scheme.pdb_ins_code 
_pdbx_poly_seq_scheme.hetero 
A 1 1   MET 1   1   ?   ?   ?   A . n 
A 1 2   SER 2   2   ?   ?   ?   A . n 
A 1 3   LEU 3   3   ?   ?   ?   A . n 
A 1 4   SER 4   4   ?   ?   ?   A . n 
A 1 5   ASN 5   5   ?   ?   ?   A . n 
A 1 6   HIS 6   6   ?   ?   ?   A . n 
A 1 7   SER 7   7   ?   ?   ?   A . n 
A 1 8   SER 8   8   8   SER SER A . n 
A 1 9   ASP 9   9   9   ASP ASP A . n 
A 1 10  ILE 10  10  10  ILE ILE A . n 
A 1 11  GLU 11  11  11  GLU GLU A . n 
A 1 12  VAL 12  12  12  VAL VAL A . n 
A 1 13  GLY 13  13  13  GLY GLY A . n 
A 1 14  HIS 14  14  14  HIS HIS A . n 
A 1 15  SER 15  15  15  SER SER A . n 
A 1 16  MET 16  16  16  MET MET A . n 
A 1 17  ASN 17  17  17  ASN ASN A . n 
A 1 18  LEU 18  18  18  LEU LEU A . n 
A 1 19  THR 19  19  19  THR THR A . n 
A 1 20  ASN 20  20  20  ASN ASN A . n 
A 1 21  HIS 21  21  21  HIS HIS A . n 
A 1 22  PHE 22  22  22  PHE PHE A . n 
A 1 23  LEU 23  23  23  LEU LEU A . n 
A 1 24  VAL 24  24  24  VAL VAL A . n 
A 1 25  ALA 25  25  25  ALA ALA A . n 
A 1 26  MET 26  26  26  MET MET A . n 
A 1 27  PRO 27  27  27  PRO PRO A . n 
A 1 28  SER 28  28  28  SER SER A . n 
A 1 29  MET 29  29  29  MET MET A . n 
A 1 30  LYS 30  30  30  LYS ALA A . n 
A 1 31  ASP 31  31  31  ASP ASP A . n 
A 1 32  PRO 32  32  32  PRO PRO A . n 
A 1 33  TYR 33  33  33  TYR TYR A . n 
A 1 34  PHE 34  34  34  PHE PHE A . n 
A 1 35  LYS 35  35  35  LYS ALA A . n 
A 1 36  ARG 36  36  36  ARG ARG A . n 
A 1 37  SER 37  37  37  SER SER A . n 
A 1 38  VAL 38  38  38  VAL VAL A . n 
A 1 39  ILE 39  39  39  ILE ILE A . n 
A 1 40  TYR 40  40  40  TYR TYR A . n 
A 1 41  ILE 41  41  41  ILE ILE A . n 
A 1 42  CYS 42  42  42  CYS CYS A . n 
A 1 43  GLU 43  43  43  GLU GLU A . n 
A 1 44  HIS 44  44  44  HIS HIS A . n 
A 1 45  ASN 45  45  45  ASN ASN A . n 
A 1 46  GLN 46  46  46  GLN ALA A . n 
A 1 47  ASP 47  47  47  ASP ASP A . n 
A 1 48  GLY 48  48  48  GLY GLY A . n 
A 1 49  ALA 49  49  49  ALA ALA A . n 
A 1 50  MET 50  50  50  MET MET A . n 
A 1 51  GLY 51  51  51  GLY GLY A . n 
A 1 52  LEU 52  52  52  LEU LEU A . n 
A 1 53  MET 53  53  53  MET MET A . n 
A 1 54  ILE 54  54  54  ILE ILE A . n 
A 1 55  ASN 55  55  55  ASN ASN A . n 
A 1 56  ALA 56  56  56  ALA ALA A . n 
A 1 57  PRO 57  57  57  PRO PRO A . n 
A 1 58  ILE 58  58  58  ILE ILE A . n 
A 1 59  ASP 59  59  59  ASP ASP A . n 
A 1 60  ILE 60  60  60  ILE ILE A . n 
A 1 61  THR 61  61  61  THR THR A . n 
A 1 62  VAL 62  62  62  VAL VAL A . n 
A 1 63  GLY 63  63  63  GLY GLY A . n 
A 1 64  GLY 64  64  64  GLY GLY A . n 
A 1 65  MET 65  65  65  MET MET A . n 
A 1 66  LEU 66  66  66  LEU LEU A . n 
A 1 67  LYS 67  67  67  LYS LYS A . n 
A 1 68  GLN 68  68  68  GLN GLN A . n 
A 1 69  VAL 69  69  69  VAL VAL A . n 
A 1 70  ASP 70  70  70  ASP ASP A . n 
A 1 71  ILE 71  71  71  ILE ILE A . n 
A 1 72  GLU 72  72  72  GLU GLU A . n 
A 1 73  PRO 73  73  73  PRO PRO A . n 
A 1 74  ALA 74  74  74  ALA ALA A . n 
A 1 75  TYR 75  75  75  TYR TYR A . n 
A 1 76  PRO 76  76  76  PRO PRO A . n 
A 1 77  GLN 77  77  77  GLN GLN A . n 
A 1 78  SER 78  78  78  SER SER A . n 
A 1 79  HIS 79  79  79  HIS HIS A . n 
A 1 80  GLN 80  80  80  GLN GLN A . n 
A 1 81  GLU 81  81  81  GLU GLU A . n 
A 1 82  ASN 82  82  82  ASN ASN A . n 
A 1 83  LEU 83  83  83  LEU LEU A . n 
A 1 84  LYS 84  84  84  LYS LYS A . n 
A 1 85  LYS 85  85  85  LYS LYS A . n 
A 1 86  PRO 86  86  86  PRO PRO A . n 
A 1 87  VAL 87  87  87  VAL VAL A . n 
A 1 88  PHE 88  88  88  PHE PHE A . n 
A 1 89  ASN 89  89  89  ASN ASN A . n 
A 1 90  GLY 90  90  90  GLY GLY A . n 
A 1 91  GLY 91  91  91  GLY GLY A . n 
A 1 92  PRO 92  92  92  PRO PRO A . n 
A 1 93  VAL 93  93  93  VAL VAL A . n 
A 1 94  SER 94  94  94  SER SER A . n 
A 1 95  GLU 95  95  95  GLU GLU A . n 
A 1 96  ASP 96  96  96  ASP ASP A . n 
A 1 97  ARG 97  97  97  ARG ARG A . n 
A 1 98  GLY 98  98  98  GLY GLY A . n 
A 1 99  PHE 99  99  99  PHE PHE A . n 
A 1 100 ILE 100 100 100 ILE ILE A . n 
A 1 101 LEU 101 101 101 LEU LEU A . n 
A 1 102 HIS 102 102 102 HIS HIS A . n 
A 1 103 ARG 103 103 103 ARG ARG A . n 
A 1 104 PRO 104 104 104 PRO PRO A . n 
A 1 105 ARG 105 105 105 ARG ARG A . n 
A 1 106 ASP 106 106 106 ASP ASP A . n 
A 1 107 HIS 107 107 107 HIS HIS A . n 
A 1 108 TYR 108 108 108 TYR TYR A . n 
A 1 109 GLU 109 109 109 GLU GLU A . n 
A 1 110 SER 110 110 110 SER SER A . n 
A 1 111 SER 111 111 111 SER SER A . n 
A 1 112 MET 112 112 112 MET MET A . n 
A 1 113 LYS 113 113 113 LYS LYS A . n 
A 1 114 MET 114 114 114 MET MET A . n 
A 1 115 THR 115 115 115 THR THR A . n 
A 1 116 ASP 116 116 116 ASP ASP A . n 
A 1 117 ASP 117 117 117 ASP ASP A . n 
A 1 118 ILE 118 118 118 ILE ILE A . n 
A 1 119 ALA 119 119 119 ALA ALA A . n 
A 1 120 VAL 120 120 120 VAL VAL A . n 
A 1 121 THR 121 121 121 THR THR A . n 
A 1 122 THR 122 122 122 THR THR A . n 
A 1 123 SER 123 123 123 SER SER A . n 
A 1 124 LYS 124 124 124 LYS LYS A . n 
A 1 125 ASP 125 125 125 ASP ASP A . n 
A 1 126 ILE 126 126 126 ILE ILE A . n 
A 1 127 LEU 127 127 127 LEU LEU A . n 
A 1 128 THR 128 128 128 THR THR A . n 
A 1 129 VAL 129 129 129 VAL VAL A . n 
A 1 130 LEU 130 130 130 LEU LEU A . n 
A 1 131 GLY 131 131 131 GLY GLY A . n 
A 1 132 THR 132 132 132 THR THR A . n 
A 1 133 GLU 133 133 133 GLU GLU A . n 
A 1 134 ALA 134 134 134 ALA ALA A . n 
A 1 135 GLU 135 135 135 GLU GLU A . n 
A 1 136 PRO 136 136 136 PRO PRO A . n 
A 1 137 GLU 137 137 137 GLU GLU A . n 
A 1 138 GLY 138 138 138 GLY GLY A . n 
A 1 139 TYR 139 139 139 TYR TYR A . n 
A 1 140 ILE 140 140 140 ILE ILE A . n 
A 1 141 VAL 141 141 141 VAL VAL A . n 
A 1 142 ALA 142 142 142 ALA ALA A . n 
A 1 143 LEU 143 143 143 LEU LEU A . n 
A 1 144 GLY 144 144 144 GLY GLY A . n 
A 1 145 TYR 145 145 145 TYR TYR A . n 
A 1 146 SER 146 146 146 SER SER A . n 
A 1 147 GLY 147 147 147 GLY GLY A . n 
A 1 148 TRP 148 148 148 TRP TRP A . n 
A 1 149 SER 149 149 149 SER SER A . n 
A 1 150 ALA 150 150 150 ALA ALA A . n 
A 1 151 GLY 151 151 151 GLY GLY A . n 
A 1 152 GLN 152 152 152 GLN ALA A . n 
A 1 153 LEU 153 153 153 LEU LEU A . n 
A 1 154 GLU 154 154 154 GLU GLU A . n 
A 1 155 VAL 155 155 155 VAL VAL A . n 
A 1 156 GLU 156 156 156 GLU GLU A . n 
A 1 157 LEU 157 157 157 LEU LEU A . n 
A 1 158 THR 158 158 158 THR THR A . n 
A 1 159 GLU 159 159 159 GLU GLU A . n 
A 1 160 ASN 160 160 160 ASN ASN A . n 
A 1 161 SER 161 161 161 SER SER A . n 
A 1 162 TRP 162 162 162 TRP TRP A . n 
A 1 163 LEU 163 163 163 LEU LEU A . n 
A 1 164 THR 164 164 164 THR THR A . n 
A 1 165 ILE 165 165 165 ILE ALA A . n 
A 1 166 GLU 166 166 166 GLU ALA A . n 
A 1 167 ALA 167 167 167 ALA ALA A . n 
A 1 168 ASP 168 168 168 ASP ASP A . n 
A 1 169 PRO 169 169 169 PRO PRO A . n 
A 1 170 GLU 170 170 170 GLU GLU A . n 
A 1 171 LEU 171 171 171 LEU LEU A . n 
A 1 172 ILE 172 172 172 ILE ILE A . n 
A 1 173 PHE 173 173 173 PHE PHE A . n 
A 1 174 ASN 174 174 174 ASN ASN A . n 
A 1 175 THR 175 175 175 THR THR A . n 
A 1 176 PRO 176 176 176 PRO PRO A . n 
A 1 177 VAL 177 177 177 VAL VAL A . n 
A 1 178 HIS 178 178 178 HIS HIS A . n 
A 1 179 GLU 179 179 179 GLU GLU A . n 
A 1 180 LYS 180 180 180 LYS LYS A . n 
A 1 181 TRP 181 181 181 TRP TRP A . n 
A 1 182 GLN 182 182 182 GLN GLN A . n 
A 1 183 LYS 183 183 183 LYS LYS A . n 
A 1 184 ALA 184 184 184 ALA ALA A . n 
A 1 185 ILE 185 185 185 ILE ILE A . n 
A 1 186 GLN 186 186 186 GLN GLN A . n 
A 1 187 LYS 187 187 187 LYS LYS A . n 
A 1 188 LEU 188 188 188 LEU LEU A . n 
A 1 189 GLY 189 189 189 GLY GLY A . n 
A 1 190 ILE 190 190 190 ILE ILE A . n 
A 1 191 SER 191 191 191 SER SER A . n 
A 1 192 PRO 192 192 192 PRO PRO A . n 
A 1 193 ALA 193 193 ?   ?   ?   A . n 
A 1 194 GLN 194 194 ?   ?   ?   A . n 
A 1 195 LEU 195 195 ?   ?   ?   A . n 
A 1 196 SER 196 196 ?   ?   ?   A . n 
A 1 197 SER 197 197 ?   ?   ?   A . n 
A 1 198 ASP 198 198 ?   ?   ?   A . n 
A 1 199 ALA 199 199 ?   ?   ?   A . n 
A 1 200 GLY 200 200 ?   ?   ?   A . n 
A 1 201 HIS 201 201 ?   ?   ?   A . n 
A 1 202 GLU 202 202 ?   ?   ?   A . n 
A 1 203 GLY 203 203 ?   ?   ?   A . n 
A 1 204 GLY 204 204 ?   ?   ?   A . n 
A 1 205 SER 205 205 ?   ?   ?   A . n 
A 1 206 HIS 206 206 ?   ?   ?   A . n 
A 1 207 HIS 207 207 ?   ?   ?   A . n 
A 1 208 HIS 208 208 ?   ?   ?   A . n 
A 1 209 HIS 209 209 ?   ?   ?   A . n 
A 1 210 HIS 210 210 ?   ?   ?   A . n 
A 1 211 HIS 211 211 ?   ?   ?   A . n 
# 
loop_
_pdbx_nonpoly_scheme.asym_id 
_pdbx_nonpoly_scheme.entity_id 
_pdbx_nonpoly_scheme.mon_id 
_pdbx_nonpoly_scheme.ndb_seq_num 
_pdbx_nonpoly_scheme.pdb_seq_num 
_pdbx_nonpoly_scheme.auth_seq_num 
_pdbx_nonpoly_scheme.pdb_mon_id 
_pdbx_nonpoly_scheme.auth_mon_id 
_pdbx_nonpoly_scheme.pdb_strand_id 
_pdbx_nonpoly_scheme.pdb_ins_code 
B 2 HOH 1  212 1  HOH TIP A . 
B 2 HOH 2  213 2  HOH TIP A . 
B 2 HOH 3  214 3  HOH TIP A . 
B 2 HOH 4  215 4  HOH TIP A . 
B 2 HOH 5  216 5  HOH TIP A . 
B 2 HOH 6  217 6  HOH TIP A . 
B 2 HOH 7  218 7  HOH TIP A . 
B 2 HOH 8  219 8  HOH TIP A . 
B 2 HOH 9  220 9  HOH TIP A . 
B 2 HOH 10 221 10 HOH TIP A . 
B 2 HOH 11 222 11 HOH TIP A . 
B 2 HOH 12 223 12 HOH TIP A . 
B 2 HOH 13 224 13 HOH TIP A . 
B 2 HOH 14 225 14 HOH TIP A . 
B 2 HOH 15 226 15 HOH TIP A . 
B 2 HOH 16 227 16 HOH TIP A . 
B 2 HOH 17 228 17 HOH TIP A . 
B 2 HOH 18 229 18 HOH TIP A . 
B 2 HOH 19 230 19 HOH TIP A . 
B 2 HOH 20 231 20 HOH TIP A . 
B 2 HOH 21 232 21 HOH TIP A . 
# 
loop_
_pdbx_unobs_or_zero_occ_atoms.id 
_pdbx_unobs_or_zero_occ_atoms.PDB_model_num 
_pdbx_unobs_or_zero_occ_atoms.polymer_flag 
_pdbx_unobs_or_zero_occ_atoms.occupancy_flag 
_pdbx_unobs_or_zero_occ_atoms.auth_asym_id 
_pdbx_unobs_or_zero_occ_atoms.auth_comp_id 
_pdbx_unobs_or_zero_occ_atoms.auth_seq_id 
_pdbx_unobs_or_zero_occ_atoms.PDB_ins_code 
_pdbx_unobs_or_zero_occ_atoms.auth_atom_id 
_pdbx_unobs_or_zero_occ_atoms.label_alt_id 
_pdbx_unobs_or_zero_occ_atoms.label_asym_id 
_pdbx_unobs_or_zero_occ_atoms.label_comp_id 
_pdbx_unobs_or_zero_occ_atoms.label_seq_id 
_pdbx_unobs_or_zero_occ_atoms.label_atom_id 
1  1 Y 1 A LYS 30  ? CG  ? A LYS 30  CG  
2  1 Y 1 A LYS 30  ? CD  ? A LYS 30  CD  
3  1 Y 1 A LYS 30  ? CE  ? A LYS 30  CE  
4  1 Y 1 A LYS 30  ? NZ  ? A LYS 30  NZ  
5  1 Y 1 A LYS 35  ? CG  ? A LYS 35  CG  
6  1 Y 1 A LYS 35  ? CD  ? A LYS 35  CD  
7  1 Y 1 A LYS 35  ? CE  ? A LYS 35  CE  
8  1 Y 1 A LYS 35  ? NZ  ? A LYS 35  NZ  
9  1 Y 1 A GLN 46  ? CG  ? A GLN 46  CG  
10 1 Y 1 A GLN 46  ? CD  ? A GLN 46  CD  
11 1 Y 1 A GLN 46  ? OE1 ? A GLN 46  OE1 
12 1 Y 1 A GLN 46  ? NE2 ? A GLN 46  NE2 
13 1 Y 1 A GLN 152 ? CG  ? A GLN 152 CG  
14 1 Y 1 A GLN 152 ? CD  ? A GLN 152 CD  
15 1 Y 1 A GLN 152 ? OE1 ? A GLN 152 OE1 
16 1 Y 1 A GLN 152 ? NE2 ? A GLN 152 NE2 
17 1 Y 1 A ILE 165 ? CG1 ? A ILE 165 CG1 
18 1 Y 1 A ILE 165 ? CG2 ? A ILE 165 CG2 
19 1 Y 1 A ILE 165 ? CD1 ? A ILE 165 CD1 
20 1 Y 1 A GLU 166 ? CG  ? A GLU 166 CG  
21 1 Y 1 A GLU 166 ? CD  ? A GLU 166 CD  
22 1 Y 1 A GLU 166 ? OE1 ? A GLU 166 OE1 
23 1 Y 1 A GLU 166 ? OE2 ? A GLU 166 OE2 
# 
loop_
_software.name 
_software.classification 
_software.version 
_software.citation_id 
_software.pdbx_ordinal 
CNS      refinement        1.1 ? 1 
CBASS    'data collection' .   ? 2 
HKL-2000 'data scaling'    .   ? 3 
SOLVE    phasing           .   ? 4 
SHARP    phasing           .   ? 5 
# 
_cell.entry_id           2HAF 
_cell.length_a           59.36 
_cell.length_b           59.36 
_cell.length_c           236.74 
_cell.angle_alpha        90.00 
_cell.angle_beta         90.00 
_cell.angle_gamma        120.00 
_cell.Z_PDB              12 
_cell.pdbx_unique_axis   ? 
_cell.length_a_esd       ? 
_cell.length_b_esd       ? 
_cell.length_c_esd       ? 
_cell.angle_alpha_esd    ? 
_cell.angle_beta_esd     ? 
_cell.angle_gamma_esd    ? 
# 
_symmetry.entry_id                         2HAF 
_symmetry.space_group_name_H-M             'P 61 2 2' 
_symmetry.pdbx_full_space_group_name_H-M   ? 
_symmetry.cell_setting                     ? 
_symmetry.Int_Tables_number                178 
_symmetry.space_group_name_Hall            ? 
# 
_exptl.entry_id          2HAF 
_exptl.method            'X-RAY DIFFRACTION' 
_exptl.crystals_number   2 
# 
_exptl_crystal.id                    1 
_exptl_crystal.density_meas          ? 
_exptl_crystal.density_Matthews      2.57 
_exptl_crystal.density_percent_sol   52.13 
_exptl_crystal.description           ? 
_exptl_crystal.F_000                 ? 
_exptl_crystal.preparation           ? 
# 
_exptl_crystal_grow.crystal_id      1 
_exptl_crystal_grow.method          'VAPOR DIFFUSION, SITTING DROP' 
_exptl_crystal_grow.temp            293 
_exptl_crystal_grow.temp_details    ? 
_exptl_crystal_grow.pH              7.5 
_exptl_crystal_grow.pdbx_details    
'0.1 M HEPES, 1.4 M tri-sodium citrate, pH 7.5, VAPOR DIFFUSION, SITTING DROP, temperature 293K' 
_exptl_crystal_grow.pdbx_pH_range   . 
# 
loop_
_diffrn.id 
_diffrn.ambient_temp 
_diffrn.ambient_temp_details 
_diffrn.crystal_id 
1 100 ? 1 
2 100 ? 1 
# 
loop_
_diffrn_detector.diffrn_id 
_diffrn_detector.detector 
_diffrn_detector.type 
_diffrn_detector.pdbx_collection_date 
_diffrn_detector.details 
1 CCD 'ADSC QUANTUM 315' 2006-06-02 mirrors 
2 CCD 'ADSC QUANTUM 315' 2006-06-02 mirrors 
# 
loop_
_diffrn_radiation.diffrn_id 
_diffrn_radiation.wavelength_id 
_diffrn_radiation.pdbx_monochromatic_or_laue_m_l 
_diffrn_radiation.monochromator 
_diffrn_radiation.pdbx_diffrn_protocol 
_diffrn_radiation.pdbx_scattering_type 
1 1 M 'Si 111 CHANNEL' 'SINGLE WAVELENGTH' x-ray 
2 2 M 'Si 111 CHANNEL' 'SINGLE WAVELENGTH' x-ray 
# 
loop_
_diffrn_radiation_wavelength.id 
_diffrn_radiation_wavelength.wavelength 
_diffrn_radiation_wavelength.wt 
1 0.979 1.0 
2 1.1   1.0 
# 
loop_
_diffrn_source.diffrn_id 
_diffrn_source.source 
_diffrn_source.type 
_diffrn_source.pdbx_synchrotron_site 
_diffrn_source.pdbx_synchrotron_beamline 
_diffrn_source.pdbx_wavelength 
_diffrn_source.pdbx_wavelength_list 
1 SYNCHROTRON 'NSLS BEAMLINE X25'  NSLS X25  ? 0.979 
2 SYNCHROTRON 'NSLS BEAMLINE X29A' NSLS X29A ? 1.1   
# 
_reflns.entry_id                     2HAF 
_reflns.observed_criterion_sigma_I   0 
_reflns.observed_criterion_sigma_F   0 
_reflns.d_resolution_low             50 
_reflns.d_resolution_high            2.88 
_reflns.number_obs                   6206 
_reflns.number_all                   6206 
_reflns.percent_possible_obs         98.8 
_reflns.pdbx_Rmerge_I_obs            ? 
_reflns.pdbx_Rsym_value              0.09 
_reflns.pdbx_netI_over_sigmaI        16.8 
_reflns.B_iso_Wilson_estimate        ? 
_reflns.pdbx_redundancy              6.1 
_reflns.R_free_details               ? 
_reflns.limit_h_max                  ? 
_reflns.limit_h_min                  ? 
_reflns.limit_k_max                  ? 
_reflns.limit_k_min                  ? 
_reflns.limit_l_max                  ? 
_reflns.limit_l_min                  ? 
_reflns.observed_criterion_F_max     ? 
_reflns.observed_criterion_F_min     ? 
_reflns.pdbx_chi_squared             ? 
_reflns.pdbx_scaling_rejects         ? 
_reflns.pdbx_diffrn_id               1,2 
_reflns.pdbx_ordinal                 1 
# 
_reflns_shell.d_res_high             2.88 
_reflns_shell.d_res_low              2.98 
_reflns_shell.percent_possible_all   98.5 
_reflns_shell.Rmerge_I_obs           ? 
_reflns_shell.pdbx_Rsym_value        0.214 
_reflns_shell.meanI_over_sigI_obs    ? 
_reflns_shell.pdbx_redundancy        5.7 
_reflns_shell.percent_possible_obs   ? 
_reflns_shell.number_unique_all      6291 
_reflns_shell.number_measured_all    ? 
_reflns_shell.number_measured_obs    ? 
_reflns_shell.number_unique_obs      ? 
_reflns_shell.pdbx_chi_squared       ? 
_reflns_shell.pdbx_diffrn_id         ? 
_reflns_shell.pdbx_ordinal           1 
# 
_refine.entry_id                                 2HAF 
_refine.ls_number_reflns_obs                     5995 
_refine.ls_number_reflns_all                     5995 
_refine.pdbx_ls_sigma_I                          ? 
_refine.pdbx_ls_sigma_F                          0.0 
_refine.pdbx_data_cutoff_high_absF               168985.76 
_refine.pdbx_data_cutoff_low_absF                0.000000 
_refine.pdbx_data_cutoff_high_rms_absF           ? 
_refine.ls_d_res_low                             34.83 
_refine.ls_d_res_high                            2.88 
_refine.ls_percent_reflns_obs                    96.6 
_refine.ls_R_factor_obs                          0.241 
_refine.ls_R_factor_all                          ? 
_refine.ls_R_factor_R_work                       0.241 
_refine.ls_R_factor_R_free                       0.288 
_refine.ls_R_factor_R_free_error                 0.009 
_refine.ls_R_factor_R_free_error_details         ? 
_refine.ls_percent_reflns_R_free                 15.9 
_refine.ls_number_reflns_R_free                  952 
_refine.ls_number_parameters                     ? 
_refine.ls_number_restraints                     ? 
_refine.occupancy_min                            ? 
_refine.occupancy_max                            ? 
_refine.correlation_coeff_Fo_to_Fc               ? 
_refine.correlation_coeff_Fo_to_Fc_free          ? 
_refine.B_iso_mean                               51.2 
_refine.aniso_B[1][1]                            -2.64 
_refine.aniso_B[2][2]                            -2.64 
_refine.aniso_B[3][3]                            5.28 
_refine.aniso_B[1][2]                            9.80 
_refine.aniso_B[1][3]                            0.00 
_refine.aniso_B[2][3]                            0.00 
_refine.solvent_model_details                    'FLAT MODEL' 
_refine.solvent_model_param_ksol                 0.335334 
_refine.solvent_model_param_bsol                 28.5048 
_refine.pdbx_solvent_vdw_probe_radii             ? 
_refine.pdbx_solvent_ion_probe_radii             ? 
_refine.pdbx_solvent_shrinkage_radii             ? 
_refine.pdbx_ls_cross_valid_method               THROUGHOUT 
_refine.details                                  
'Residues listed in remark 465 and atoms listed in remark 470 were not modeled due to lack of electron density.' 
_refine.pdbx_starting_model                      ? 
_refine.pdbx_method_to_determine_struct          MAD 
_refine.pdbx_isotropic_thermal_model             RESTRAINED 
_refine.pdbx_stereochemistry_target_values       'Engh & Huber' 
_refine.pdbx_stereochem_target_val_spec_case     ? 
_refine.pdbx_R_Free_selection_details            RANDOM 
_refine.pdbx_overall_ESU_R                       ? 
_refine.pdbx_overall_ESU_R_Free                  ? 
_refine.overall_SU_ML                            ? 
_refine.overall_SU_B                             ? 
_refine.ls_redundancy_reflns_obs                 ? 
_refine.B_iso_min                                ? 
_refine.B_iso_max                                ? 
_refine.overall_SU_R_Cruickshank_DPI             ? 
_refine.overall_SU_R_free                        ? 
_refine.ls_wR_factor_R_free                      ? 
_refine.ls_wR_factor_R_work                      ? 
_refine.overall_FOM_free_R_set                   ? 
_refine.overall_FOM_work_R_set                   ? 
_refine.pdbx_refine_id                           'X-RAY DIFFRACTION' 
_refine.pdbx_diffrn_id                           1 
_refine.pdbx_TLS_residual_ADP_flag               ? 
_refine.pdbx_overall_phase_error                 ? 
_refine.pdbx_overall_SU_R_free_Cruickshank_DPI   ? 
_refine.pdbx_overall_SU_R_Blow_DPI               ? 
_refine.pdbx_overall_SU_R_free_Blow_DPI          ? 
# 
_refine_analyze.entry_id                        2HAF 
_refine_analyze.Luzzati_coordinate_error_obs    0.37 
_refine_analyze.Luzzati_sigma_a_obs             0.44 
_refine_analyze.Luzzati_d_res_low_obs           5.00 
_refine_analyze.Luzzati_coordinate_error_free   0.47 
_refine_analyze.Luzzati_sigma_a_free            0.56 
_refine_analyze.Luzzati_d_res_low_free          ? 
_refine_analyze.number_disordered_residues      ? 
_refine_analyze.occupancy_sum_hydrogen          ? 
_refine_analyze.occupancy_sum_non_hydrogen      ? 
_refine_analyze.pdbx_Luzzati_d_res_high_obs     ? 
_refine_analyze.pdbx_refine_id                  'X-RAY DIFFRACTION' 
# 
_refine_hist.pdbx_refine_id                   'X-RAY DIFFRACTION' 
_refine_hist.cycle_id                         LAST 
_refine_hist.pdbx_number_atoms_protein        1424 
_refine_hist.pdbx_number_atoms_nucleic_acid   0 
_refine_hist.pdbx_number_atoms_ligand         0 
_refine_hist.number_atoms_solvent             21 
_refine_hist.number_atoms_total               1445 
_refine_hist.d_res_high                       2.88 
_refine_hist.d_res_low                        34.83 
# 
loop_
_refine_ls_restr.type 
_refine_ls_restr.dev_ideal 
_refine_ls_restr.dev_ideal_target 
_refine_ls_restr.weight 
_refine_ls_restr.number 
_refine_ls_restr.pdbx_refine_id 
_refine_ls_restr.pdbx_restraint_function 
c_bond_d           0.008 ? ? ? 'X-RAY DIFFRACTION' ? 
c_angle_deg        1.4   ? ? ? 'X-RAY DIFFRACTION' ? 
c_dihedral_angle_d 25.4  ? ? ? 'X-RAY DIFFRACTION' ? 
c_improper_angle_d 0.84  ? ? ? 'X-RAY DIFFRACTION' ? 
# 
_refine_ls_shell.pdbx_total_number_of_bins_used   6 
_refine_ls_shell.d_res_high                       2.88 
_refine_ls_shell.d_res_low                        3.06 
_refine_ls_shell.number_reflns_R_work             765 
_refine_ls_shell.R_factor_R_work                  0.338 
_refine_ls_shell.percent_reflns_obs               93.1 
_refine_ls_shell.R_factor_R_free                  0.401 
_refine_ls_shell.R_factor_R_free_error            0.032 
_refine_ls_shell.percent_reflns_R_free            16.8 
_refine_ls_shell.number_reflns_R_free             155 
_refine_ls_shell.number_reflns_all                ? 
_refine_ls_shell.R_factor_all                     ? 
_refine_ls_shell.number_reflns_obs                ? 
_refine_ls_shell.redundancy_reflns_obs            ? 
_refine_ls_shell.pdbx_refine_id                   'X-RAY DIFFRACTION' 
# 
loop_
_pdbx_xplor_file.serial_no 
_pdbx_xplor_file.param_file 
_pdbx_xplor_file.topol_file 
_pdbx_xplor_file.pdbx_refine_id 
1 protein_rep.param  protein.top      'X-RAY DIFFRACTION' 
2 carbohydrate.param carbohydrate.top 'X-RAY DIFFRACTION' 
3 water_rep.param    water.top        'X-RAY DIFFRACTION' 
4 ion.param          ion.top          'X-RAY DIFFRACTION' 
# 
_struct.entry_id                  2HAF 
_struct.title                     'Crystal structure of a putative translation repressor from Vibrio cholerae' 
_struct.pdbx_model_details        ? 
_struct.pdbx_CASP_flag            ? 
_struct.pdbx_model_type_details   ? 
# 
_struct_keywords.entry_id        2HAF 
_struct_keywords.pdbx_keywords   'TRANSLATION REPRESSOR' 
_struct_keywords.text            
;alpha/beta, Translation repressor, Structural Genomics, PSI, Protein Structure Initiative, New York SGX Research Center for Structural Genomics, NYSGXRC
;
# 
loop_
_struct_asym.id 
_struct_asym.pdbx_blank_PDB_chainid_flag 
_struct_asym.pdbx_modified 
_struct_asym.entity_id 
_struct_asym.details 
A N N 1 ? 
B N N 2 ? 
# 
_struct_ref.id                         1 
_struct_ref.db_name                    UNP 
_struct_ref.db_code                    Y467_VIBCH 
_struct_ref.pdbx_db_accession          Q9KUP8 
_struct_ref.entity_id                  1 
_struct_ref.pdbx_align_begin           1 
_struct_ref.pdbx_db_isoform            ? 
_struct_ref.pdbx_seq_one_letter_code   ? 
# 
_struct_ref_seq.align_id                      1 
_struct_ref_seq.ref_id                        1 
_struct_ref_seq.pdbx_PDB_id_code              2HAF 
_struct_ref_seq.pdbx_strand_id                A 
_struct_ref_seq.seq_align_beg                 16 
_struct_ref_seq.pdbx_seq_align_beg_ins_code   ? 
_struct_ref_seq.seq_align_end                 201 
_struct_ref_seq.pdbx_seq_align_end_ins_code   ? 
_struct_ref_seq.pdbx_db_accession             Q9KUP8 
_struct_ref_seq.db_align_beg                  1 
_struct_ref_seq.pdbx_db_align_beg_ins_code    ? 
_struct_ref_seq.db_align_end                  186 
_struct_ref_seq.pdbx_db_align_end_ins_code    ? 
_struct_ref_seq.pdbx_auth_seq_align_beg       16 
_struct_ref_seq.pdbx_auth_seq_align_end       201 
# 
loop_
_struct_ref_seq_dif.align_id 
_struct_ref_seq_dif.pdbx_pdb_id_code 
_struct_ref_seq_dif.mon_id 
_struct_ref_seq_dif.pdbx_pdb_strand_id 
_struct_ref_seq_dif.seq_num 
_struct_ref_seq_dif.pdbx_pdb_ins_code 
_struct_ref_seq_dif.pdbx_seq_db_name 
_struct_ref_seq_dif.pdbx_seq_db_accession_code 
_struct_ref_seq_dif.db_mon_id 
_struct_ref_seq_dif.pdbx_seq_db_seq_num 
_struct_ref_seq_dif.details 
_struct_ref_seq_dif.pdbx_auth_seq_num 
_struct_ref_seq_dif.pdbx_ordinal 
1 2HAF MET A 1   ? UNP Q9KUP8 ? ? 'cloning artifact' 1   1  
1 2HAF SER A 2   ? UNP Q9KUP8 ? ? 'cloning artifact' 2   2  
1 2HAF LEU A 3   ? UNP Q9KUP8 ? ? 'cloning artifact' 3   3  
1 2HAF SER A 4   ? UNP Q9KUP8 ? ? 'cloning artifact' 4   4  
1 2HAF ASN A 5   ? UNP Q9KUP8 ? ? 'cloning artifact' 5   5  
1 2HAF HIS A 6   ? UNP Q9KUP8 ? ? 'cloning artifact' 6   6  
1 2HAF SER A 7   ? UNP Q9KUP8 ? ? 'cloning artifact' 7   7  
1 2HAF SER A 8   ? UNP Q9KUP8 ? ? 'cloning artifact' 8   8  
1 2HAF ASP A 9   ? UNP Q9KUP8 ? ? 'cloning artifact' 9   9  
1 2HAF ILE A 10  ? UNP Q9KUP8 ? ? 'cloning artifact' 10  10 
1 2HAF GLU A 11  ? UNP Q9KUP8 ? ? 'cloning artifact' 11  11 
1 2HAF VAL A 12  ? UNP Q9KUP8 ? ? 'cloning artifact' 12  12 
1 2HAF GLY A 13  ? UNP Q9KUP8 ? ? 'cloning artifact' 13  13 
1 2HAF HIS A 14  ? UNP Q9KUP8 ? ? 'cloning artifact' 14  14 
1 2HAF SER A 15  ? UNP Q9KUP8 ? ? 'cloning artifact' 15  15 
1 2HAF GLU A 202 ? UNP Q9KUP8 ? ? 'cloning artifact' 202 16 
1 2HAF GLY A 203 ? UNP Q9KUP8 ? ? 'cloning artifact' 203 17 
1 2HAF GLY A 204 ? UNP Q9KUP8 ? ? 'cloning artifact' 204 18 
1 2HAF SER A 205 ? UNP Q9KUP8 ? ? 'cloning artifact' 205 19 
1 2HAF HIS A 206 ? UNP Q9KUP8 ? ? 'cloning artifact' 206 20 
1 2HAF HIS A 207 ? UNP Q9KUP8 ? ? 'cloning artifact' 207 21 
1 2HAF HIS A 208 ? UNP Q9KUP8 ? ? 'cloning artifact' 208 22 
1 2HAF HIS A 209 ? UNP Q9KUP8 ? ? 'cloning artifact' 209 23 
1 2HAF HIS A 210 ? UNP Q9KUP8 ? ? 'cloning artifact' 210 24 
1 2HAF HIS A 211 ? UNP Q9KUP8 ? ? 'cloning artifact' 211 25 
# 
_pdbx_struct_assembly.id                   1 
_pdbx_struct_assembly.details              author_defined_assembly 
_pdbx_struct_assembly.method_details       ? 
_pdbx_struct_assembly.oligomeric_details   monomeric 
_pdbx_struct_assembly.oligomeric_count     1 
# 
_pdbx_struct_assembly_gen.assembly_id       1 
_pdbx_struct_assembly_gen.oper_expression   1 
_pdbx_struct_assembly_gen.asym_id_list      A,B 
# 
_pdbx_struct_oper_list.id                   1 
_pdbx_struct_oper_list.type                 'identity operation' 
_pdbx_struct_oper_list.name                 1_555 
_pdbx_struct_oper_list.symmetry_operation   x,y,z 
_pdbx_struct_oper_list.matrix[1][1]         1.0000000000 
_pdbx_struct_oper_list.matrix[1][2]         0.0000000000 
_pdbx_struct_oper_list.matrix[1][3]         0.0000000000 
_pdbx_struct_oper_list.vector[1]            0.0000000000 
_pdbx_struct_oper_list.matrix[2][1]         0.0000000000 
_pdbx_struct_oper_list.matrix[2][2]         1.0000000000 
_pdbx_struct_oper_list.matrix[2][3]         0.0000000000 
_pdbx_struct_oper_list.vector[2]            0.0000000000 
_pdbx_struct_oper_list.matrix[3][1]         0.0000000000 
_pdbx_struct_oper_list.matrix[3][2]         0.0000000000 
_pdbx_struct_oper_list.matrix[3][3]         1.0000000000 
_pdbx_struct_oper_list.vector[3]            0.0000000000 
# 
loop_
_struct_conf.conf_type_id 
_struct_conf.id 
_struct_conf.pdbx_PDB_helix_id 
_struct_conf.beg_label_comp_id 
_struct_conf.beg_label_asym_id 
_struct_conf.beg_label_seq_id 
_struct_conf.pdbx_beg_PDB_ins_code 
_struct_conf.end_label_comp_id 
_struct_conf.end_label_asym_id 
_struct_conf.end_label_seq_id 
_struct_conf.pdbx_end_PDB_ins_code 
_struct_conf.beg_auth_comp_id 
_struct_conf.beg_auth_asym_id 
_struct_conf.beg_auth_seq_id 
_struct_conf.end_auth_comp_id 
_struct_conf.end_auth_asym_id 
_struct_conf.end_auth_seq_id 
_struct_conf.pdbx_PDB_helix_class 
_struct_conf.details 
_struct_conf.pdbx_PDB_helix_length 
HELX_P HELX_P1 1 ASP A 31  ? LYS A 35  ? ASP A 31  LYS A 35  5 ? 5  
HELX_P HELX_P2 2 VAL A 62  ? VAL A 69  ? VAL A 62  VAL A 69  1 ? 8  
HELX_P HELX_P3 3 GLU A 81  ? LYS A 84  ? GLU A 81  LYS A 84  5 ? 4  
HELX_P HELX_P4 4 SER A 123 ? LEU A 130 ? SER A 123 LEU A 130 5 ? 8  
HELX_P HELX_P5 5 GLY A 151 ? GLU A 159 ? GLY A 151 GLU A 159 1 ? 9  
HELX_P HELX_P6 6 ASP A 168 ? ASN A 174 ? ASP A 168 ASN A 174 1 ? 7  
HELX_P HELX_P7 7 PRO A 176 ? HIS A 178 ? PRO A 176 HIS A 178 5 ? 3  
HELX_P HELX_P8 8 GLU A 179 ? LEU A 188 ? GLU A 179 LEU A 188 1 ? 10 
# 
_struct_conf_type.id          HELX_P 
_struct_conf_type.criteria    ? 
_struct_conf_type.reference   ? 
# 
loop_
_struct_sheet.id 
_struct_sheet.type 
_struct_sheet.number_strands 
_struct_sheet.details 
A ? 6 ? 
B ? 7 ? 
# 
loop_
_struct_sheet_order.sheet_id 
_struct_sheet_order.range_id_1 
_struct_sheet_order.range_id_2 
_struct_sheet_order.offset 
_struct_sheet_order.sense 
A 1 2 ? anti-parallel 
A 2 3 ? parallel      
A 3 4 ? anti-parallel 
A 4 5 ? anti-parallel 
A 5 6 ? anti-parallel 
B 1 2 ? anti-parallel 
B 2 3 ? parallel      
B 3 4 ? anti-parallel 
B 4 5 ? anti-parallel 
B 5 6 ? anti-parallel 
B 6 7 ? anti-parallel 
# 
loop_
_struct_sheet_range.sheet_id 
_struct_sheet_range.id 
_struct_sheet_range.beg_label_comp_id 
_struct_sheet_range.beg_label_asym_id 
_struct_sheet_range.beg_label_seq_id 
_struct_sheet_range.pdbx_beg_PDB_ins_code 
_struct_sheet_range.end_label_comp_id 
_struct_sheet_range.end_label_asym_id 
_struct_sheet_range.end_label_seq_id 
_struct_sheet_range.pdbx_end_PDB_ins_code 
_struct_sheet_range.beg_auth_comp_id 
_struct_sheet_range.beg_auth_asym_id 
_struct_sheet_range.beg_auth_seq_id 
_struct_sheet_range.end_auth_comp_id 
_struct_sheet_range.end_auth_asym_id 
_struct_sheet_range.end_auth_seq_id 
A 1 PRO A 57  ? THR A 61  ? PRO A 57  THR A 61  
A 2 PRO A 86  ? ASN A 89  ? PRO A 86  ASN A 89  
A 3 TYR A 139 ? SER A 149 ? TYR A 139 SER A 149 
A 4 VAL A 93  ? HIS A 102 ? VAL A 93  HIS A 102 
A 5 ALA A 119 ? THR A 121 ? ALA A 119 THR A 121 
A 6 SER A 111 ? LYS A 113 ? SER A 111 LYS A 113 
B 1 PRO A 57  ? THR A 61  ? PRO A 57  THR A 61  
B 2 PRO A 86  ? ASN A 89  ? PRO A 86  ASN A 89  
B 3 TYR A 139 ? SER A 149 ? TYR A 139 SER A 149 
B 4 GLY A 48  ? MET A 53  ? GLY A 48  MET A 53  
B 5 VAL A 38  ? ASN A 45  ? VAL A 38  ASN A 45  
B 6 HIS A 21  ? ALA A 25  ? HIS A 21  ALA A 25  
B 7 TRP A 162 ? GLU A 166 ? TRP A 162 GLU A 166 
# 
loop_
_pdbx_struct_sheet_hbond.sheet_id 
_pdbx_struct_sheet_hbond.range_id_1 
_pdbx_struct_sheet_hbond.range_id_2 
_pdbx_struct_sheet_hbond.range_1_label_atom_id 
_pdbx_struct_sheet_hbond.range_1_label_comp_id 
_pdbx_struct_sheet_hbond.range_1_label_asym_id 
_pdbx_struct_sheet_hbond.range_1_label_seq_id 
_pdbx_struct_sheet_hbond.range_1_PDB_ins_code 
_pdbx_struct_sheet_hbond.range_1_auth_atom_id 
_pdbx_struct_sheet_hbond.range_1_auth_comp_id 
_pdbx_struct_sheet_hbond.range_1_auth_asym_id 
_pdbx_struct_sheet_hbond.range_1_auth_seq_id 
_pdbx_struct_sheet_hbond.range_2_label_atom_id 
_pdbx_struct_sheet_hbond.range_2_label_comp_id 
_pdbx_struct_sheet_hbond.range_2_label_asym_id 
_pdbx_struct_sheet_hbond.range_2_label_seq_id 
_pdbx_struct_sheet_hbond.range_2_PDB_ins_code 
_pdbx_struct_sheet_hbond.range_2_auth_atom_id 
_pdbx_struct_sheet_hbond.range_2_auth_comp_id 
_pdbx_struct_sheet_hbond.range_2_auth_asym_id 
_pdbx_struct_sheet_hbond.range_2_auth_seq_id 
A 1 2 N ILE A 58  ? N ILE A 58  O VAL A 87  ? O VAL A 87  
A 2 3 N PHE A 88  ? N PHE A 88  O VAL A 141 ? O VAL A 141 
A 3 4 O ALA A 142 ? O ALA A 142 N PHE A 99  ? N PHE A 99  
A 4 5 N HIS A 102 ? N HIS A 102 O ALA A 119 ? O ALA A 119 
A 5 6 O VAL A 120 ? O VAL A 120 N MET A 112 ? N MET A 112 
B 1 2 N ILE A 58  ? N ILE A 58  O VAL A 87  ? O VAL A 87  
B 2 3 N PHE A 88  ? N PHE A 88  O VAL A 141 ? O VAL A 141 
B 3 4 O SER A 146 ? O SER A 146 N GLY A 51  ? N GLY A 51  
B 4 5 O LEU A 52  ? O LEU A 52  N TYR A 40  ? N TYR A 40  
B 5 6 O ILE A 41  ? O ILE A 41  N HIS A 21  ? N HIS A 21  
B 6 7 N VAL A 24  ? N VAL A 24  O LEU A 163 ? O LEU A 163 
# 
loop_
_pdbx_validate_torsion.id 
_pdbx_validate_torsion.PDB_model_num 
_pdbx_validate_torsion.auth_comp_id 
_pdbx_validate_torsion.auth_asym_id 
_pdbx_validate_torsion.auth_seq_id 
_pdbx_validate_torsion.PDB_ins_code 
_pdbx_validate_torsion.label_alt_id 
_pdbx_validate_torsion.phi 
_pdbx_validate_torsion.psi 
1  1 VAL A 12  ? ? -143.32 -21.85  
2  1 SER A 15  ? ? 45.51   -156.66 
3  1 MET A 16  ? ? 175.33  -50.02  
4  1 ASN A 17  ? ? 43.50   97.76   
5  1 LYS A 30  ? ? -82.41  -84.36  
6  1 ASP A 31  ? ? -39.21  92.84   
7  1 LYS A 35  ? ? -55.75  109.71  
8  1 HIS A 44  ? ? -153.30 80.20   
9  1 ASN A 45  ? ? -111.12 -159.01 
10 1 GLN A 80  ? ? 63.75   -27.94  
11 1 ARG A 105 ? ? -136.09 -98.46  
12 1 ALA A 150 ? ? 10.80   -86.99  
13 1 HIS A 178 ? ? -58.87  4.90    
# 
_pdbx_SG_project.id                    1 
_pdbx_SG_project.project_name          'PSI, Protein Structure Initiative' 
_pdbx_SG_project.full_name_of_center   'New York SGX Research Center for Structural Genomics' 
_pdbx_SG_project.initial_of_center     NYSGXRC 
# 
loop_
_pdbx_unobs_or_zero_occ_residues.id 
_pdbx_unobs_or_zero_occ_residues.PDB_model_num 
_pdbx_unobs_or_zero_occ_residues.polymer_flag 
_pdbx_unobs_or_zero_occ_residues.occupancy_flag 
_pdbx_unobs_or_zero_occ_residues.auth_asym_id 
_pdbx_unobs_or_zero_occ_residues.auth_comp_id 
_pdbx_unobs_or_zero_occ_residues.auth_seq_id 
_pdbx_unobs_or_zero_occ_residues.PDB_ins_code 
_pdbx_unobs_or_zero_occ_residues.label_asym_id 
_pdbx_unobs_or_zero_occ_residues.label_comp_id 
_pdbx_unobs_or_zero_occ_residues.label_seq_id 
1  1 Y 1 A MET 1   ? A MET 1   
2  1 Y 1 A SER 2   ? A SER 2   
3  1 Y 1 A LEU 3   ? A LEU 3   
4  1 Y 1 A SER 4   ? A SER 4   
5  1 Y 1 A ASN 5   ? A ASN 5   
6  1 Y 1 A HIS 6   ? A HIS 6   
7  1 Y 1 A SER 7   ? A SER 7   
8  1 Y 1 A ALA 193 ? A ALA 193 
9  1 Y 1 A GLN 194 ? A GLN 194 
10 1 Y 1 A LEU 195 ? A LEU 195 
11 1 Y 1 A SER 196 ? A SER 196 
12 1 Y 1 A SER 197 ? A SER 197 
13 1 Y 1 A ASP 198 ? A ASP 198 
14 1 Y 1 A ALA 199 ? A ALA 199 
15 1 Y 1 A GLY 200 ? A GLY 200 
16 1 Y 1 A HIS 201 ? A HIS 201 
17 1 Y 1 A GLU 202 ? A GLU 202 
18 1 Y 1 A GLY 203 ? A GLY 203 
19 1 Y 1 A GLY 204 ? A GLY 204 
20 1 Y 1 A SER 205 ? A SER 205 
21 1 Y 1 A HIS 206 ? A HIS 206 
22 1 Y 1 A HIS 207 ? A HIS 207 
23 1 Y 1 A HIS 208 ? A HIS 208 
24 1 Y 1 A HIS 209 ? A HIS 209 
25 1 Y 1 A HIS 210 ? A HIS 210 
26 1 Y 1 A HIS 211 ? A HIS 211 
# 
loop_
_chem_comp_atom.comp_id 
_chem_comp_atom.atom_id 
_chem_comp_atom.type_symbol 
_chem_comp_atom.pdbx_aromatic_flag 
_chem_comp_atom.pdbx_stereo_config 
_chem_comp_atom.pdbx_ordinal 
ALA N    N N N 1   
ALA CA   C N S 2   
ALA C    C N N 3   
ALA O    O N N 4   
ALA CB   C N N 5   
ALA OXT  O N N 6   
ALA H    H N N 7   
ALA H2   H N N 8   
ALA HA   H N N 9   
ALA HB1  H N N 10  
ALA HB2  H N N 11  
ALA HB3  H N N 12  
ALA HXT  H N N 13  
ARG N    N N N 14  
ARG CA   C N S 15  
ARG C    C N N 16  
ARG O    O N N 17  
ARG CB   C N N 18  
ARG CG   C N N 19  
ARG CD   C N N 20  
ARG NE   N N N 21  
ARG CZ   C N N 22  
ARG NH1  N N N 23  
ARG NH2  N N N 24  
ARG OXT  O N N 25  
ARG H    H N N 26  
ARG H2   H N N 27  
ARG HA   H N N 28  
ARG HB2  H N N 29  
ARG HB3  H N N 30  
ARG HG2  H N N 31  
ARG HG3  H N N 32  
ARG HD2  H N N 33  
ARG HD3  H N N 34  
ARG HE   H N N 35  
ARG HH11 H N N 36  
ARG HH12 H N N 37  
ARG HH21 H N N 38  
ARG HH22 H N N 39  
ARG HXT  H N N 40  
ASN N    N N N 41  
ASN CA   C N S 42  
ASN C    C N N 43  
ASN O    O N N 44  
ASN CB   C N N 45  
ASN CG   C N N 46  
ASN OD1  O N N 47  
ASN ND2  N N N 48  
ASN OXT  O N N 49  
ASN H    H N N 50  
ASN H2   H N N 51  
ASN HA   H N N 52  
ASN HB2  H N N 53  
ASN HB3  H N N 54  
ASN HD21 H N N 55  
ASN HD22 H N N 56  
ASN HXT  H N N 57  
ASP N    N N N 58  
ASP CA   C N S 59  
ASP C    C N N 60  
ASP O    O N N 61  
ASP CB   C N N 62  
ASP CG   C N N 63  
ASP OD1  O N N 64  
ASP OD2  O N N 65  
ASP OXT  O N N 66  
ASP H    H N N 67  
ASP H2   H N N 68  
ASP HA   H N N 69  
ASP HB2  H N N 70  
ASP HB3  H N N 71  
ASP HD2  H N N 72  
ASP HXT  H N N 73  
CYS N    N N N 74  
CYS CA   C N R 75  
CYS C    C N N 76  
CYS O    O N N 77  
CYS CB   C N N 78  
CYS SG   S N N 79  
CYS OXT  O N N 80  
CYS H    H N N 81  
CYS H2   H N N 82  
CYS HA   H N N 83  
CYS HB2  H N N 84  
CYS HB3  H N N 85  
CYS HG   H N N 86  
CYS HXT  H N N 87  
GLN N    N N N 88  
GLN CA   C N S 89  
GLN C    C N N 90  
GLN O    O N N 91  
GLN CB   C N N 92  
GLN CG   C N N 93  
GLN CD   C N N 94  
GLN OE1  O N N 95  
GLN NE2  N N N 96  
GLN OXT  O N N 97  
GLN H    H N N 98  
GLN H2   H N N 99  
GLN HA   H N N 100 
GLN HB2  H N N 101 
GLN HB3  H N N 102 
GLN HG2  H N N 103 
GLN HG3  H N N 104 
GLN HE21 H N N 105 
GLN HE22 H N N 106 
GLN HXT  H N N 107 
GLU N    N N N 108 
GLU CA   C N S 109 
GLU C    C N N 110 
GLU O    O N N 111 
GLU CB   C N N 112 
GLU CG   C N N 113 
GLU CD   C N N 114 
GLU OE1  O N N 115 
GLU OE2  O N N 116 
GLU OXT  O N N 117 
GLU H    H N N 118 
GLU H2   H N N 119 
GLU HA   H N N 120 
GLU HB2  H N N 121 
GLU HB3  H N N 122 
GLU HG2  H N N 123 
GLU HG3  H N N 124 
GLU HE2  H N N 125 
GLU HXT  H N N 126 
GLY N    N N N 127 
GLY CA   C N N 128 
GLY C    C N N 129 
GLY O    O N N 130 
GLY OXT  O N N 131 
GLY H    H N N 132 
GLY H2   H N N 133 
GLY HA2  H N N 134 
GLY HA3  H N N 135 
GLY HXT  H N N 136 
HIS N    N N N 137 
HIS CA   C N S 138 
HIS C    C N N 139 
HIS O    O N N 140 
HIS CB   C N N 141 
HIS CG   C Y N 142 
HIS ND1  N Y N 143 
HIS CD2  C Y N 144 
HIS CE1  C Y N 145 
HIS NE2  N Y N 146 
HIS OXT  O N N 147 
HIS H    H N N 148 
HIS H2   H N N 149 
HIS HA   H N N 150 
HIS HB2  H N N 151 
HIS HB3  H N N 152 
HIS HD1  H N N 153 
HIS HD2  H N N 154 
HIS HE1  H N N 155 
HIS HE2  H N N 156 
HIS HXT  H N N 157 
HOH O    O N N 158 
HOH H1   H N N 159 
HOH H2   H N N 160 
ILE N    N N N 161 
ILE CA   C N S 162 
ILE C    C N N 163 
ILE O    O N N 164 
ILE CB   C N S 165 
ILE CG1  C N N 166 
ILE CG2  C N N 167 
ILE CD1  C N N 168 
ILE OXT  O N N 169 
ILE H    H N N 170 
ILE H2   H N N 171 
ILE HA   H N N 172 
ILE HB   H N N 173 
ILE HG12 H N N 174 
ILE HG13 H N N 175 
ILE HG21 H N N 176 
ILE HG22 H N N 177 
ILE HG23 H N N 178 
ILE HD11 H N N 179 
ILE HD12 H N N 180 
ILE HD13 H N N 181 
ILE HXT  H N N 182 
LEU N    N N N 183 
LEU CA   C N S 184 
LEU C    C N N 185 
LEU O    O N N 186 
LEU CB   C N N 187 
LEU CG   C N N 188 
LEU CD1  C N N 189 
LEU CD2  C N N 190 
LEU OXT  O N N 191 
LEU H    H N N 192 
LEU H2   H N N 193 
LEU HA   H N N 194 
LEU HB2  H N N 195 
LEU HB3  H N N 196 
LEU HG   H N N 197 
LEU HD11 H N N 198 
LEU HD12 H N N 199 
LEU HD13 H N N 200 
LEU HD21 H N N 201 
LEU HD22 H N N 202 
LEU HD23 H N N 203 
LEU HXT  H N N 204 
LYS N    N N N 205 
LYS CA   C N S 206 
LYS C    C N N 207 
LYS O    O N N 208 
LYS CB   C N N 209 
LYS CG   C N N 210 
LYS CD   C N N 211 
LYS CE   C N N 212 
LYS NZ   N N N 213 
LYS OXT  O N N 214 
LYS H    H N N 215 
LYS H2   H N N 216 
LYS HA   H N N 217 
LYS HB2  H N N 218 
LYS HB3  H N N 219 
LYS HG2  H N N 220 
LYS HG3  H N N 221 
LYS HD2  H N N 222 
LYS HD3  H N N 223 
LYS HE2  H N N 224 
LYS HE3  H N N 225 
LYS HZ1  H N N 226 
LYS HZ2  H N N 227 
LYS HZ3  H N N 228 
LYS HXT  H N N 229 
MET N    N N N 230 
MET CA   C N S 231 
MET C    C N N 232 
MET O    O N N 233 
MET CB   C N N 234 
MET CG   C N N 235 
MET SD   S N N 236 
MET CE   C N N 237 
MET OXT  O N N 238 
MET H    H N N 239 
MET H2   H N N 240 
MET HA   H N N 241 
MET HB2  H N N 242 
MET HB3  H N N 243 
MET HG2  H N N 244 
MET HG3  H N N 245 
MET HE1  H N N 246 
MET HE2  H N N 247 
MET HE3  H N N 248 
MET HXT  H N N 249 
PHE N    N N N 250 
PHE CA   C N S 251 
PHE C    C N N 252 
PHE O    O N N 253 
PHE CB   C N N 254 
PHE CG   C Y N 255 
PHE CD1  C Y N 256 
PHE CD2  C Y N 257 
PHE CE1  C Y N 258 
PHE CE2  C Y N 259 
PHE CZ   C Y N 260 
PHE OXT  O N N 261 
PHE H    H N N 262 
PHE H2   H N N 263 
PHE HA   H N N 264 
PHE HB2  H N N 265 
PHE HB3  H N N 266 
PHE HD1  H N N 267 
PHE HD2  H N N 268 
PHE HE1  H N N 269 
PHE HE2  H N N 270 
PHE HZ   H N N 271 
PHE HXT  H N N 272 
PRO N    N N N 273 
PRO CA   C N S 274 
PRO C    C N N 275 
PRO O    O N N 276 
PRO CB   C N N 277 
PRO CG   C N N 278 
PRO CD   C N N 279 
PRO OXT  O N N 280 
PRO H    H N N 281 
PRO HA   H N N 282 
PRO HB2  H N N 283 
PRO HB3  H N N 284 
PRO HG2  H N N 285 
PRO HG3  H N N 286 
PRO HD2  H N N 287 
PRO HD3  H N N 288 
PRO HXT  H N N 289 
SER N    N N N 290 
SER CA   C N S 291 
SER C    C N N 292 
SER O    O N N 293 
SER CB   C N N 294 
SER OG   O N N 295 
SER OXT  O N N 296 
SER H    H N N 297 
SER H2   H N N 298 
SER HA   H N N 299 
SER HB2  H N N 300 
SER HB3  H N N 301 
SER HG   H N N 302 
SER HXT  H N N 303 
THR N    N N N 304 
THR CA   C N S 305 
THR C    C N N 306 
THR O    O N N 307 
THR CB   C N R 308 
THR OG1  O N N 309 
THR CG2  C N N 310 
THR OXT  O N N 311 
THR H    H N N 312 
THR H2   H N N 313 
THR HA   H N N 314 
THR HB   H N N 315 
THR HG1  H N N 316 
THR HG21 H N N 317 
THR HG22 H N N 318 
THR HG23 H N N 319 
THR HXT  H N N 320 
TRP N    N N N 321 
TRP CA   C N S 322 
TRP C    C N N 323 
TRP O    O N N 324 
TRP CB   C N N 325 
TRP CG   C Y N 326 
TRP CD1  C Y N 327 
TRP CD2  C Y N 328 
TRP NE1  N Y N 329 
TRP CE2  C Y N 330 
TRP CE3  C Y N 331 
TRP CZ2  C Y N 332 
TRP CZ3  C Y N 333 
TRP CH2  C Y N 334 
TRP OXT  O N N 335 
TRP H    H N N 336 
TRP H2   H N N 337 
TRP HA   H N N 338 
TRP HB2  H N N 339 
TRP HB3  H N N 340 
TRP HD1  H N N 341 
TRP HE1  H N N 342 
TRP HE3  H N N 343 
TRP HZ2  H N N 344 
TRP HZ3  H N N 345 
TRP HH2  H N N 346 
TRP HXT  H N N 347 
TYR N    N N N 348 
TYR CA   C N S 349 
TYR C    C N N 350 
TYR O    O N N 351 
TYR CB   C N N 352 
TYR CG   C Y N 353 
TYR CD1  C Y N 354 
TYR CD2  C Y N 355 
TYR CE1  C Y N 356 
TYR CE2  C Y N 357 
TYR CZ   C Y N 358 
TYR OH   O N N 359 
TYR OXT  O N N 360 
TYR H    H N N 361 
TYR H2   H N N 362 
TYR HA   H N N 363 
TYR HB2  H N N 364 
TYR HB3  H N N 365 
TYR HD1  H N N 366 
TYR HD2  H N N 367 
TYR HE1  H N N 368 
TYR HE2  H N N 369 
TYR HH   H N N 370 
TYR HXT  H N N 371 
VAL N    N N N 372 
VAL CA   C N S 373 
VAL C    C N N 374 
VAL O    O N N 375 
VAL CB   C N N 376 
VAL CG1  C N N 377 
VAL CG2  C N N 378 
VAL OXT  O N N 379 
VAL H    H N N 380 
VAL H2   H N N 381 
VAL HA   H N N 382 
VAL HB   H N N 383 
VAL HG11 H N N 384 
VAL HG12 H N N 385 
VAL HG13 H N N 386 
VAL HG21 H N N 387 
VAL HG22 H N N 388 
VAL HG23 H N N 389 
VAL HXT  H N N 390 
# 
loop_
_chem_comp_bond.comp_id 
_chem_comp_bond.atom_id_1 
_chem_comp_bond.atom_id_2 
_chem_comp_bond.value_order 
_chem_comp_bond.pdbx_aromatic_flag 
_chem_comp_bond.pdbx_stereo_config 
_chem_comp_bond.pdbx_ordinal 
ALA N   CA   sing N N 1   
ALA N   H    sing N N 2   
ALA N   H2   sing N N 3   
ALA CA  C    sing N N 4   
ALA CA  CB   sing N N 5   
ALA CA  HA   sing N N 6   
ALA C   O    doub N N 7   
ALA C   OXT  sing N N 8   
ALA CB  HB1  sing N N 9   
ALA CB  HB2  sing N N 10  
ALA CB  HB3  sing N N 11  
ALA OXT HXT  sing N N 12  
ARG N   CA   sing N N 13  
ARG N   H    sing N N 14  
ARG N   H2   sing N N 15  
ARG CA  C    sing N N 16  
ARG CA  CB   sing N N 17  
ARG CA  HA   sing N N 18  
ARG C   O    doub N N 19  
ARG C   OXT  sing N N 20  
ARG CB  CG   sing N N 21  
ARG CB  HB2  sing N N 22  
ARG CB  HB3  sing N N 23  
ARG CG  CD   sing N N 24  
ARG CG  HG2  sing N N 25  
ARG CG  HG3  sing N N 26  
ARG CD  NE   sing N N 27  
ARG CD  HD2  sing N N 28  
ARG CD  HD3  sing N N 29  
ARG NE  CZ   sing N N 30  
ARG NE  HE   sing N N 31  
ARG CZ  NH1  sing N N 32  
ARG CZ  NH2  doub N N 33  
ARG NH1 HH11 sing N N 34  
ARG NH1 HH12 sing N N 35  
ARG NH2 HH21 sing N N 36  
ARG NH2 HH22 sing N N 37  
ARG OXT HXT  sing N N 38  
ASN N   CA   sing N N 39  
ASN N   H    sing N N 40  
ASN N   H2   sing N N 41  
ASN CA  C    sing N N 42  
ASN CA  CB   sing N N 43  
ASN CA  HA   sing N N 44  
ASN C   O    doub N N 45  
ASN C   OXT  sing N N 46  
ASN CB  CG   sing N N 47  
ASN CB  HB2  sing N N 48  
ASN CB  HB3  sing N N 49  
ASN CG  OD1  doub N N 50  
ASN CG  ND2  sing N N 51  
ASN ND2 HD21 sing N N 52  
ASN ND2 HD22 sing N N 53  
ASN OXT HXT  sing N N 54  
ASP N   CA   sing N N 55  
ASP N   H    sing N N 56  
ASP N   H2   sing N N 57  
ASP CA  C    sing N N 58  
ASP CA  CB   sing N N 59  
ASP CA  HA   sing N N 60  
ASP C   O    doub N N 61  
ASP C   OXT  sing N N 62  
ASP CB  CG   sing N N 63  
ASP CB  HB2  sing N N 64  
ASP CB  HB3  sing N N 65  
ASP CG  OD1  doub N N 66  
ASP CG  OD2  sing N N 67  
ASP OD2 HD2  sing N N 68  
ASP OXT HXT  sing N N 69  
CYS N   CA   sing N N 70  
CYS N   H    sing N N 71  
CYS N   H2   sing N N 72  
CYS CA  C    sing N N 73  
CYS CA  CB   sing N N 74  
CYS CA  HA   sing N N 75  
CYS C   O    doub N N 76  
CYS C   OXT  sing N N 77  
CYS CB  SG   sing N N 78  
CYS CB  HB2  sing N N 79  
CYS CB  HB3  sing N N 80  
CYS SG  HG   sing N N 81  
CYS OXT HXT  sing N N 82  
GLN N   CA   sing N N 83  
GLN N   H    sing N N 84  
GLN N   H2   sing N N 85  
GLN CA  C    sing N N 86  
GLN CA  CB   sing N N 87  
GLN CA  HA   sing N N 88  
GLN C   O    doub N N 89  
GLN C   OXT  sing N N 90  
GLN CB  CG   sing N N 91  
GLN CB  HB2  sing N N 92  
GLN CB  HB3  sing N N 93  
GLN CG  CD   sing N N 94  
GLN CG  HG2  sing N N 95  
GLN CG  HG3  sing N N 96  
GLN CD  OE1  doub N N 97  
GLN CD  NE2  sing N N 98  
GLN NE2 HE21 sing N N 99  
GLN NE2 HE22 sing N N 100 
GLN OXT HXT  sing N N 101 
GLU N   CA   sing N N 102 
GLU N   H    sing N N 103 
GLU N   H2   sing N N 104 
GLU CA  C    sing N N 105 
GLU CA  CB   sing N N 106 
GLU CA  HA   sing N N 107 
GLU C   O    doub N N 108 
GLU C   OXT  sing N N 109 
GLU CB  CG   sing N N 110 
GLU CB  HB2  sing N N 111 
GLU CB  HB3  sing N N 112 
GLU CG  CD   sing N N 113 
GLU CG  HG2  sing N N 114 
GLU CG  HG3  sing N N 115 
GLU CD  OE1  doub N N 116 
GLU CD  OE2  sing N N 117 
GLU OE2 HE2  sing N N 118 
GLU OXT HXT  sing N N 119 
GLY N   CA   sing N N 120 
GLY N   H    sing N N 121 
GLY N   H2   sing N N 122 
GLY CA  C    sing N N 123 
GLY CA  HA2  sing N N 124 
GLY CA  HA3  sing N N 125 
GLY C   O    doub N N 126 
GLY C   OXT  sing N N 127 
GLY OXT HXT  sing N N 128 
HIS N   CA   sing N N 129 
HIS N   H    sing N N 130 
HIS N   H2   sing N N 131 
HIS CA  C    sing N N 132 
HIS CA  CB   sing N N 133 
HIS CA  HA   sing N N 134 
HIS C   O    doub N N 135 
HIS C   OXT  sing N N 136 
HIS CB  CG   sing N N 137 
HIS CB  HB2  sing N N 138 
HIS CB  HB3  sing N N 139 
HIS CG  ND1  sing Y N 140 
HIS CG  CD2  doub Y N 141 
HIS ND1 CE1  doub Y N 142 
HIS ND1 HD1  sing N N 143 
HIS CD2 NE2  sing Y N 144 
HIS CD2 HD2  sing N N 145 
HIS CE1 NE2  sing Y N 146 
HIS CE1 HE1  sing N N 147 
HIS NE2 HE2  sing N N 148 
HIS OXT HXT  sing N N 149 
HOH O   H1   sing N N 150 
HOH O   H2   sing N N 151 
ILE N   CA   sing N N 152 
ILE N   H    sing N N 153 
ILE N   H2   sing N N 154 
ILE CA  C    sing N N 155 
ILE CA  CB   sing N N 156 
ILE CA  HA   sing N N 157 
ILE C   O    doub N N 158 
ILE C   OXT  sing N N 159 
ILE CB  CG1  sing N N 160 
ILE CB  CG2  sing N N 161 
ILE CB  HB   sing N N 162 
ILE CG1 CD1  sing N N 163 
ILE CG1 HG12 sing N N 164 
ILE CG1 HG13 sing N N 165 
ILE CG2 HG21 sing N N 166 
ILE CG2 HG22 sing N N 167 
ILE CG2 HG23 sing N N 168 
ILE CD1 HD11 sing N N 169 
ILE CD1 HD12 sing N N 170 
ILE CD1 HD13 sing N N 171 
ILE OXT HXT  sing N N 172 
LEU N   CA   sing N N 173 
LEU N   H    sing N N 174 
LEU N   H2   sing N N 175 
LEU CA  C    sing N N 176 
LEU CA  CB   sing N N 177 
LEU CA  HA   sing N N 178 
LEU C   O    doub N N 179 
LEU C   OXT  sing N N 180 
LEU CB  CG   sing N N 181 
LEU CB  HB2  sing N N 182 
LEU CB  HB3  sing N N 183 
LEU CG  CD1  sing N N 184 
LEU CG  CD2  sing N N 185 
LEU CG  HG   sing N N 186 
LEU CD1 HD11 sing N N 187 
LEU CD1 HD12 sing N N 188 
LEU CD1 HD13 sing N N 189 
LEU CD2 HD21 sing N N 190 
LEU CD2 HD22 sing N N 191 
LEU CD2 HD23 sing N N 192 
LEU OXT HXT  sing N N 193 
LYS N   CA   sing N N 194 
LYS N   H    sing N N 195 
LYS N   H2   sing N N 196 
LYS CA  C    sing N N 197 
LYS CA  CB   sing N N 198 
LYS CA  HA   sing N N 199 
LYS C   O    doub N N 200 
LYS C   OXT  sing N N 201 
LYS CB  CG   sing N N 202 
LYS CB  HB2  sing N N 203 
LYS CB  HB3  sing N N 204 
LYS CG  CD   sing N N 205 
LYS CG  HG2  sing N N 206 
LYS CG  HG3  sing N N 207 
LYS CD  CE   sing N N 208 
LYS CD  HD2  sing N N 209 
LYS CD  HD3  sing N N 210 
LYS CE  NZ   sing N N 211 
LYS CE  HE2  sing N N 212 
LYS CE  HE3  sing N N 213 
LYS NZ  HZ1  sing N N 214 
LYS NZ  HZ2  sing N N 215 
LYS NZ  HZ3  sing N N 216 
LYS OXT HXT  sing N N 217 
MET N   CA   sing N N 218 
MET N   H    sing N N 219 
MET N   H2   sing N N 220 
MET CA  C    sing N N 221 
MET CA  CB   sing N N 222 
MET CA  HA   sing N N 223 
MET C   O    doub N N 224 
MET C   OXT  sing N N 225 
MET CB  CG   sing N N 226 
MET CB  HB2  sing N N 227 
MET CB  HB3  sing N N 228 
MET CG  SD   sing N N 229 
MET CG  HG2  sing N N 230 
MET CG  HG3  sing N N 231 
MET SD  CE   sing N N 232 
MET CE  HE1  sing N N 233 
MET CE  HE2  sing N N 234 
MET CE  HE3  sing N N 235 
MET OXT HXT  sing N N 236 
PHE N   CA   sing N N 237 
PHE N   H    sing N N 238 
PHE N   H2   sing N N 239 
PHE CA  C    sing N N 240 
PHE CA  CB   sing N N 241 
PHE CA  HA   sing N N 242 
PHE C   O    doub N N 243 
PHE C   OXT  sing N N 244 
PHE CB  CG   sing N N 245 
PHE CB  HB2  sing N N 246 
PHE CB  HB3  sing N N 247 
PHE CG  CD1  doub Y N 248 
PHE CG  CD2  sing Y N 249 
PHE CD1 CE1  sing Y N 250 
PHE CD1 HD1  sing N N 251 
PHE CD2 CE2  doub Y N 252 
PHE CD2 HD2  sing N N 253 
PHE CE1 CZ   doub Y N 254 
PHE CE1 HE1  sing N N 255 
PHE CE2 CZ   sing Y N 256 
PHE CE2 HE2  sing N N 257 
PHE CZ  HZ   sing N N 258 
PHE OXT HXT  sing N N 259 
PRO N   CA   sing N N 260 
PRO N   CD   sing N N 261 
PRO N   H    sing N N 262 
PRO CA  C    sing N N 263 
PRO CA  CB   sing N N 264 
PRO CA  HA   sing N N 265 
PRO C   O    doub N N 266 
PRO C   OXT  sing N N 267 
PRO CB  CG   sing N N 268 
PRO CB  HB2  sing N N 269 
PRO CB  HB3  sing N N 270 
PRO CG  CD   sing N N 271 
PRO CG  HG2  sing N N 272 
PRO CG  HG3  sing N N 273 
PRO CD  HD2  sing N N 274 
PRO CD  HD3  sing N N 275 
PRO OXT HXT  sing N N 276 
SER N   CA   sing N N 277 
SER N   H    sing N N 278 
SER N   H2   sing N N 279 
SER CA  C    sing N N 280 
SER CA  CB   sing N N 281 
SER CA  HA   sing N N 282 
SER C   O    doub N N 283 
SER C   OXT  sing N N 284 
SER CB  OG   sing N N 285 
SER CB  HB2  sing N N 286 
SER CB  HB3  sing N N 287 
SER OG  HG   sing N N 288 
SER OXT HXT  sing N N 289 
THR N   CA   sing N N 290 
THR N   H    sing N N 291 
THR N   H2   sing N N 292 
THR CA  C    sing N N 293 
THR CA  CB   sing N N 294 
THR CA  HA   sing N N 295 
THR C   O    doub N N 296 
THR C   OXT  sing N N 297 
THR CB  OG1  sing N N 298 
THR CB  CG2  sing N N 299 
THR CB  HB   sing N N 300 
THR OG1 HG1  sing N N 301 
THR CG2 HG21 sing N N 302 
THR CG2 HG22 sing N N 303 
THR CG2 HG23 sing N N 304 
THR OXT HXT  sing N N 305 
TRP N   CA   sing N N 306 
TRP N   H    sing N N 307 
TRP N   H2   sing N N 308 
TRP CA  C    sing N N 309 
TRP CA  CB   sing N N 310 
TRP CA  HA   sing N N 311 
TRP C   O    doub N N 312 
TRP C   OXT  sing N N 313 
TRP CB  CG   sing N N 314 
TRP CB  HB2  sing N N 315 
TRP CB  HB3  sing N N 316 
TRP CG  CD1  doub Y N 317 
TRP CG  CD2  sing Y N 318 
TRP CD1 NE1  sing Y N 319 
TRP CD1 HD1  sing N N 320 
TRP CD2 CE2  doub Y N 321 
TRP CD2 CE3  sing Y N 322 
TRP NE1 CE2  sing Y N 323 
TRP NE1 HE1  sing N N 324 
TRP CE2 CZ2  sing Y N 325 
TRP CE3 CZ3  doub Y N 326 
TRP CE3 HE3  sing N N 327 
TRP CZ2 CH2  doub Y N 328 
TRP CZ2 HZ2  sing N N 329 
TRP CZ3 CH2  sing Y N 330 
TRP CZ3 HZ3  sing N N 331 
TRP CH2 HH2  sing N N 332 
TRP OXT HXT  sing N N 333 
TYR N   CA   sing N N 334 
TYR N   H    sing N N 335 
TYR N   H2   sing N N 336 
TYR CA  C    sing N N 337 
TYR CA  CB   sing N N 338 
TYR CA  HA   sing N N 339 
TYR C   O    doub N N 340 
TYR C   OXT  sing N N 341 
TYR CB  CG   sing N N 342 
TYR CB  HB2  sing N N 343 
TYR CB  HB3  sing N N 344 
TYR CG  CD1  doub Y N 345 
TYR CG  CD2  sing Y N 346 
TYR CD1 CE1  sing Y N 347 
TYR CD1 HD1  sing N N 348 
TYR CD2 CE2  doub Y N 349 
TYR CD2 HD2  sing N N 350 
TYR CE1 CZ   doub Y N 351 
TYR CE1 HE1  sing N N 352 
TYR CE2 CZ   sing Y N 353 
TYR CE2 HE2  sing N N 354 
TYR CZ  OH   sing N N 355 
TYR OH  HH   sing N N 356 
TYR OXT HXT  sing N N 357 
VAL N   CA   sing N N 358 
VAL N   H    sing N N 359 
VAL N   H2   sing N N 360 
VAL CA  C    sing N N 361 
VAL CA  CB   sing N N 362 
VAL CA  HA   sing N N 363 
VAL C   O    doub N N 364 
VAL C   OXT  sing N N 365 
VAL CB  CG1  sing N N 366 
VAL CB  CG2  sing N N 367 
VAL CB  HB   sing N N 368 
VAL CG1 HG11 sing N N 369 
VAL CG1 HG12 sing N N 370 
VAL CG1 HG13 sing N N 371 
VAL CG2 HG21 sing N N 372 
VAL CG2 HG22 sing N N 373 
VAL CG2 HG23 sing N N 374 
VAL OXT HXT  sing N N 375 
# 
_atom_sites.entry_id                    2HAF 
_atom_sites.fract_transf_matrix[1][1]   0.00228638 
_atom_sites.fract_transf_matrix[1][2]   0.00214794 
_atom_sites.fract_transf_matrix[1][3]   0.01919744 
_atom_sites.fract_transf_matrix[2][1]   -0.01336571 
_atom_sites.fract_transf_matrix[2][2]   -0.00706932 
_atom_sites.fract_transf_matrix[2][3]   0.01223777 
_atom_sites.fract_transf_matrix[3][1]   0.00208821 
_atom_sites.fract_transf_matrix[3][2]   -0.00366816 
_atom_sites.fract_transf_matrix[3][3]   0.00016172 
_atom_sites.fract_transf_vector[1]      -0.201678 
_atom_sites.fract_transf_vector[2]      -0.308391 
_atom_sites.fract_transf_vector[3]      -0.022834 
# 
loop_
_atom_type.symbol 
C 
N 
O 
S 
# 
loop_
_atom_site.group_PDB 
_atom_site.id 
_atom_site.type_symbol 
_atom_site.label_atom_id 
_atom_site.label_alt_id 
_atom_site.label_comp_id 
_atom_site.label_asym_id 
_atom_site.label_entity_id 
_atom_site.label_seq_id 
_atom_site.pdbx_PDB_ins_code 
_atom_site.Cartn_x 
_atom_site.Cartn_y 
_atom_site.Cartn_z 
_atom_site.occupancy 
_atom_site.B_iso_or_equiv 
_atom_site.pdbx_formal_charge 
_atom_site.auth_seq_id 
_atom_site.auth_comp_id 
_atom_site.auth_asym_id 
_atom_site.auth_atom_id 
_atom_site.pdbx_PDB_model_num 
ATOM   1    N N   . SER A 1 8   ? -36.258 14.145  -0.750  1.00 63.44 ? 8   SER A N   1 
ATOM   2    C CA  . SER A 1 8   ? -36.721 13.306  0.426   1.00 64.82 ? 8   SER A CA  1 
ATOM   3    C C   . SER A 1 8   ? -36.854 11.817  0.105   1.00 64.86 ? 8   SER A C   1 
ATOM   4    O O   . SER A 1 8   ? -36.587 10.963  0.929   1.00 65.84 ? 8   SER A O   1 
ATOM   5    C CB  . SER A 1 8   ? -38.048 13.835  0.981   1.00 64.96 ? 8   SER A CB  1 
ATOM   6    O OG  . SER A 1 8   ? -37.869 14.986  1.795   1.00 64.26 ? 8   SER A OG  1 
ATOM   7    N N   . ASP A 1 9   ? -37.337 11.498  -1.083  1.00 63.46 ? 9   ASP A N   1 
ATOM   8    C CA  . ASP A 1 9   ? -37.384 10.110  -1.550  1.00 61.15 ? 9   ASP A CA  1 
ATOM   9    C C   . ASP A 1 9   ? -36.068 9.901   -2.328  1.00 59.76 ? 9   ASP A C   1 
ATOM   10   O O   . ASP A 1 9   ? -35.610 8.769   -2.576  1.00 59.35 ? 9   ASP A O   1 
ATOM   11   C CB  . ASP A 1 9   ? -38.580 9.862   -2.493  1.00 62.47 ? 9   ASP A CB  1 
ATOM   12   C CG  . ASP A 1 9   ? -39.883 9.656   -1.751  1.00 64.17 ? 9   ASP A CG  1 
ATOM   13   O OD1 . ASP A 1 9   ? -39.880 8.923   -0.740  1.00 64.08 ? 9   ASP A OD1 1 
ATOM   14   O OD2 . ASP A 1 9   ? -40.914 10.209  -2.196  1.00 63.59 ? 9   ASP A OD2 1 
ATOM   15   N N   . ILE A 1 10  ? -35.469 11.027  -2.708  1.00 58.81 ? 10  ILE A N   1 
ATOM   16   C CA  . ILE A 1 10  ? -34.202 11.044  -3.427  1.00 57.23 ? 10  ILE A CA  1 
ATOM   17   C C   . ILE A 1 10  ? -33.090 10.991  -2.401  1.00 57.21 ? 10  ILE A C   1 
ATOM   18   O O   . ILE A 1 10  ? -32.856 11.945  -1.662  1.00 55.38 ? 10  ILE A O   1 
ATOM   19   C CB  . ILE A 1 10  ? -34.036 12.321  -4.262  1.00 55.42 ? 10  ILE A CB  1 
ATOM   20   C CG1 . ILE A 1 10  ? -35.142 12.419  -5.306  1.00 54.35 ? 10  ILE A CG1 1 
ATOM   21   C CG2 . ILE A 1 10  ? -32.702 12.308  -4.939  1.00 54.10 ? 10  ILE A CG2 1 
ATOM   22   C CD1 . ILE A 1 10  ? -35.034 13.634  -6.192  1.00 53.51 ? 10  ILE A CD1 1 
ATOM   23   N N   . GLU A 1 11  ? -32.438 9.841   -2.352  1.00 59.25 ? 11  GLU A N   1 
ATOM   24   C CA  . GLU A 1 11  ? -31.348 9.599   -1.434  1.00 62.83 ? 11  GLU A CA  1 
ATOM   25   C C   . GLU A 1 11  ? -30.049 9.596   -2.211  1.00 64.96 ? 11  GLU A C   1 
ATOM   26   O O   . GLU A 1 11  ? -30.022 9.311   -3.406  1.00 65.70 ? 11  GLU A O   1 
ATOM   27   C CB  . GLU A 1 11  ? -31.541 8.247   -0.747  1.00 64.48 ? 11  GLU A CB  1 
ATOM   28   C CG  . GLU A 1 11  ? -32.885 8.099   -0.052  1.00 68.95 ? 11  GLU A CG  1 
ATOM   29   C CD  . GLU A 1 11  ? -33.087 6.729   0.585   1.00 71.73 ? 11  GLU A CD  1 
ATOM   30   O OE1 . GLU A 1 11  ? -33.312 5.735   -0.151  1.00 73.07 ? 11  GLU A OE1 1 
ATOM   31   O OE2 . GLU A 1 11  ? -33.022 6.653   1.832   1.00 72.70 ? 11  GLU A OE2 1 
ATOM   32   N N   . VAL A 1 12  ? -28.963 9.922   -1.528  1.00 67.37 ? 12  VAL A N   1 
ATOM   33   C CA  . VAL A 1 12  ? -27.657 9.943   -2.157  1.00 69.89 ? 12  VAL A CA  1 
ATOM   34   C C   . VAL A 1 12  ? -26.635 9.443   -1.143  1.00 73.10 ? 12  VAL A C   1 
ATOM   35   O O   . VAL A 1 12  ? -25.563 8.966   -1.512  1.00 75.35 ? 12  VAL A O   1 
ATOM   36   C CB  . VAL A 1 12  ? -27.293 11.371  -2.629  1.00 68.21 ? 12  VAL A CB  1 
ATOM   37   C CG1 . VAL A 1 12  ? -25.877 11.411  -3.166  1.00 67.90 ? 12  VAL A CG1 1 
ATOM   38   C CG2 . VAL A 1 12  ? -28.257 11.805  -3.713  1.00 67.56 ? 12  VAL A CG2 1 
ATOM   39   N N   . GLY A 1 13  ? -26.983 9.529   0.138   1.00 75.38 ? 13  GLY A N   1 
ATOM   40   C CA  . GLY A 1 13  ? -26.075 9.084   1.176   1.00 78.22 ? 13  GLY A CA  1 
ATOM   41   C C   . GLY A 1 13  ? -24.860 9.985   1.213   1.00 80.86 ? 13  GLY A C   1 
ATOM   42   O O   . GLY A 1 13  ? -24.232 10.237  0.187   1.00 80.69 ? 13  GLY A O   1 
ATOM   43   N N   . HIS A 1 14  ? -24.524 10.484  2.395   1.00 84.07 ? 14  HIS A N   1 
ATOM   44   C CA  . HIS A 1 14  ? -23.376 11.370  2.527   1.00 87.07 ? 14  HIS A CA  1 
ATOM   45   C C   . HIS A 1 14  ? -22.128 10.641  2.031   1.00 87.81 ? 14  HIS A C   1 
ATOM   46   O O   . HIS A 1 14  ? -21.141 11.271  1.638   1.00 87.51 ? 14  HIS A O   1 
ATOM   47   C CB  . HIS A 1 14  ? -23.191 11.786  3.988   1.00 88.91 ? 14  HIS A CB  1 
ATOM   48   C CG  . HIS A 1 14  ? -24.471 11.895  4.758   1.00 90.28 ? 14  HIS A CG  1 
ATOM   49   N ND1 . HIS A 1 14  ? -25.303 10.816  4.975   1.00 90.54 ? 14  HIS A ND1 1 
ATOM   50   C CD2 . HIS A 1 14  ? -25.045 12.946  5.392   1.00 91.09 ? 14  HIS A CD2 1 
ATOM   51   C CE1 . HIS A 1 14  ? -26.331 11.195  5.713   1.00 90.98 ? 14  HIS A CE1 1 
ATOM   52   N NE2 . HIS A 1 14  ? -26.199 12.483  5.980   1.00 91.33 ? 14  HIS A NE2 1 
ATOM   53   N N   . SER A 1 15  ? -22.193 9.309   2.055   1.00 88.67 ? 15  SER A N   1 
ATOM   54   C CA  . SER A 1 15  ? -21.093 8.451   1.608   1.00 89.69 ? 15  SER A CA  1 
ATOM   55   C C   . SER A 1 15  ? -19.732 8.908   2.144   1.00 89.58 ? 15  SER A C   1 
ATOM   56   O O   . SER A 1 15  ? -19.652 9.581   3.176   1.00 90.26 ? 15  SER A O   1 
ATOM   57   C CB  . SER A 1 15  ? -21.048 8.410   0.072   1.00 90.02 ? 15  SER A CB  1 
ATOM   58   O OG  . SER A 1 15  ? -20.653 9.665   -0.473  1.00 89.64 ? 15  SER A OG  1 
ATOM   59   N N   . MET A 1 16  ? -18.671 8.519   1.437   1.00 88.35 ? 16  MET A N   1 
ATOM   60   C CA  . MET A 1 16  ? -17.300 8.881   1.795   1.00 86.41 ? 16  MET A CA  1 
ATOM   61   C C   . MET A 1 16  ? -16.296 8.195   0.865   1.00 84.54 ? 16  MET A C   1 
ATOM   62   O O   . MET A 1 16  ? -15.417 8.853   0.298   1.00 85.01 ? 16  MET A O   1 
ATOM   63   C CB  . MET A 1 16  ? -17.000 8.508   3.259   1.00 88.07 ? 16  MET A CB  1 
ATOM   64   C CG  . MET A 1 16  ? -16.585 7.055   3.506   1.00 90.10 ? 16  MET A CG  1 
ATOM   65   S SD  . MET A 1 16  ? -17.850 5.807   3.188   1.00 93.66 ? 16  MET A SD  1 
ATOM   66   C CE  . MET A 1 16  ? -18.128 5.170   4.873   1.00 91.72 ? 16  MET A CE  1 
ATOM   67   N N   . ASN A 1 17  ? -16.455 6.878   0.704   1.00 80.79 ? 17  ASN A N   1 
ATOM   68   C CA  . ASN A 1 17  ? -15.591 6.028   -0.122  1.00 76.97 ? 17  ASN A CA  1 
ATOM   69   C C   . ASN A 1 17  ? -14.092 6.308   0.035   1.00 74.20 ? 17  ASN A C   1 
ATOM   70   O O   . ASN A 1 17  ? -13.533 7.209   -0.599  1.00 74.10 ? 17  ASN A O   1 
ATOM   71   C CB  . ASN A 1 17  ? -15.969 6.118   -1.602  1.00 75.92 ? 17  ASN A CB  1 
ATOM   72   C CG  . ASN A 1 17  ? -15.234 5.086   -2.439  1.00 75.32 ? 17  ASN A CG  1 
ATOM   73   O OD1 . ASN A 1 17  ? -15.275 3.888   -2.141  1.00 73.62 ? 17  ASN A OD1 1 
ATOM   74   N ND2 . ASN A 1 17  ? -14.552 5.541   -3.485  1.00 74.42 ? 17  ASN A ND2 1 
ATOM   75   N N   . LEU A 1 18  ? -13.446 5.499   0.865   1.00 70.08 ? 18  LEU A N   1 
ATOM   76   C CA  . LEU A 1 18  ? -12.029 5.652   1.151   1.00 66.00 ? 18  LEU A CA  1 
ATOM   77   C C   . LEU A 1 18  ? -11.047 4.961   0.209   1.00 63.87 ? 18  LEU A C   1 
ATOM   78   O O   . LEU A 1 18  ? -9.912  4.706   0.605   1.00 64.16 ? 18  LEU A O   1 
ATOM   79   C CB  . LEU A 1 18  ? -11.751 5.194   2.587   1.00 65.35 ? 18  LEU A CB  1 
ATOM   80   C CG  . LEU A 1 18  ? -12.043 6.142   3.760   1.00 64.56 ? 18  LEU A CG  1 
ATOM   81   C CD1 . LEU A 1 18  ? -13.386 6.803   3.606   1.00 64.10 ? 18  LEU A CD1 1 
ATOM   82   C CD2 . LEU A 1 18  ? -11.990 5.356   5.055   1.00 63.84 ? 18  LEU A CD2 1 
ATOM   83   N N   . THR A 1 19  ? -11.439 4.643   -1.021  1.00 60.41 ? 19  THR A N   1 
ATOM   84   C CA  . THR A 1 19  ? -10.453 4.005   -1.887  1.00 58.31 ? 19  THR A CA  1 
ATOM   85   C C   . THR A 1 19  ? -9.542  5.134   -2.343  1.00 55.09 ? 19  THR A C   1 
ATOM   86   O O   . THR A 1 19  ? -9.971  6.284   -2.427  1.00 52.93 ? 19  THR A O   1 
ATOM   87   C CB  . THR A 1 19  ? -11.076 3.258   -3.115  1.00 59.13 ? 19  THR A CB  1 
ATOM   88   O OG1 . THR A 1 19  ? -11.266 4.168   -4.202  1.00 60.62 ? 19  THR A OG1 1 
ATOM   89   C CG2 . THR A 1 19  ? -12.406 2.611   -2.736  1.00 58.35 ? 19  THR A CG2 1 
ATOM   90   N N   . ASN A 1 20  ? -8.288  4.798   -2.626  1.00 52.54 ? 20  ASN A N   1 
ATOM   91   C CA  . ASN A 1 20  ? -7.279  5.781   -3.010  1.00 50.65 ? 20  ASN A CA  1 
ATOM   92   C C   . ASN A 1 20  ? -7.144  6.829   -1.903  1.00 48.95 ? 20  ASN A C   1 
ATOM   93   O O   . ASN A 1 20  ? -6.900  8.013   -2.155  1.00 47.52 ? 20  ASN A O   1 
ATOM   94   C CB  . ASN A 1 20  ? -7.612  6.472   -4.332  1.00 49.79 ? 20  ASN A CB  1 
ATOM   95   C CG  . ASN A 1 20  ? -6.505  7.421   -4.773  1.00 49.93 ? 20  ASN A CG  1 
ATOM   96   O OD1 . ASN A 1 20  ? -5.325  7.099   -4.656  1.00 51.59 ? 20  ASN A OD1 1 
ATOM   97   N ND2 . ASN A 1 20  ? -6.877  8.587   -5.277  1.00 49.22 ? 20  ASN A ND2 1 
ATOM   98   N N   . HIS A 1 21  ? -7.311  6.364   -0.670  1.00 46.42 ? 21  HIS A N   1 
ATOM   99   C CA  . HIS A 1 21  ? -7.211  7.205   0.511   1.00 44.36 ? 21  HIS A CA  1 
ATOM   100  C C   . HIS A 1 21  ? -6.247  6.548   1.486   1.00 42.93 ? 21  HIS A C   1 
ATOM   101  O O   . HIS A 1 21  ? -6.119  5.318   1.510   1.00 42.39 ? 21  HIS A O   1 
ATOM   102  C CB  . HIS A 1 21  ? -8.589  7.348   1.171   1.00 44.72 ? 21  HIS A CB  1 
ATOM   103  C CG  . HIS A 1 21  ? -9.380  8.519   0.677   1.00 43.78 ? 21  HIS A CG  1 
ATOM   104  N ND1 . HIS A 1 21  ? -9.392  8.904   -0.646  1.00 43.91 ? 21  HIS A ND1 1 
ATOM   105  C CD2 . HIS A 1 21  ? -10.159 9.407   1.336   1.00 42.96 ? 21  HIS A CD2 1 
ATOM   106  C CE1 . HIS A 1 21  ? -10.141 9.984   -0.779  1.00 43.56 ? 21  HIS A CE1 1 
ATOM   107  N NE2 . HIS A 1 21  ? -10.618 10.309  0.408   1.00 43.41 ? 21  HIS A NE2 1 
ATOM   108  N N   . PHE A 1 22  ? -5.567  7.369   2.281   1.00 40.39 ? 22  PHE A N   1 
ATOM   109  C CA  . PHE A 1 22  ? -4.639  6.858   3.282   1.00 39.21 ? 22  PHE A CA  1 
ATOM   110  C C   . PHE A 1 22  ? -5.329  6.801   4.638   1.00 38.85 ? 22  PHE A C   1 
ATOM   111  O O   . PHE A 1 22  ? -6.071  7.709   5.000   1.00 41.26 ? 22  PHE A O   1 
ATOM   112  C CB  . PHE A 1 22  ? -3.423  7.780   3.457   1.00 38.45 ? 22  PHE A CB  1 
ATOM   113  C CG  . PHE A 1 22  ? -2.387  7.685   2.371   1.00 37.36 ? 22  PHE A CG  1 
ATOM   114  C CD1 . PHE A 1 22  ? -1.940  6.450   1.907   1.00 36.61 ? 22  PHE A CD1 1 
ATOM   115  C CD2 . PHE A 1 22  ? -1.813  8.841   1.853   1.00 35.36 ? 22  PHE A CD2 1 
ATOM   116  C CE1 . PHE A 1 22  ? -0.933  6.364   0.942   1.00 35.41 ? 22  PHE A CE1 1 
ATOM   117  C CE2 . PHE A 1 22  ? -0.806  8.769   0.891   1.00 37.74 ? 22  PHE A CE2 1 
ATOM   118  C CZ  . PHE A 1 22  ? -0.364  7.521   0.432   1.00 35.76 ? 22  PHE A CZ  1 
ATOM   119  N N   . LEU A 1 23  ? -5.103  5.740   5.387   1.00 38.02 ? 23  LEU A N   1 
ATOM   120  C CA  . LEU A 1 23  ? -5.647  5.680   6.734   1.00 39.30 ? 23  LEU A CA  1 
ATOM   121  C C   . LEU A 1 23  ? -4.429  5.997   7.599   1.00 40.65 ? 23  LEU A C   1 
ATOM   122  O O   . LEU A 1 23  ? -3.413  5.302   7.518   1.00 43.38 ? 23  LEU A O   1 
ATOM   123  C CB  . LEU A 1 23  ? -6.171  4.288   7.077   1.00 38.89 ? 23  LEU A CB  1 
ATOM   124  C CG  . LEU A 1 23  ? -7.510  3.881   6.468   1.00 38.04 ? 23  LEU A CG  1 
ATOM   125  C CD1 . LEU A 1 23  ? -7.952  2.551   7.074   1.00 36.87 ? 23  LEU A CD1 1 
ATOM   126  C CD2 . LEU A 1 23  ? -8.543  4.964   6.730   1.00 35.83 ? 23  LEU A CD2 1 
ATOM   127  N N   . VAL A 1 24  ? -4.508  7.045   8.409   1.00 39.18 ? 24  VAL A N   1 
ATOM   128  C CA  . VAL A 1 24  ? -3.381  7.418   9.246   1.00 38.49 ? 24  VAL A CA  1 
ATOM   129  C C   . VAL A 1 24  ? -3.630  7.030   10.694  1.00 40.15 ? 24  VAL A C   1 
ATOM   130  O O   . VAL A 1 24  ? -4.527  7.568   11.333  1.00 41.79 ? 24  VAL A O   1 
ATOM   131  C CB  . VAL A 1 24  ? -3.131  8.938   9.160   1.00 37.38 ? 24  VAL A CB  1 
ATOM   132  C CG1 . VAL A 1 24  ? -1.919  9.319   9.978   1.00 33.77 ? 24  VAL A CG1 1 
ATOM   133  C CG2 . VAL A 1 24  ? -2.948  9.346   7.704   1.00 35.99 ? 24  VAL A CG2 1 
ATOM   134  N N   . ALA A 1 25  ? -2.843  6.094   11.212  1.00 41.66 ? 25  ALA A N   1 
ATOM   135  C CA  . ALA A 1 25  ? -2.996  5.664   12.596  1.00 43.86 ? 25  ALA A CA  1 
ATOM   136  C C   . ALA A 1 25  ? -2.944  6.880   13.516  1.00 47.70 ? 25  ALA A C   1 
ATOM   137  O O   . ALA A 1 25  ? -2.115  7.771   13.336  1.00 47.76 ? 25  ALA A O   1 
ATOM   138  C CB  . ALA A 1 25  ? -1.892  4.689   12.966  1.00 40.66 ? 25  ALA A CB  1 
ATOM   139  N N   . MET A 1 26  ? -3.838  6.919   14.499  1.00 52.74 ? 26  MET A N   1 
ATOM   140  C CA  . MET A 1 26  ? -3.880  8.024   15.451  1.00 57.23 ? 26  MET A CA  1 
ATOM   141  C C   . MET A 1 26  ? -3.327  7.600   16.809  1.00 57.89 ? 26  MET A C   1 
ATOM   142  O O   . MET A 1 26  ? -3.419  6.427   17.172  1.00 59.72 ? 26  MET A O   1 
ATOM   143  C CB  . MET A 1 26  ? -5.320  8.509   15.628  1.00 62.34 ? 26  MET A CB  1 
ATOM   144  C CG  . MET A 1 26  ? -5.470  9.582   16.706  1.00 69.46 ? 26  MET A CG  1 
ATOM   145  S SD  . MET A 1 26  ? -7.128  10.256  16.871  1.00 76.82 ? 26  MET A SD  1 
ATOM   146  C CE  . MET A 1 26  ? -7.267  11.166  15.287  1.00 74.66 ? 26  MET A CE  1 
ATOM   147  N N   . PRO A 1 27  ? -2.733  8.543   17.572  1.00 58.64 ? 27  PRO A N   1 
ATOM   148  C CA  . PRO A 1 27  ? -2.177  8.239   18.897  1.00 58.70 ? 27  PRO A CA  1 
ATOM   149  C C   . PRO A 1 27  ? -3.030  7.240   19.689  1.00 59.35 ? 27  PRO A C   1 
ATOM   150  O O   . PRO A 1 27  ? -2.503  6.313   20.301  1.00 57.51 ? 27  PRO A O   1 
ATOM   151  C CB  . PRO A 1 27  ? -2.112  9.611   19.536  1.00 58.48 ? 27  PRO A CB  1 
ATOM   152  C CG  . PRO A 1 27  ? -1.636  10.450  18.374  1.00 57.64 ? 27  PRO A CG  1 
ATOM   153  C CD  . PRO A 1 27  ? -2.475  9.953   17.215  1.00 58.17 ? 27  PRO A CD  1 
ATOM   154  N N   . SER A 1 28  ? -4.348  7.425   19.665  1.00 61.68 ? 28  SER A N   1 
ATOM   155  C CA  . SER A 1 28  ? -5.251  6.501   20.352  1.00 63.20 ? 28  SER A CA  1 
ATOM   156  C C   . SER A 1 28  ? -5.589  5.303   19.440  1.00 64.31 ? 28  SER A C   1 
ATOM   157  O O   . SER A 1 28  ? -6.758  5.055   19.122  1.00 64.13 ? 28  SER A O   1 
ATOM   158  C CB  . SER A 1 28  ? -6.544  7.221   20.810  1.00 62.48 ? 28  SER A CB  1 
ATOM   159  O OG  . SER A 1 28  ? -7.339  7.682   19.729  1.00 60.47 ? 28  SER A OG  1 
ATOM   160  N N   . MET A 1 29  ? -4.545  4.578   19.023  1.00 65.74 ? 29  MET A N   1 
ATOM   161  C CA  . MET A 1 29  ? -4.669  3.391   18.164  1.00 66.92 ? 29  MET A CA  1 
ATOM   162  C C   . MET A 1 29  ? -4.484  2.131   19.016  1.00 67.35 ? 29  MET A C   1 
ATOM   163  O O   . MET A 1 29  ? -3.543  2.060   19.808  1.00 67.76 ? 29  MET A O   1 
ATOM   164  C CB  . MET A 1 29  ? -3.596  3.420   17.064  1.00 66.81 ? 29  MET A CB  1 
ATOM   165  C CG  . MET A 1 29  ? -3.469  2.134   16.246  1.00 66.89 ? 29  MET A CG  1 
ATOM   166  S SD  . MET A 1 29  ? -4.921  1.728   15.221  1.00 70.21 ? 29  MET A SD  1 
ATOM   167  C CE  . MET A 1 29  ? -5.636  0.299   16.099  1.00 68.80 ? 29  MET A CE  1 
ATOM   168  N N   . LYS A 1 30  ? -5.369  1.145   18.856  1.00 67.39 ? 30  LYS A N   1 
ATOM   169  C CA  . LYS A 1 30  ? -5.289  -0.102  19.630  1.00 67.60 ? 30  LYS A CA  1 
ATOM   170  C C   . LYS A 1 30  ? -4.300  -1.143  19.068  1.00 67.97 ? 30  LYS A C   1 
ATOM   171  O O   . LYS A 1 30  ? -3.149  -1.213  19.516  1.00 67.94 ? 30  LYS A O   1 
ATOM   172  C CB  . LYS A 1 30  ? -6.674  -0.718  19.761  1.00 66.64 ? 30  LYS A CB  1 
ATOM   173  N N   . ASP A 1 31  ? -4.752  -1.944  18.099  1.00 67.51 ? 31  ASP A N   1 
ATOM   174  C CA  . ASP A 1 31  ? -3.924  -2.984  17.468  1.00 66.84 ? 31  ASP A CA  1 
ATOM   175  C C   . ASP A 1 31  ? -2.486  -2.465  17.271  1.00 64.77 ? 31  ASP A C   1 
ATOM   176  O O   . ASP A 1 31  ? -2.181  -1.855  16.245  1.00 64.61 ? 31  ASP A O   1 
ATOM   177  C CB  . ASP A 1 31  ? -4.548  -3.392  16.107  1.00 67.96 ? 31  ASP A CB  1 
ATOM   178  C CG  . ASP A 1 31  ? -4.238  -4.857  15.704  1.00 69.79 ? 31  ASP A CG  1 
ATOM   179  O OD1 . ASP A 1 31  ? -4.798  -5.345  14.693  1.00 67.13 ? 31  ASP A OD1 1 
ATOM   180  O OD2 . ASP A 1 31  ? -3.433  -5.528  16.391  1.00 72.56 ? 31  ASP A OD2 1 
ATOM   181  N N   . PRO A 1 32  ? -1.586  -2.724  18.249  1.00 62.63 ? 32  PRO A N   1 
ATOM   182  C CA  . PRO A 1 32  ? -0.176  -2.298  18.237  1.00 60.44 ? 32  PRO A CA  1 
ATOM   183  C C   . PRO A 1 32  ? 0.462   -2.511  16.872  1.00 58.01 ? 32  PRO A C   1 
ATOM   184  O O   . PRO A 1 32  ? 1.393   -1.816  16.479  1.00 56.53 ? 32  PRO A O   1 
ATOM   185  C CB  . PRO A 1 32  ? 0.468   -3.181  19.307  1.00 60.45 ? 32  PRO A CB  1 
ATOM   186  C CG  . PRO A 1 32  ? -0.655  -3.457  20.240  1.00 61.16 ? 32  PRO A CG  1 
ATOM   187  C CD  . PRO A 1 32  ? -1.800  -3.735  19.301  1.00 61.73 ? 32  PRO A CD  1 
ATOM   188  N N   . TYR A 1 33  ? -0.060  -3.508  16.174  1.00 56.09 ? 33  TYR A N   1 
ATOM   189  C CA  . TYR A 1 33  ? 0.390   -3.863  14.845  1.00 54.05 ? 33  TYR A CA  1 
ATOM   190  C C   . TYR A 1 33  ? 0.351   -2.607  13.967  1.00 52.60 ? 33  TYR A C   1 
ATOM   191  O O   . TYR A 1 33  ? 1.250   -2.375  13.151  1.00 52.32 ? 33  TYR A O   1 
ATOM   192  C CB  . TYR A 1 33  ? -0.571  -4.908  14.287  1.00 55.58 ? 33  TYR A CB  1 
ATOM   193  C CG  . TYR A 1 33  ? -0.117  -5.593  13.027  1.00 57.20 ? 33  TYR A CG  1 
ATOM   194  C CD1 . TYR A 1 33  ? 0.707   -6.715  13.084  1.00 57.56 ? 33  TYR A CD1 1 
ATOM   195  C CD2 . TYR A 1 33  ? -0.539  -5.144  11.779  1.00 56.53 ? 33  TYR A CD2 1 
ATOM   196  C CE1 . TYR A 1 33  ? 1.092   -7.378  11.930  1.00 57.58 ? 33  TYR A CE1 1 
ATOM   197  C CE2 . TYR A 1 33  ? -0.154  -5.801  10.614  1.00 56.83 ? 33  TYR A CE2 1 
ATOM   198  C CZ  . TYR A 1 33  ? 0.657   -6.918  10.698  1.00 56.87 ? 33  TYR A CZ  1 
ATOM   199  O OH  . TYR A 1 33  ? 1.020   -7.592  9.553   1.00 56.72 ? 33  TYR A OH  1 
ATOM   200  N N   . PHE A 1 34  ? -0.698  -1.801  14.151  1.00 48.90 ? 34  PHE A N   1 
ATOM   201  C CA  . PHE A 1 34  ? -0.897  -0.586  13.370  1.00 44.42 ? 34  PHE A CA  1 
ATOM   202  C C   . PHE A 1 34  ? -0.421  0.710   14.017  1.00 44.01 ? 34  PHE A C   1 
ATOM   203  O O   . PHE A 1 34  ? -0.645  1.796   13.466  1.00 43.11 ? 34  PHE A O   1 
ATOM   204  C CB  . PHE A 1 34  ? -2.375  -0.445  13.006  1.00 40.29 ? 34  PHE A CB  1 
ATOM   205  C CG  . PHE A 1 34  ? -2.912  -1.600  12.224  1.00 37.82 ? 34  PHE A CG  1 
ATOM   206  C CD1 . PHE A 1 34  ? -3.751  -2.525  12.822  1.00 34.50 ? 34  PHE A CD1 1 
ATOM   207  C CD2 . PHE A 1 34  ? -2.559  -1.779  10.884  1.00 37.99 ? 34  PHE A CD2 1 
ATOM   208  C CE1 . PHE A 1 34  ? -4.231  -3.611  12.111  1.00 31.48 ? 34  PHE A CE1 1 
ATOM   209  C CE2 . PHE A 1 34  ? -3.039  -2.871  10.160  1.00 35.32 ? 34  PHE A CE2 1 
ATOM   210  C CZ  . PHE A 1 34  ? -3.877  -3.787  10.781  1.00 32.30 ? 34  PHE A CZ  1 
ATOM   211  N N   . LYS A 1 35  ? 0.237   0.604   15.171  1.00 42.88 ? 35  LYS A N   1 
ATOM   212  C CA  . LYS A 1 35  ? 0.729   1.789   15.865  1.00 41.43 ? 35  LYS A CA  1 
ATOM   213  C C   . LYS A 1 35  ? 1.626   2.594   14.933  1.00 41.16 ? 35  LYS A C   1 
ATOM   214  O O   . LYS A 1 35  ? 2.730   2.167   14.604  1.00 39.56 ? 35  LYS A O   1 
ATOM   215  C CB  . LYS A 1 35  ? 1.497   1.385   17.115  1.00 41.55 ? 35  LYS A CB  1 
ATOM   216  N N   . ARG A 1 36  ? 1.128   3.757   14.513  1.00 41.78 ? 36  ARG A N   1 
ATOM   217  C CA  . ARG A 1 36  ? 1.843   4.669   13.616  1.00 41.66 ? 36  ARG A CA  1 
ATOM   218  C C   . ARG A 1 36  ? 1.983   4.131   12.209  1.00 39.19 ? 36  ARG A C   1 
ATOM   219  O O   . ARG A 1 36  ? 3.056   4.198   11.611  1.00 40.60 ? 36  ARG A O   1 
ATOM   220  C CB  . ARG A 1 36  ? 3.237   4.994   14.155  1.00 44.16 ? 36  ARG A CB  1 
ATOM   221  C CG  . ARG A 1 36  ? 3.251   5.780   15.433  1.00 47.12 ? 36  ARG A CG  1 
ATOM   222  C CD  . ARG A 1 36  ? 4.172   6.958   15.298  1.00 52.51 ? 36  ARG A CD  1 
ATOM   223  N NE  . ARG A 1 36  ? 4.693   7.383   16.594  1.00 59.11 ? 36  ARG A NE  1 
ATOM   224  C CZ  . ARG A 1 36  ? 5.482   6.632   17.359  1.00 60.90 ? 36  ARG A CZ  1 
ATOM   225  N NH1 . ARG A 1 36  ? 5.839   5.416   16.954  1.00 62.17 ? 36  ARG A NH1 1 
ATOM   226  N NH2 . ARG A 1 36  ? 5.920   7.098   18.521  1.00 61.35 ? 36  ARG A NH2 1 
ATOM   227  N N   . SER A 1 37  ? 0.891   3.606   11.677  1.00 36.25 ? 37  SER A N   1 
ATOM   228  C CA  . SER A 1 37  ? 0.883   3.051   10.334  1.00 32.26 ? 37  SER A CA  1 
ATOM   229  C C   . SER A 1 37  ? 0.187   3.998   9.379   1.00 30.49 ? 37  SER A C   1 
ATOM   230  O O   . SER A 1 37  ? -0.565  4.875   9.790   1.00 30.62 ? 37  SER A O   1 
ATOM   231  C CB  . SER A 1 37  ? 0.138   1.721   10.340  1.00 31.55 ? 37  SER A CB  1 
ATOM   232  O OG  . SER A 1 37  ? -1.192  1.891   10.813  1.00 29.81 ? 37  SER A OG  1 
ATOM   233  N N   . VAL A 1 38  ? 0.473   3.846   8.098   1.00 30.32 ? 38  VAL A N   1 
ATOM   234  C CA  . VAL A 1 38  ? -0.185  4.647   7.073   1.00 31.24 ? 38  VAL A CA  1 
ATOM   235  C C   . VAL A 1 38  ? -0.680  3.570   6.126   1.00 33.48 ? 38  VAL A C   1 
ATOM   236  O O   . VAL A 1 38  ? 0.091   2.699   5.693   1.00 34.62 ? 38  VAL A O   1 
ATOM   237  C CB  . VAL A 1 38  ? 0.774   5.604   6.321   1.00 28.96 ? 38  VAL A CB  1 
ATOM   238  C CG1 . VAL A 1 38  ? 0.017   6.292   5.195   1.00 28.12 ? 38  VAL A CG1 1 
ATOM   239  C CG2 . VAL A 1 38  ? 1.324   6.657   7.265   1.00 27.28 ? 38  VAL A CG2 1 
ATOM   240  N N   . ILE A 1 39  ? -1.965  3.598   5.816   1.00 33.78 ? 39  ILE A N   1 
ATOM   241  C CA  . ILE A 1 39  ? -2.490  2.560   4.958   1.00 34.94 ? 39  ILE A CA  1 
ATOM   242  C C   . ILE A 1 39  ? -3.161  3.055   3.697   1.00 35.75 ? 39  ILE A C   1 
ATOM   243  O O   . ILE A 1 39  ? -4.049  3.909   3.740   1.00 36.24 ? 39  ILE A O   1 
ATOM   244  C CB  . ILE A 1 39  ? -3.476  1.667   5.734   1.00 33.46 ? 39  ILE A CB  1 
ATOM   245  C CG1 . ILE A 1 39  ? -2.780  1.088   6.970   1.00 32.25 ? 39  ILE A CG1 1 
ATOM   246  C CG2 . ILE A 1 39  ? -3.966  0.546   4.840   1.00 33.65 ? 39  ILE A CG2 1 
ATOM   247  C CD1 . ILE A 1 39  ? -3.681  0.255   7.857   1.00 30.68 ? 39  ILE A CD1 1 
ATOM   248  N N   . TYR A 1 40  ? -2.716  2.520   2.567   1.00 36.88 ? 40  TYR A N   1 
ATOM   249  C CA  . TYR A 1 40  ? -3.314  2.887   1.302   1.00 38.46 ? 40  TYR A CA  1 
ATOM   250  C C   . TYR A 1 40  ? -4.507  1.983   1.139   1.00 40.64 ? 40  TYR A C   1 
ATOM   251  O O   . TYR A 1 40  ? -4.366  0.750   1.135   1.00 39.66 ? 40  TYR A O   1 
ATOM   252  C CB  . TYR A 1 40  ? -2.370  2.652   0.137   1.00 37.55 ? 40  TYR A CB  1 
ATOM   253  C CG  . TYR A 1 40  ? -2.973  3.101   -1.164  1.00 36.15 ? 40  TYR A CG  1 
ATOM   254  C CD1 . TYR A 1 40  ? -3.465  2.185   -2.086  1.00 37.38 ? 40  TYR A CD1 1 
ATOM   255  C CD2 . TYR A 1 40  ? -3.065  4.453   -1.464  1.00 36.12 ? 40  TYR A CD2 1 
ATOM   256  C CE1 . TYR A 1 40  ? -4.034  2.613   -3.292  1.00 37.42 ? 40  TYR A CE1 1 
ATOM   257  C CE2 . TYR A 1 40  ? -3.625  4.891   -2.652  1.00 36.98 ? 40  TYR A CE2 1 
ATOM   258  C CZ  . TYR A 1 40  ? -4.106  3.971   -3.564  1.00 37.39 ? 40  TYR A CZ  1 
ATOM   259  O OH  . TYR A 1 40  ? -4.629  4.428   -4.755  1.00 37.19 ? 40  TYR A OH  1 
ATOM   260  N N   . ILE A 1 41  ? -5.683  2.591   1.025   1.00 42.22 ? 41  ILE A N   1 
ATOM   261  C CA  . ILE A 1 41  ? -6.899  1.816   0.864   1.00 44.08 ? 41  ILE A CA  1 
ATOM   262  C C   . ILE A 1 41  ? -7.183  1.516   -0.605  1.00 46.01 ? 41  ILE A C   1 
ATOM   263  O O   . ILE A 1 41  ? -7.370  2.420   -1.433  1.00 44.65 ? 41  ILE A O   1 
ATOM   264  C CB  . ILE A 1 41  ? -8.082  2.523   1.526   1.00 42.55 ? 41  ILE A CB  1 
ATOM   265  C CG1 . ILE A 1 41  ? -7.794  2.660   3.021   1.00 40.87 ? 41  ILE A CG1 1 
ATOM   266  C CG2 . ILE A 1 41  ? -9.367  1.743   1.297   1.00 41.65 ? 41  ILE A CG2 1 
ATOM   267  C CD1 . ILE A 1 41  ? -7.419  1.347   3.697   1.00 39.43 ? 41  ILE A CD1 1 
ATOM   268  N N   . CYS A 1 42  ? -7.188  0.217   -0.898  1.00 48.16 ? 42  CYS A N   1 
ATOM   269  C CA  . CYS A 1 42  ? -7.406  -0.305  -2.237  1.00 51.03 ? 42  CYS A CA  1 
ATOM   270  C C   . CYS A 1 42  ? -8.856  -0.487  -2.596  1.00 52.04 ? 42  CYS A C   1 
ATOM   271  O O   . CYS A 1 42  ? -9.341  0.086   -3.568  1.00 51.58 ? 42  CYS A O   1 
ATOM   272  C CB  . CYS A 1 42  ? -6.701  -1.637  -2.376  1.00 51.35 ? 42  CYS A CB  1 
ATOM   273  S SG  . CYS A 1 42  ? -4.957  -1.420  -2.431  1.00 56.14 ? 42  CYS A SG  1 
ATOM   274  N N   . GLU A 1 43  ? -9.541  -1.308  -1.813  1.00 54.08 ? 43  GLU A N   1 
ATOM   275  C CA  . GLU A 1 43  ? -10.942 -1.568  -2.056  1.00 56.85 ? 43  GLU A CA  1 
ATOM   276  C C   . GLU A 1 43  ? -11.789 -1.149  -0.864  1.00 57.84 ? 43  GLU A C   1 
ATOM   277  O O   . GLU A 1 43  ? -11.387 -1.298  0.287   1.00 57.21 ? 43  GLU A O   1 
ATOM   278  C CB  . GLU A 1 43  ? -11.150 -3.048  -2.346  1.00 58.31 ? 43  GLU A CB  1 
ATOM   279  C CG  . GLU A 1 43  ? -12.497 -3.365  -2.962  1.00 60.45 ? 43  GLU A CG  1 
ATOM   280  C CD  . GLU A 1 43  ? -12.690 -4.845  -3.180  1.00 61.89 ? 43  GLU A CD  1 
ATOM   281  O OE1 . GLU A 1 43  ? -12.833 -5.567  -2.168  1.00 63.08 ? 43  GLU A OE1 1 
ATOM   282  O OE2 . GLU A 1 43  ? -12.691 -5.284  -4.355  1.00 62.68 ? 43  GLU A OE2 1 
ATOM   283  N N   . HIS A 1 44  ? -12.970 -0.622  -1.150  1.00 59.67 ? 44  HIS A N   1 
ATOM   284  C CA  . HIS A 1 44  ? -13.861 -0.182  -0.096  1.00 62.77 ? 44  HIS A CA  1 
ATOM   285  C C   . HIS A 1 44  ? -15.318 -0.236  -0.546  1.00 64.69 ? 44  HIS A C   1 
ATOM   286  O O   . HIS A 1 44  ? -15.903 0.779   -0.925  1.00 64.78 ? 44  HIS A O   1 
ATOM   287  C CB  . HIS A 1 44  ? -13.502 1.240   0.308   1.00 62.92 ? 44  HIS A CB  1 
ATOM   288  C CG  . HIS A 1 44  ? -14.310 1.763   1.448   1.00 63.39 ? 44  HIS A CG  1 
ATOM   289  N ND1 . HIS A 1 44  ? -14.492 3.110   1.673   1.00 64.42 ? 44  HIS A ND1 1 
ATOM   290  C CD2 . HIS A 1 44  ? -14.960 1.122   2.447   1.00 63.84 ? 44  HIS A CD2 1 
ATOM   291  C CE1 . HIS A 1 44  ? -15.217 3.277   2.764   1.00 64.93 ? 44  HIS A CE1 1 
ATOM   292  N NE2 . HIS A 1 44  ? -15.514 2.086   3.254   1.00 64.45 ? 44  HIS A NE2 1 
ATOM   293  N N   . ASN A 1 45  ? -15.895 -1.432  -0.507  1.00 66.83 ? 45  ASN A N   1 
ATOM   294  C CA  . ASN A 1 45  ? -17.282 -1.641  -0.903  1.00 68.32 ? 45  ASN A CA  1 
ATOM   295  C C   . ASN A 1 45  ? -18.084 -1.983  0.343   1.00 70.07 ? 45  ASN A C   1 
ATOM   296  O O   . ASN A 1 45  ? -17.660 -1.698  1.465   1.00 69.89 ? 45  ASN A O   1 
ATOM   297  C CB  . ASN A 1 45  ? -17.384 -2.793  -1.898  1.00 67.93 ? 45  ASN A CB  1 
ATOM   298  C CG  . ASN A 1 45  ? -16.807 -4.086  -1.345  1.00 69.25 ? 45  ASN A CG  1 
ATOM   299  O OD1 . ASN A 1 45  ? -17.186 -4.532  -0.267  1.00 68.97 ? 45  ASN A OD1 1 
ATOM   300  N ND2 . ASN A 1 45  ? -15.883 -4.690  -2.082  1.00 70.10 ? 45  ASN A ND2 1 
ATOM   301  N N   . GLN A 1 46  ? -19.237 -2.616  0.138   1.00 71.61 ? 46  GLN A N   1 
ATOM   302  C CA  . GLN A 1 46  ? -20.113 -2.997  1.243   1.00 71.79 ? 46  GLN A CA  1 
ATOM   303  C C   . GLN A 1 46  ? -19.871 -4.422  1.726   1.00 70.95 ? 46  GLN A C   1 
ATOM   304  O O   . GLN A 1 46  ? -20.764 -5.051  2.290   1.00 72.10 ? 46  GLN A O   1 
ATOM   305  C CB  . GLN A 1 46  ? -21.578 -2.825  0.829   1.00 72.43 ? 46  GLN A CB  1 
ATOM   306  N N   . ASP A 1 47  ? -18.665 -4.929  1.507   1.00 69.38 ? 47  ASP A N   1 
ATOM   307  C CA  . ASP A 1 47  ? -18.311 -6.280  1.928   1.00 68.47 ? 47  ASP A CA  1 
ATOM   308  C C   . ASP A 1 47  ? -17.011 -6.222  2.709   1.00 67.44 ? 47  ASP A C   1 
ATOM   309  O O   . ASP A 1 47  ? -16.346 -7.243  2.914   1.00 66.99 ? 47  ASP A O   1 
ATOM   310  C CB  . ASP A 1 47  ? -18.131 -7.196  0.714   1.00 70.40 ? 47  ASP A CB  1 
ATOM   311  C CG  . ASP A 1 47  ? -19.427 -7.420  -0.053  1.00 72.78 ? 47  ASP A CG  1 
ATOM   312  O OD1 . ASP A 1 47  ? -20.392 -7.937  0.556   1.00 73.39 ? 47  ASP A OD1 1 
ATOM   313  O OD2 . ASP A 1 47  ? -19.476 -7.081  -1.262  1.00 72.78 ? 47  ASP A OD2 1 
ATOM   314  N N   . GLY A 1 48  ? -16.656 -5.016  3.144   1.00 66.16 ? 48  GLY A N   1 
ATOM   315  C CA  . GLY A 1 48  ? -15.426 -4.815  3.887   1.00 62.64 ? 48  GLY A CA  1 
ATOM   316  C C   . GLY A 1 48  ? -14.445 -3.929  3.132   1.00 60.82 ? 48  GLY A C   1 
ATOM   317  O O   . GLY A 1 48  ? -14.811 -3.279  2.144   1.00 59.69 ? 48  GLY A O   1 
ATOM   318  N N   . ALA A 1 49  ? -13.193 -3.915  3.591   1.00 58.70 ? 49  ALA A N   1 
ATOM   319  C CA  . ALA A 1 49  ? -12.160 -3.092  2.972   1.00 55.86 ? 49  ALA A CA  1 
ATOM   320  C C   . ALA A 1 49  ? -10.830 -3.824  2.832   1.00 54.03 ? 49  ALA A C   1 
ATOM   321  O O   . ALA A 1 49  ? -10.553 -4.778  3.565   1.00 53.47 ? 49  ALA A O   1 
ATOM   322  C CB  . ALA A 1 49  ? -11.970 -1.816  3.785   1.00 55.17 ? 49  ALA A CB  1 
ATOM   323  N N   . MET A 1 50  ? -10.015 -3.365  1.884   1.00 52.14 ? 50  MET A N   1 
ATOM   324  C CA  . MET A 1 50  ? -8.699  -3.946  1.625   1.00 50.77 ? 50  MET A CA  1 
ATOM   325  C C   . MET A 1 50  ? -7.649  -2.842  1.446   1.00 49.32 ? 50  MET A C   1 
ATOM   326  O O   . MET A 1 50  ? -7.721  -2.041  0.504   1.00 48.73 ? 50  MET A O   1 
ATOM   327  C CB  . MET A 1 50  ? -8.758  -4.825  0.372   1.00 51.72 ? 50  MET A CB  1 
ATOM   328  C CG  . MET A 1 50  ? -7.504  -5.651  0.116   1.00 53.27 ? 50  MET A CG  1 
ATOM   329  S SD  . MET A 1 50  ? -6.350  -4.883  -1.035  1.00 57.24 ? 50  MET A SD  1 
ATOM   330  C CE  . MET A 1 50  ? -5.174  -6.187  -1.178  1.00 56.83 ? 50  MET A CE  1 
ATOM   331  N N   . GLY A 1 51  ? -6.680  -2.799  2.357   1.00 46.93 ? 51  GLY A N   1 
ATOM   332  C CA  . GLY A 1 51  ? -5.638  -1.789  2.277   1.00 45.43 ? 51  GLY A CA  1 
ATOM   333  C C   . GLY A 1 51  ? -4.238  -2.360  2.390   1.00 44.83 ? 51  GLY A C   1 
ATOM   334  O O   . GLY A 1 51  ? -4.045  -3.510  2.796   1.00 45.47 ? 51  GLY A O   1 
ATOM   335  N N   . LEU A 1 52  ? -3.247  -1.554  2.028   1.00 42.92 ? 52  LEU A N   1 
ATOM   336  C CA  . LEU A 1 52  ? -1.855  -1.984  2.100   1.00 39.86 ? 52  LEU A CA  1 
ATOM   337  C C   . LEU A 1 52  ? -1.063  -1.030  2.965   1.00 38.56 ? 52  LEU A C   1 
ATOM   338  O O   . LEU A 1 52  ? -1.054  0.175   2.714   1.00 37.96 ? 52  LEU A O   1 
ATOM   339  C CB  . LEU A 1 52  ? -1.228  -2.024  0.699   1.00 38.43 ? 52  LEU A CB  1 
ATOM   340  C CG  . LEU A 1 52  ? -1.646  -3.181  -0.211  1.00 38.27 ? 52  LEU A CG  1 
ATOM   341  C CD1 . LEU A 1 52  ? -1.098  -2.982  -1.611  1.00 33.70 ? 52  LEU A CD1 1 
ATOM   342  C CD2 . LEU A 1 52  ? -1.151  -4.495  0.400   1.00 39.76 ? 52  LEU A CD2 1 
ATOM   343  N N   . MET A 1 53  ? -0.419  -1.558  3.999   1.00 38.09 ? 53  MET A N   1 
ATOM   344  C CA  . MET A 1 53  ? 0.405   -0.705  4.842   1.00 39.65 ? 53  MET A CA  1 
ATOM   345  C C   . MET A 1 53  ? 1.544   -0.269  3.943   1.00 39.32 ? 53  MET A C   1 
ATOM   346  O O   . MET A 1 53  ? 2.037   -1.064  3.147   1.00 40.03 ? 53  MET A O   1 
ATOM   347  C CB  . MET A 1 53  ? 0.978   -1.476  6.017   1.00 40.64 ? 53  MET A CB  1 
ATOM   348  C CG  . MET A 1 53  ? 0.061   -1.586  7.193   1.00 44.32 ? 53  MET A CG  1 
ATOM   349  S SD  . MET A 1 53  ? 1.002   -2.105  8.629   1.00 48.21 ? 53  MET A SD  1 
ATOM   350  C CE  . MET A 1 53  ? 1.848   -0.561  8.984   1.00 45.01 ? 53  MET A CE  1 
ATOM   351  N N   . ILE A 1 54  ? 1.978   0.977   4.062   1.00 38.27 ? 54  ILE A N   1 
ATOM   352  C CA  . ILE A 1 54  ? 3.060   1.436   3.212   1.00 38.96 ? 54  ILE A CA  1 
ATOM   353  C C   . ILE A 1 54  ? 4.337   1.838   3.955   1.00 38.95 ? 54  ILE A C   1 
ATOM   354  O O   . ILE A 1 54  ? 5.266   2.371   3.335   1.00 39.65 ? 54  ILE A O   1 
ATOM   355  C CB  . ILE A 1 54  ? 2.602   2.629   2.353   1.00 40.65 ? 54  ILE A CB  1 
ATOM   356  C CG1 . ILE A 1 54  ? 2.440   3.862   3.239   1.00 40.75 ? 54  ILE A CG1 1 
ATOM   357  C CG2 . ILE A 1 54  ? 1.271   2.296   1.656   1.00 40.31 ? 54  ILE A CG2 1 
ATOM   358  C CD1 . ILE A 1 54  ? 1.927   5.067   2.509   1.00 43.00 ? 54  ILE A CD1 1 
ATOM   359  N N   . ASN A 1 55  ? 4.397   1.585   5.264   1.00 37.07 ? 55  ASN A N   1 
ATOM   360  C CA  . ASN A 1 55  ? 5.576   1.955   6.041   1.00 35.20 ? 55  ASN A CA  1 
ATOM   361  C C   . ASN A 1 55  ? 6.040   0.900   7.024   1.00 34.87 ? 55  ASN A C   1 
ATOM   362  O O   . ASN A 1 55  ? 6.695   1.203   8.011   1.00 34.56 ? 55  ASN A O   1 
ATOM   363  C CB  . ASN A 1 55  ? 5.355   3.290   6.773   1.00 33.47 ? 55  ASN A CB  1 
ATOM   364  C CG  . ASN A 1 55  ? 4.238   3.231   7.795   1.00 32.82 ? 55  ASN A CG  1 
ATOM   365  O OD1 . ASN A 1 55  ? 3.436   2.300   7.810   1.00 33.61 ? 55  ASN A OD1 1 
ATOM   366  N ND2 . ASN A 1 55  ? 4.170   4.247   8.646   1.00 30.60 ? 55  ASN A ND2 1 
ATOM   367  N N   . ALA A 1 56  ? 5.709   -0.348  6.746   1.00 35.21 ? 56  ALA A N   1 
ATOM   368  C CA  . ALA A 1 56  ? 6.144   -1.422  7.611   1.00 35.06 ? 56  ALA A CA  1 
ATOM   369  C C   . ALA A 1 56  ? 7.120   -2.284  6.827   1.00 36.93 ? 56  ALA A C   1 
ATOM   370  O O   . ALA A 1 56  ? 6.728   -3.300  6.262   1.00 39.52 ? 56  ALA A O   1 
ATOM   371  C CB  . ALA A 1 56  ? 4.957   -2.248  8.048   1.00 33.28 ? 56  ALA A CB  1 
ATOM   372  N N   . PRO A 1 57  ? 8.398   -1.873  6.752   1.00 37.79 ? 57  PRO A N   1 
ATOM   373  C CA  . PRO A 1 57  ? 9.435   -2.626  6.025   1.00 37.72 ? 57  PRO A CA  1 
ATOM   374  C C   . PRO A 1 57  ? 9.825   -3.874  6.793   1.00 37.74 ? 57  PRO A C   1 
ATOM   375  O O   . PRO A 1 57  ? 9.741   -3.877  8.005   1.00 37.67 ? 57  PRO A O   1 
ATOM   376  C CB  . PRO A 1 57  ? 10.589  -1.635  5.938   1.00 36.87 ? 57  PRO A CB  1 
ATOM   377  C CG  . PRO A 1 57  ? 10.432  -0.829  7.187   1.00 36.30 ? 57  PRO A CG  1 
ATOM   378  C CD  . PRO A 1 57  ? 8.936   -0.597  7.259   1.00 37.02 ? 57  PRO A CD  1 
ATOM   379  N N   . ILE A 1 58  ? 10.242  -4.930  6.096   1.00 39.76 ? 58  ILE A N   1 
ATOM   380  C CA  . ILE A 1 58  ? 10.637  -6.166  6.766   1.00 40.45 ? 58  ILE A CA  1 
ATOM   381  C C   . ILE A 1 58  ? 12.043  -6.598  6.447   1.00 42.90 ? 58  ILE A C   1 
ATOM   382  O O   . ILE A 1 58  ? 12.743  -5.957  5.669   1.00 42.85 ? 58  ILE A O   1 
ATOM   383  C CB  . ILE A 1 58  ? 9.717   -7.327  6.429   1.00 39.74 ? 58  ILE A CB  1 
ATOM   384  C CG1 . ILE A 1 58  ? 9.570   -7.443  4.910   1.00 40.18 ? 58  ILE A CG1 1 
ATOM   385  C CG2 . ILE A 1 58  ? 8.396   -7.147  7.147   1.00 40.70 ? 58  ILE A CG2 1 
ATOM   386  C CD1 . ILE A 1 58  ? 8.682   -8.596  4.446   1.00 37.48 ? 58  ILE A CD1 1 
ATOM   387  N N   . ASP A 1 59  ? 12.438  -7.718  7.047   1.00 47.28 ? 59  ASP A N   1 
ATOM   388  C CA  . ASP A 1 59  ? 13.782  -8.269  6.909   1.00 49.90 ? 59  ASP A CA  1 
ATOM   389  C C   . ASP A 1 59  ? 14.167  -8.909  5.603   1.00 50.01 ? 59  ASP A C   1 
ATOM   390  O O   . ASP A 1 59  ? 15.131  -9.665  5.559   1.00 51.43 ? 59  ASP A O   1 
ATOM   391  C CB  . ASP A 1 59  ? 14.042  -9.285  8.012   1.00 54.36 ? 59  ASP A CB  1 
ATOM   392  C CG  . ASP A 1 59  ? 15.056  -8.790  9.011   1.00 59.43 ? 59  ASP A CG  1 
ATOM   393  O OD1 . ASP A 1 59  ? 16.059  -8.177  8.570   1.00 59.07 ? 59  ASP A OD1 1 
ATOM   394  O OD2 . ASP A 1 59  ? 14.851  -9.022  10.227  1.00 62.92 ? 59  ASP A OD2 1 
ATOM   395  N N   . ILE A 1 60  ? 13.433  -8.622  4.540   1.00 49.82 ? 60  ILE A N   1 
ATOM   396  C CA  . ILE A 1 60  ? 13.750  -9.200  3.250   1.00 47.58 ? 60  ILE A CA  1 
ATOM   397  C C   . ILE A 1 60  ? 13.874  -8.099  2.224   1.00 46.53 ? 60  ILE A C   1 
ATOM   398  O O   . ILE A 1 60  ? 13.084  -7.157  2.210   1.00 46.16 ? 60  ILE A O   1 
ATOM   399  C CB  . ILE A 1 60  ? 12.655  -10.163 2.780   1.00 49.06 ? 60  ILE A CB  1 
ATOM   400  C CG1 . ILE A 1 60  ? 12.408  -11.251 3.834   1.00 51.73 ? 60  ILE A CG1 1 
ATOM   401  C CG2 . ILE A 1 60  ? 13.062  -10.786 1.463   1.00 49.62 ? 60  ILE A CG2 1 
ATOM   402  C CD1 . ILE A 1 60  ? 13.530  -12.301 3.965   1.00 53.86 ? 60  ILE A CD1 1 
ATOM   403  N N   . THR A 1 61  ? 14.870  -8.222  1.361   1.00 46.20 ? 61  THR A N   1 
ATOM   404  C CA  . THR A 1 61  ? 15.080  -7.235  0.318   1.00 44.82 ? 61  THR A CA  1 
ATOM   405  C C   . THR A 1 61  ? 14.341  -7.668  -0.952  1.00 42.85 ? 61  THR A C   1 
ATOM   406  O O   . THR A 1 61  ? 13.958  -8.833  -1.094  1.00 40.30 ? 61  THR A O   1 
ATOM   407  C CB  . THR A 1 61  ? 16.569  -7.080  0.014   1.00 44.87 ? 61  THR A CB  1 
ATOM   408  O OG1 . THR A 1 61  ? 16.731  -6.225  -1.121  1.00 50.52 ? 61  THR A OG1 1 
ATOM   409  C CG2 . THR A 1 61  ? 17.186  -8.423  -0.290  1.00 46.98 ? 61  THR A CG2 1 
ATOM   410  N N   . VAL A 1 62  ? 14.131  -6.720  -1.865  1.00 41.85 ? 62  VAL A N   1 
ATOM   411  C CA  . VAL A 1 62  ? 13.432  -7.001  -3.116  1.00 39.64 ? 62  VAL A CA  1 
ATOM   412  C C   . VAL A 1 62  ? 14.135  -8.099  -3.893  1.00 39.93 ? 62  VAL A C   1 
ATOM   413  O O   . VAL A 1 62  ? 13.500  -9.045  -4.352  1.00 39.17 ? 62  VAL A O   1 
ATOM   414  C CB  . VAL A 1 62  ? 13.313  -5.735  -3.986  1.00 38.70 ? 62  VAL A CB  1 
ATOM   415  C CG1 . VAL A 1 62  ? 12.735  -6.087  -5.342  1.00 36.97 ? 62  VAL A CG1 1 
ATOM   416  C CG2 . VAL A 1 62  ? 12.418  -4.718  -3.289  1.00 35.58 ? 62  VAL A CG2 1 
ATOM   417  N N   . GLY A 1 63  ? 15.450  -7.981  -4.038  1.00 40.54 ? 63  GLY A N   1 
ATOM   418  C CA  . GLY A 1 63  ? 16.176  -9.025  -4.733  1.00 40.94 ? 63  GLY A CA  1 
ATOM   419  C C   . GLY A 1 63  ? 16.061  -10.301 -3.907  1.00 42.07 ? 63  GLY A C   1 
ATOM   420  O O   . GLY A 1 63  ? 16.087  -11.409 -4.440  1.00 42.03 ? 63  GLY A O   1 
ATOM   421  N N   . GLY A 1 64  ? 15.922  -10.133 -2.593  1.00 42.83 ? 64  GLY A N   1 
ATOM   422  C CA  . GLY A 1 64  ? 15.807  -11.264 -1.692  1.00 43.09 ? 64  GLY A CA  1 
ATOM   423  C C   . GLY A 1 64  ? 14.641  -12.187 -1.976  1.00 44.63 ? 64  GLY A C   1 
ATOM   424  O O   . GLY A 1 64  ? 14.831  -13.394 -2.124  1.00 44.45 ? 64  GLY A O   1 
ATOM   425  N N   . MET A 1 65  ? 13.429  -11.644 -2.053  1.00 46.48 ? 65  MET A N   1 
ATOM   426  C CA  . MET A 1 65  ? 12.273  -12.493 -2.310  1.00 48.14 ? 65  MET A CA  1 
ATOM   427  C C   . MET A 1 65  ? 12.189  -12.850 -3.783  1.00 48.67 ? 65  MET A C   1 
ATOM   428  O O   . MET A 1 65  ? 11.532  -13.820 -4.162  1.00 48.42 ? 65  MET A O   1 
ATOM   429  C CB  . MET A 1 65  ? 10.968  -11.832 -1.825  1.00 49.46 ? 65  MET A CB  1 
ATOM   430  C CG  . MET A 1 65  ? 10.590  -10.505 -2.463  1.00 52.05 ? 65  MET A CG  1 
ATOM   431  S SD  . MET A 1 65  ? 9.684   -10.661 -4.030  1.00 57.56 ? 65  MET A SD  1 
ATOM   432  C CE  . MET A 1 65  ? 8.023   -11.155 -3.450  1.00 57.00 ? 65  MET A CE  1 
ATOM   433  N N   . LEU A 1 66  ? 12.866  -12.069 -4.613  1.00 48.85 ? 66  LEU A N   1 
ATOM   434  C CA  . LEU A 1 66  ? 12.871  -12.351 -6.036  1.00 49.56 ? 66  LEU A CA  1 
ATOM   435  C C   . LEU A 1 66  ? 13.648  -13.661 -6.180  1.00 52.27 ? 66  LEU A C   1 
ATOM   436  O O   . LEU A 1 66  ? 13.244  -14.558 -6.926  1.00 52.80 ? 66  LEU A O   1 
ATOM   437  C CB  . LEU A 1 66  ? 13.557  -11.210 -6.782  1.00 47.11 ? 66  LEU A CB  1 
ATOM   438  C CG  . LEU A 1 66  ? 12.822  -10.610 -7.981  1.00 45.70 ? 66  LEU A CG  1 
ATOM   439  C CD1 . LEU A 1 66  ? 11.324  -10.556 -7.732  1.00 45.78 ? 66  LEU A CD1 1 
ATOM   440  C CD2 . LEU A 1 66  ? 13.367  -9.217  -8.244  1.00 44.75 ? 66  LEU A CD2 1 
ATOM   441  N N   . LYS A 1 67  ? 14.751  -13.772 -5.439  1.00 54.16 ? 67  LYS A N   1 
ATOM   442  C CA  . LYS A 1 67  ? 15.580  -14.971 -5.461  1.00 56.36 ? 67  LYS A CA  1 
ATOM   443  C C   . LYS A 1 67  ? 14.858  -16.092 -4.744  1.00 57.43 ? 67  LYS A C   1 
ATOM   444  O O   . LYS A 1 67  ? 14.962  -17.255 -5.127  1.00 57.53 ? 67  LYS A O   1 
ATOM   445  C CB  . LYS A 1 67  ? 16.927  -14.723 -4.781  1.00 58.38 ? 67  LYS A CB  1 
ATOM   446  C CG  . LYS A 1 67  ? 17.698  -16.004 -4.454  1.00 62.10 ? 67  LYS A CG  1 
ATOM   447  C CD  . LYS A 1 67  ? 19.223  -15.822 -4.493  1.00 65.35 ? 67  LYS A CD  1 
ATOM   448  C CE  . LYS A 1 67  ? 19.740  -14.797 -3.469  1.00 67.70 ? 67  LYS A CE  1 
ATOM   449  N NZ  . LYS A 1 67  ? 19.343  -13.374 -3.754  1.00 67.72 ? 67  LYS A NZ  1 
ATOM   450  N N   . GLN A 1 68  ? 14.123  -15.734 -3.697  1.00 58.53 ? 68  GLN A N   1 
ATOM   451  C CA  . GLN A 1 68  ? 13.367  -16.714 -2.931  1.00 59.20 ? 68  GLN A CA  1 
ATOM   452  C C   . GLN A 1 68  ? 12.253  -17.316 -3.772  1.00 59.90 ? 68  GLN A C   1 
ATOM   453  O O   . GLN A 1 68  ? 12.146  -18.534 -3.888  1.00 61.58 ? 68  GLN A O   1 
ATOM   454  C CB  . GLN A 1 68  ? 12.770  -16.073 -1.684  1.00 59.07 ? 68  GLN A CB  1 
ATOM   455  C CG  . GLN A 1 68  ? 11.758  -16.953 -1.000  1.00 59.22 ? 68  GLN A CG  1 
ATOM   456  C CD  . GLN A 1 68  ? 11.487  -16.520 0.411   1.00 59.89 ? 68  GLN A CD  1 
ATOM   457  O OE1 . GLN A 1 68  ? 10.871  -15.482 0.655   1.00 60.25 ? 68  GLN A OE1 1 
ATOM   458  N NE2 . GLN A 1 68  ? 11.959  -17.314 1.364   1.00 61.81 ? 68  GLN A NE2 1 
ATOM   459  N N   . VAL A 1 69  ? 11.415  -16.464 -4.349  1.00 60.41 ? 69  VAL A N   1 
ATOM   460  C CA  . VAL A 1 69  ? 10.325  -16.935 -5.196  1.00 60.60 ? 69  VAL A CA  1 
ATOM   461  C C   . VAL A 1 69  ? 10.938  -17.532 -6.464  1.00 61.17 ? 69  VAL A C   1 
ATOM   462  O O   . VAL A 1 69  ? 10.248  -18.134 -7.286  1.00 60.35 ? 69  VAL A O   1 
ATOM   463  C CB  . VAL A 1 69  ? 9.389   -15.780 -5.583  1.00 59.73 ? 69  VAL A CB  1 
ATOM   464  C CG1 . VAL A 1 69  ? 8.251   -16.300 -6.422  1.00 60.58 ? 69  VAL A CG1 1 
ATOM   465  C CG2 . VAL A 1 69  ? 8.857   -15.108 -4.341  1.00 59.86 ? 69  VAL A CG2 1 
ATOM   466  N N   . ASP A 1 70  ? 12.245  -17.342 -6.612  1.00 61.27 ? 70  ASP A N   1 
ATOM   467  C CA  . ASP A 1 70  ? 12.996  -17.858 -7.746  1.00 62.63 ? 70  ASP A CA  1 
ATOM   468  C C   . ASP A 1 70  ? 12.453  -17.413 -9.103  1.00 62.77 ? 70  ASP A C   1 
ATOM   469  O O   . ASP A 1 70  ? 12.094  -18.234 -9.949  1.00 62.55 ? 70  ASP A O   1 
ATOM   470  C CB  . ASP A 1 70  ? 13.050  -19.386 -7.680  1.00 63.50 ? 70  ASP A CB  1 
ATOM   471  C CG  . ASP A 1 70  ? 14.061  -19.970 -8.647  1.00 65.06 ? 70  ASP A CG  1 
ATOM   472  O OD1 . ASP A 1 70  ? 15.206  -19.468 -8.666  1.00 65.64 ? 70  ASP A OD1 1 
ATOM   473  O OD2 . ASP A 1 70  ? 13.719  -20.930 -9.378  1.00 65.56 ? 70  ASP A OD2 1 
ATOM   474  N N   . ILE A 1 71  ? 12.417  -16.103 -9.308  1.00 62.48 ? 71  ILE A N   1 
ATOM   475  C CA  . ILE A 1 71  ? 11.925  -15.522 -10.548 1.00 62.23 ? 71  ILE A CA  1 
ATOM   476  C C   . ILE A 1 71  ? 13.068  -15.253 -11.519 1.00 63.00 ? 71  ILE A C   1 
ATOM   477  O O   . ILE A 1 71  ? 13.987  -14.497 -11.203 1.00 64.49 ? 71  ILE A O   1 
ATOM   478  C CB  . ILE A 1 71  ? 11.183  -14.185 -10.264 1.00 61.29 ? 71  ILE A CB  1 
ATOM   479  C CG1 . ILE A 1 71  ? 9.740   -14.470 -9.846  1.00 61.35 ? 71  ILE A CG1 1 
ATOM   480  C CG2 . ILE A 1 71  ? 11.234  -13.267 -11.474 1.00 60.80 ? 71  ILE A CG2 1 
ATOM   481  C CD1 . ILE A 1 71  ? 8.910   -15.171 -10.907 1.00 61.04 ? 71  ILE A CD1 1 
ATOM   482  N N   . GLU A 1 72  ? 13.015  -15.866 -12.698 1.00 62.48 ? 72  GLU A N   1 
ATOM   483  C CA  . GLU A 1 72  ? 14.054  -15.632 -13.694 1.00 63.50 ? 72  GLU A CA  1 
ATOM   484  C C   . GLU A 1 72  ? 13.798  -14.278 -14.387 1.00 61.72 ? 72  GLU A C   1 
ATOM   485  O O   . GLU A 1 72  ? 12.813  -14.112 -15.110 1.00 60.38 ? 72  GLU A O   1 
ATOM   486  C CB  . GLU A 1 72  ? 14.085  -16.781 -14.720 1.00 66.20 ? 72  GLU A CB  1 
ATOM   487  C CG  . GLU A 1 72  ? 12.817  -16.945 -15.568 1.00 71.56 ? 72  GLU A CG  1 
ATOM   488  C CD  . GLU A 1 72  ? 12.884  -18.140 -16.527 1.00 73.24 ? 72  GLU A CD  1 
ATOM   489  O OE1 . GLU A 1 72  ? 13.995  -18.419 -17.036 1.00 73.89 ? 72  GLU A OE1 1 
ATOM   490  O OE2 . GLU A 1 72  ? 11.833  -18.786 -16.780 1.00 72.74 ? 72  GLU A OE2 1 
ATOM   491  N N   . PRO A 1 73  ? 14.680  -13.287 -14.156 1.00 60.46 ? 73  PRO A N   1 
ATOM   492  C CA  . PRO A 1 73  ? 14.522  -11.958 -14.766 1.00 60.54 ? 73  PRO A CA  1 
ATOM   493  C C   . PRO A 1 73  ? 14.442  -11.929 -16.296 1.00 61.07 ? 73  PRO A C   1 
ATOM   494  O O   . PRO A 1 73  ? 15.100  -12.711 -16.989 1.00 61.78 ? 73  PRO A O   1 
ATOM   495  C CB  . PRO A 1 73  ? 15.724  -11.176 -14.219 1.00 58.78 ? 73  PRO A CB  1 
ATOM   496  C CG  . PRO A 1 73  ? 16.725  -12.250 -13.914 1.00 58.92 ? 73  PRO A CG  1 
ATOM   497  C CD  . PRO A 1 73  ? 15.888  -13.338 -13.318 1.00 58.43 ? 73  PRO A CD  1 
ATOM   498  N N   . ALA A 1 74  ? 13.616  -11.025 -16.813 1.00 60.87 ? 74  ALA A N   1 
ATOM   499  C CA  . ALA A 1 74  ? 13.434  -10.876 -18.248 1.00 60.67 ? 74  ALA A CA  1 
ATOM   500  C C   . ALA A 1 74  ? 14.639  -10.177 -18.859 1.00 61.36 ? 74  ALA A C   1 
ATOM   501  O O   . ALA A 1 74  ? 15.199  -10.645 -19.852 1.00 62.85 ? 74  ALA A O   1 
ATOM   502  C CB  . ALA A 1 74  ? 12.178  -10.079 -18.531 1.00 59.94 ? 74  ALA A CB  1 
ATOM   503  N N   . TYR A 1 75  ? 15.033  -9.054  -18.264 1.00 60.93 ? 75  TYR A N   1 
ATOM   504  C CA  . TYR A 1 75  ? 16.173  -8.284  -18.747 1.00 60.23 ? 75  TYR A CA  1 
ATOM   505  C C   . TYR A 1 75  ? 17.288  -8.244  -17.714 1.00 61.28 ? 75  TYR A C   1 
ATOM   506  O O   . TYR A 1 75  ? 17.083  -8.581  -16.548 1.00 61.95 ? 75  TYR A O   1 
ATOM   507  C CB  . TYR A 1 75  ? 15.736  -6.859  -19.071 1.00 58.57 ? 75  TYR A CB  1 
ATOM   508  C CG  . TYR A 1 75  ? 14.502  -6.809  -19.938 1.00 59.80 ? 75  TYR A CG  1 
ATOM   509  C CD1 . TYR A 1 75  ? 13.336  -6.184  -19.494 1.00 59.20 ? 75  TYR A CD1 1 
ATOM   510  C CD2 . TYR A 1 75  ? 14.484  -7.419  -21.192 1.00 60.21 ? 75  TYR A CD2 1 
ATOM   511  C CE1 . TYR A 1 75  ? 12.184  -6.171  -20.275 1.00 58.41 ? 75  TYR A CE1 1 
ATOM   512  C CE2 . TYR A 1 75  ? 13.337  -7.411  -21.980 1.00 60.22 ? 75  TYR A CE2 1 
ATOM   513  C CZ  . TYR A 1 75  ? 12.191  -6.788  -21.515 1.00 59.15 ? 75  TYR A CZ  1 
ATOM   514  O OH  . TYR A 1 75  ? 11.051  -6.806  -22.285 1.00 58.38 ? 75  TYR A OH  1 
ATOM   515  N N   . PRO A 1 76  ? 18.500  -7.861  -18.134 1.00 62.41 ? 76  PRO A N   1 
ATOM   516  C CA  . PRO A 1 76  ? 19.590  -7.801  -17.161 1.00 62.04 ? 76  PRO A CA  1 
ATOM   517  C C   . PRO A 1 76  ? 19.166  -6.845  -16.054 1.00 60.86 ? 76  PRO A C   1 
ATOM   518  O O   . PRO A 1 76  ? 18.599  -5.785  -16.324 1.00 61.26 ? 76  PRO A O   1 
ATOM   519  C CB  . PRO A 1 76  ? 20.752  -7.255  -17.990 1.00 62.64 ? 76  PRO A CB  1 
ATOM   520  C CG  . PRO A 1 76  ? 20.496  -7.856  -19.331 1.00 62.75 ? 76  PRO A CG  1 
ATOM   521  C CD  . PRO A 1 76  ? 19.005  -7.644  -19.503 1.00 63.45 ? 76  PRO A CD  1 
ATOM   522  N N   . GLN A 1 77  ? 19.425  -7.223  -14.812 1.00 59.62 ? 77  GLN A N   1 
ATOM   523  C CA  . GLN A 1 77  ? 19.048  -6.387  -13.688 1.00 59.70 ? 77  GLN A CA  1 
ATOM   524  C C   . GLN A 1 77  ? 20.135  -5.348  -13.417 1.00 60.32 ? 77  GLN A C   1 
ATOM   525  O O   . GLN A 1 77  ? 20.907  -5.473  -12.471 1.00 61.45 ? 77  GLN A O   1 
ATOM   526  C CB  . GLN A 1 77  ? 18.802  -7.274  -12.465 1.00 58.28 ? 77  GLN A CB  1 
ATOM   527  C CG  . GLN A 1 77  ? 17.708  -8.311  -12.718 1.00 57.21 ? 77  GLN A CG  1 
ATOM   528  C CD  . GLN A 1 77  ? 17.491  -9.265  -11.557 1.00 56.59 ? 77  GLN A CD  1 
ATOM   529  O OE1 . GLN A 1 77  ? 18.386  -10.023 -11.183 1.00 55.54 ? 77  GLN A OE1 1 
ATOM   530  N NE2 . GLN A 1 77  ? 16.294  -9.235  -10.988 1.00 55.84 ? 77  GLN A NE2 1 
ATOM   531  N N   . SER A 1 78  ? 20.175  -4.316  -14.255 1.00 59.69 ? 78  SER A N   1 
ATOM   532  C CA  . SER A 1 78  ? 21.174  -3.262  -14.141 1.00 60.51 ? 78  SER A CA  1 
ATOM   533  C C   . SER A 1 78  ? 21.047  -2.358  -12.927 1.00 61.17 ? 78  SER A C   1 
ATOM   534  O O   . SER A 1 78  ? 22.052  -1.920  -12.369 1.00 61.50 ? 78  SER A O   1 
ATOM   535  C CB  . SER A 1 78  ? 21.182  -2.404  -15.414 1.00 60.35 ? 78  SER A CB  1 
ATOM   536  O OG  . SER A 1 78  ? 19.889  -1.922  -15.730 1.00 62.03 ? 78  SER A OG  1 
ATOM   537  N N   . HIS A 1 79  ? 19.823  -2.073  -12.509 1.00 62.48 ? 79  HIS A N   1 
ATOM   538  C CA  . HIS A 1 79  ? 19.629  -1.201  -11.357 1.00 63.55 ? 79  HIS A CA  1 
ATOM   539  C C   . HIS A 1 79  ? 20.406  -1.624  -10.111 1.00 63.95 ? 79  HIS A C   1 
ATOM   540  O O   . HIS A 1 79  ? 21.298  -0.897  -9.667  1.00 63.78 ? 79  HIS A O   1 
ATOM   541  C CB  . HIS A 1 79  ? 18.138  -1.046  -11.084 1.00 62.82 ? 79  HIS A CB  1 
ATOM   542  C CG  . HIS A 1 79  ? 17.453  -0.175  -12.088 1.00 63.76 ? 79  HIS A CG  1 
ATOM   543  N ND1 . HIS A 1 79  ? 16.143  0.226   -11.971 1.00 65.07 ? 79  HIS A ND1 1 
ATOM   544  C CD2 . HIS A 1 79  ? 17.922  0.400   -13.225 1.00 63.86 ? 79  HIS A CD2 1 
ATOM   545  C CE1 . HIS A 1 79  ? 15.830  1.012   -12.987 1.00 65.34 ? 79  HIS A CE1 1 
ATOM   546  N NE2 . HIS A 1 79  ? 16.894  1.131   -13.761 1.00 64.38 ? 79  HIS A NE2 1 
ATOM   547  N N   . GLN A 1 80  ? 20.084  -2.783  -9.546  1.00 63.68 ? 80  GLN A N   1 
ATOM   548  C CA  . GLN A 1 80  ? 20.815  -3.282  -8.379  1.00 63.80 ? 80  GLN A CA  1 
ATOM   549  C C   . GLN A 1 80  ? 20.737  -2.459  -7.089  1.00 63.35 ? 80  GLN A C   1 
ATOM   550  O O   . GLN A 1 80  ? 20.873  -3.009  -5.995  1.00 63.20 ? 80  GLN A O   1 
ATOM   551  C CB  . GLN A 1 80  ? 22.289  -3.483  -8.746  1.00 63.32 ? 80  GLN A CB  1 
ATOM   552  C CG  . GLN A 1 80  ? 22.493  -4.456  -9.882  1.00 66.46 ? 80  GLN A CG  1 
ATOM   553  C CD  . GLN A 1 80  ? 21.977  -5.848  -9.553  1.00 69.23 ? 80  GLN A CD  1 
ATOM   554  O OE1 . GLN A 1 80  ? 21.638  -6.627  -10.449 1.00 70.74 ? 80  GLN A OE1 1 
ATOM   555  N NE2 . GLN A 1 80  ? 21.927  -6.176  -8.264  1.00 69.89 ? 80  GLN A NE2 1 
ATOM   556  N N   . GLU A 1 81  ? 20.538  -1.153  -7.193  1.00 62.36 ? 81  GLU A N   1 
ATOM   557  C CA  . GLU A 1 81  ? 20.454  -0.357  -5.982  1.00 61.46 ? 81  GLU A CA  1 
ATOM   558  C C   . GLU A 1 81  ? 19.068  -0.519  -5.386  1.00 60.36 ? 81  GLU A C   1 
ATOM   559  O O   . GLU A 1 81  ? 18.922  -0.849  -4.206  1.00 61.11 ? 81  GLU A O   1 
ATOM   560  C CB  . GLU A 1 81  ? 20.728  1.119   -6.272  1.00 63.28 ? 81  GLU A CB  1 
ATOM   561  C CG  . GLU A 1 81  ? 21.467  1.828   -5.126  1.00 63.90 ? 81  GLU A CG  1 
ATOM   562  C CD  . GLU A 1 81  ? 22.828  1.193   -4.828  1.00 64.67 ? 81  GLU A CD  1 
ATOM   563  O OE1 . GLU A 1 81  ? 23.681  1.145   -5.747  1.00 64.10 ? 81  GLU A OE1 1 
ATOM   564  O OE2 . GLU A 1 81  ? 23.046  0.741   -3.679  1.00 63.31 ? 81  GLU A OE2 1 
ATOM   565  N N   . ASN A 1 82  ? 18.050  -0.297  -6.209  1.00 58.21 ? 82  ASN A N   1 
ATOM   566  C CA  . ASN A 1 82  ? 16.676  -0.430  -5.743  1.00 56.23 ? 82  ASN A CA  1 
ATOM   567  C C   . ASN A 1 82  ? 16.369  -1.898  -5.466  1.00 54.13 ? 82  ASN A C   1 
ATOM   568  O O   . ASN A 1 82  ? 15.354  -2.220  -4.843  1.00 54.30 ? 82  ASN A O   1 
ATOM   569  C CB  . ASN A 1 82  ? 15.688  0.089   -6.796  1.00 56.37 ? 82  ASN A CB  1 
ATOM   570  C CG  . ASN A 1 82  ? 16.198  1.308   -7.535  1.00 57.13 ? 82  ASN A CG  1 
ATOM   571  O OD1 . ASN A 1 82  ? 16.748  2.242   -6.937  1.00 57.44 ? 82  ASN A OD1 1 
ATOM   572  N ND2 . ASN A 1 82  ? 16.005  1.311   -8.848  1.00 56.19 ? 82  ASN A ND2 1 
ATOM   573  N N   . LEU A 1 83  ? 17.244  -2.787  -5.933  1.00 51.05 ? 83  LEU A N   1 
ATOM   574  C CA  . LEU A 1 83  ? 17.046  -4.223  -5.749  1.00 48.23 ? 83  LEU A CA  1 
ATOM   575  C C   . LEU A 1 83  ? 17.418  -4.622  -4.332  1.00 47.46 ? 83  LEU A C   1 
ATOM   576  O O   . LEU A 1 83  ? 17.107  -5.723  -3.872  1.00 45.62 ? 83  LEU A O   1 
ATOM   577  C CB  . LEU A 1 83  ? 17.897  -4.996  -6.755  1.00 46.96 ? 83  LEU A CB  1 
ATOM   578  C CG  . LEU A 1 83  ? 17.312  -6.345  -7.182  1.00 48.17 ? 83  LEU A CG  1 
ATOM   579  C CD1 . LEU A 1 83  ? 15.990  -6.120  -7.915  1.00 47.06 ? 83  LEU A CD1 1 
ATOM   580  C CD2 . LEU A 1 83  ? 18.303  -7.089  -8.086  1.00 47.68 ? 83  LEU A CD2 1 
ATOM   581  N N   . LYS A 1 84  ? 18.084  -3.697  -3.647  1.00 47.67 ? 84  LYS A N   1 
ATOM   582  C CA  . LYS A 1 84  ? 18.520  -3.898  -2.278  1.00 48.45 ? 84  LYS A CA  1 
ATOM   583  C C   . LYS A 1 84  ? 17.539  -3.282  -1.281  1.00 47.79 ? 84  LYS A C   1 
ATOM   584  O O   . LYS A 1 84  ? 17.661  -3.501  -0.068  1.00 46.65 ? 84  LYS A O   1 
ATOM   585  C CB  . LYS A 1 84  ? 19.912  -3.295  -2.081  1.00 51.73 ? 84  LYS A CB  1 
ATOM   586  C CG  . LYS A 1 84  ? 21.043  -4.155  -2.628  1.00 56.32 ? 84  LYS A CG  1 
ATOM   587  C CD  . LYS A 1 84  ? 22.423  -3.495  -2.451  1.00 60.45 ? 84  LYS A CD  1 
ATOM   588  C CE  . LYS A 1 84  ? 22.634  -2.305  -3.404  1.00 62.27 ? 84  LYS A CE  1 
ATOM   589  N NZ  . LYS A 1 84  ? 24.005  -1.700  -3.307  1.00 61.27 ? 84  LYS A NZ  1 
ATOM   590  N N   . LYS A 1 85  ? 16.574  -2.515  -1.795  1.00 45.82 ? 85  LYS A N   1 
ATOM   591  C CA  . LYS A 1 85  ? 15.565  -1.874  -0.949  1.00 43.08 ? 85  LYS A CA  1 
ATOM   592  C C   . LYS A 1 85  ? 14.717  -2.922  -0.256  1.00 41.60 ? 85  LYS A C   1 
ATOM   593  O O   . LYS A 1 85  ? 14.677  -4.086  -0.668  1.00 41.64 ? 85  LYS A O   1 
ATOM   594  C CB  . LYS A 1 85  ? 14.674  -0.948  -1.769  1.00 42.74 ? 85  LYS A CB  1 
ATOM   595  C CG  . LYS A 1 85  ? 15.415  0.252   -2.320  1.00 44.19 ? 85  LYS A CG  1 
ATOM   596  C CD  . LYS A 1 85  ? 14.496  1.148   -3.100  1.00 45.55 ? 85  LYS A CD  1 
ATOM   597  C CE  . LYS A 1 85  ? 15.231  2.343   -3.629  1.00 46.96 ? 85  LYS A CE  1 
ATOM   598  N NZ  . LYS A 1 85  ? 14.266  3.312   -4.212  1.00 49.21 ? 85  LYS A NZ  1 
ATOM   599  N N   . PRO A 1 86  ? 14.011  -2.521  0.804   1.00 39.55 ? 86  PRO A N   1 
ATOM   600  C CA  . PRO A 1 86  ? 13.177  -3.461  1.547   1.00 38.68 ? 86  PRO A CA  1 
ATOM   601  C C   . PRO A 1 86  ? 11.797  -3.795  1.013   1.00 38.34 ? 86  PRO A C   1 
ATOM   602  O O   . PRO A 1 86  ? 11.149  -3.005  0.322   1.00 37.28 ? 86  PRO A O   1 
ATOM   603  C CB  . PRO A 1 86  ? 13.090  -2.814  2.915   1.00 38.66 ? 86  PRO A CB  1 
ATOM   604  C CG  . PRO A 1 86  ? 13.000  -1.352  2.553   1.00 38.57 ? 86  PRO A CG  1 
ATOM   605  C CD  . PRO A 1 86  ? 14.060  -1.213  1.480   1.00 38.93 ? 86  PRO A CD  1 
ATOM   606  N N   . VAL A 1 87  ? 11.361  -4.998  1.361   1.00 38.47 ? 87  VAL A N   1 
ATOM   607  C CA  . VAL A 1 87  ? 10.037  -5.466  1.011   1.00 38.38 ? 87  VAL A CA  1 
ATOM   608  C C   . VAL A 1 87  ? 9.207   -5.057  2.231   1.00 38.54 ? 87  VAL A C   1 
ATOM   609  O O   . VAL A 1 87  ? 9.745   -4.964  3.341   1.00 37.71 ? 87  VAL A O   1 
ATOM   610  C CB  . VAL A 1 87  ? 10.038  -6.991  0.810   1.00 36.72 ? 87  VAL A CB  1 
ATOM   611  C CG1 . VAL A 1 87  ? 8.629   -7.517  0.708   1.00 36.70 ? 87  VAL A CG1 1 
ATOM   612  C CG2 . VAL A 1 87  ? 10.788  -7.317  -0.454  1.00 37.31 ? 87  VAL A CG2 1 
ATOM   613  N N   . PHE A 1 88  ? 7.918   -4.791  2.031   1.00 39.16 ? 88  PHE A N   1 
ATOM   614  C CA  . PHE A 1 88  ? 7.053   -4.362  3.128   1.00 40.37 ? 88  PHE A CA  1 
ATOM   615  C C   . PHE A 1 88  ? 5.984   -5.366  3.553   1.00 41.02 ? 88  PHE A C   1 
ATOM   616  O O   . PHE A 1 88  ? 5.538   -6.207  2.764   1.00 42.13 ? 88  PHE A O   1 
ATOM   617  C CB  . PHE A 1 88  ? 6.343   -3.055  2.759   1.00 40.41 ? 88  PHE A CB  1 
ATOM   618  C CG  . PHE A 1 88  ? 7.273   -1.944  2.355   1.00 41.07 ? 88  PHE A CG  1 
ATOM   619  C CD1 . PHE A 1 88  ? 7.999   -2.020  1.173   1.00 40.29 ? 88  PHE A CD1 1 
ATOM   620  C CD2 . PHE A 1 88  ? 7.433   -0.825  3.165   1.00 40.65 ? 88  PHE A CD2 1 
ATOM   621  C CE1 . PHE A 1 88  ? 8.872   -1.002  0.804   1.00 39.33 ? 88  PHE A CE1 1 
ATOM   622  C CE2 . PHE A 1 88  ? 8.303   0.199   2.803   1.00 39.80 ? 88  PHE A CE2 1 
ATOM   623  C CZ  . PHE A 1 88  ? 9.024   0.105   1.617   1.00 39.37 ? 88  PHE A CZ  1 
ATOM   624  N N   . ASN A 1 89  ? 5.586   -5.277  4.816   1.00 40.09 ? 89  ASN A N   1 
ATOM   625  C CA  . ASN A 1 89  ? 4.512   -6.104  5.323   1.00 40.05 ? 89  ASN A CA  1 
ATOM   626  C C   . ASN A 1 89  ? 3.291   -5.243  5.024   1.00 41.20 ? 89  ASN A C   1 
ATOM   627  O O   . ASN A 1 89  ? 3.174   -4.122  5.540   1.00 42.87 ? 89  ASN A O   1 
ATOM   628  C CB  . ASN A 1 89  ? 4.627   -6.306  6.822   1.00 40.42 ? 89  ASN A CB  1 
ATOM   629  C CG  . ASN A 1 89  ? 3.348   -6.844  7.420   1.00 42.37 ? 89  ASN A CG  1 
ATOM   630  O OD1 . ASN A 1 89  ? 2.786   -7.837  6.941   1.00 45.66 ? 89  ASN A OD1 1 
ATOM   631  N ND2 . ASN A 1 89  ? 2.876   -6.195  8.467   1.00 41.88 ? 89  ASN A ND2 1 
ATOM   632  N N   . GLY A 1 90  ? 2.402   -5.743  4.171   1.00 40.08 ? 90  GLY A N   1 
ATOM   633  C CA  . GLY A 1 90  ? 1.226   -4.978  3.799   1.00 38.32 ? 90  GLY A CA  1 
ATOM   634  C C   . GLY A 1 90  ? 0.076   -5.155  4.760   1.00 37.75 ? 90  GLY A C   1 
ATOM   635  O O   . GLY A 1 90  ? -0.883  -4.379  4.746   1.00 37.62 ? 90  GLY A O   1 
ATOM   636  N N   . GLY A 1 91  ? 0.171   -6.177  5.599   1.00 36.97 ? 91  GLY A N   1 
ATOM   637  C CA  . GLY A 1 91  ? -0.886  -6.435  6.554   1.00 37.95 ? 91  GLY A CA  1 
ATOM   638  C C   . GLY A 1 91  ? -0.831  -7.845  7.107   1.00 38.29 ? 91  GLY A C   1 
ATOM   639  O O   . GLY A 1 91  ? -0.045  -8.668  6.645   1.00 37.24 ? 91  GLY A O   1 
ATOM   640  N N   . PRO A 1 92  ? -1.672  -8.152  8.098   1.00 40.09 ? 92  PRO A N   1 
ATOM   641  C CA  . PRO A 1 92  ? -1.703  -9.480  8.710   1.00 41.24 ? 92  PRO A CA  1 
ATOM   642  C C   . PRO A 1 92  ? -2.374  -10.545 7.861   1.00 43.08 ? 92  PRO A C   1 
ATOM   643  O O   . PRO A 1 92  ? -2.067  -11.728 8.011   1.00 44.36 ? 92  PRO A O   1 
ATOM   644  C CB  . PRO A 1 92  ? -2.460  -9.235  10.007  1.00 39.49 ? 92  PRO A CB  1 
ATOM   645  C CG  . PRO A 1 92  ? -3.489  -8.244  9.577   1.00 40.46 ? 92  PRO A CG  1 
ATOM   646  C CD  . PRO A 1 92  ? -2.663  -7.264  8.734   1.00 40.47 ? 92  PRO A CD  1 
ATOM   647  N N   . VAL A 1 93  ? -3.281  -10.133 6.975   1.00 43.51 ? 93  VAL A N   1 
ATOM   648  C CA  . VAL A 1 93  ? -4.003  -11.089 6.136   1.00 44.81 ? 93  VAL A CA  1 
ATOM   649  C C   . VAL A 1 93  ? -3.182  -11.562 4.936   1.00 43.89 ? 93  VAL A C   1 
ATOM   650  O O   . VAL A 1 93  ? -2.476  -10.764 4.320   1.00 44.32 ? 93  VAL A O   1 
ATOM   651  C CB  . VAL A 1 93  ? -5.334  -10.492 5.612   1.00 46.07 ? 93  VAL A CB  1 
ATOM   652  C CG1 . VAL A 1 93  ? -6.338  -11.607 5.364   1.00 46.08 ? 93  VAL A CG1 1 
ATOM   653  C CG2 . VAL A 1 93  ? -5.882  -9.498  6.597   1.00 46.33 ? 93  VAL A CG2 1 
ATOM   654  N N   . SER A 1 94  ? -3.291  -12.857 4.620   1.00 42.80 ? 94  SER A N   1 
ATOM   655  C CA  . SER A 1 94  ? -2.583  -13.498 3.505   1.00 43.19 ? 94  SER A CA  1 
ATOM   656  C C   . SER A 1 94  ? -1.117  -13.097 3.345   1.00 44.50 ? 94  SER A C   1 
ATOM   657  O O   . SER A 1 94  ? -0.685  -12.609 2.294   1.00 44.91 ? 94  SER A O   1 
ATOM   658  C CB  . SER A 1 94  ? -3.331  -13.249 2.205   1.00 40.74 ? 94  SER A CB  1 
ATOM   659  O OG  . SER A 1 94  ? -4.503  -14.035 2.180   1.00 43.11 ? 94  SER A OG  1 
ATOM   660  N N   . GLU A 1 95  ? -0.351  -13.345 4.399   1.00 43.71 ? 95  GLU A N   1 
ATOM   661  C CA  . GLU A 1 95  ? 1.048   -13.001 4.417   1.00 43.60 ? 95  GLU A CA  1 
ATOM   662  C C   . GLU A 1 95  ? 1.892   -13.755 3.397   1.00 44.65 ? 95  GLU A C   1 
ATOM   663  O O   . GLU A 1 95  ? 3.054   -13.422 3.184   1.00 44.24 ? 95  GLU A O   1 
ATOM   664  C CB  . GLU A 1 95  ? 1.585   -13.220 5.823   1.00 44.78 ? 95  GLU A CB  1 
ATOM   665  C CG  . GLU A 1 95  ? 0.955   -12.298 6.849   1.00 46.33 ? 95  GLU A CG  1 
ATOM   666  C CD  . GLU A 1 95  ? 1.980   -11.763 7.829   1.00 50.04 ? 95  GLU A CD  1 
ATOM   667  O OE1 . GLU A 1 95  ? 2.536   -12.578 8.607   1.00 51.39 ? 95  GLU A OE1 1 
ATOM   668  O OE2 . GLU A 1 95  ? 2.245   -10.533 7.810   1.00 51.19 ? 95  GLU A OE2 1 
ATOM   669  N N   . ASP A 1 96  ? 1.309   -14.763 2.756   1.00 46.06 ? 96  ASP A N   1 
ATOM   670  C CA  . ASP A 1 96  ? 2.041   -15.544 1.763   1.00 45.93 ? 96  ASP A CA  1 
ATOM   671  C C   . ASP A 1 96  ? 1.796   -14.987 0.377   1.00 45.88 ? 96  ASP A C   1 
ATOM   672  O O   . ASP A 1 96  ? 2.360   -15.476 -0.589  1.00 46.31 ? 96  ASP A O   1 
ATOM   673  C CB  . ASP A 1 96  ? 1.598   -17.003 1.802   1.00 47.62 ? 96  ASP A CB  1 
ATOM   674  C CG  . ASP A 1 96  ? 0.144   -17.186 1.390   1.00 51.96 ? 96  ASP A CG  1 
ATOM   675  O OD1 . ASP A 1 96  ? -0.693  -16.339 1.778   1.00 53.80 ? 96  ASP A OD1 1 
ATOM   676  O OD2 . ASP A 1 96  ? -0.170  -18.184 0.692   1.00 54.29 ? 96  ASP A OD2 1 
ATOM   677  N N   . ARG A 1 97  ? 0.955   -13.964 0.284   1.00 45.58 ? 97  ARG A N   1 
ATOM   678  C CA  . ARG A 1 97  ? 0.645   -13.359 -1.006  1.00 47.37 ? 97  ARG A CA  1 
ATOM   679  C C   . ARG A 1 97  ? 1.373   -12.028 -1.227  1.00 47.07 ? 97  ARG A C   1 
ATOM   680  O O   . ARG A 1 97  ? 1.593   -11.265 -0.288  1.00 48.29 ? 97  ARG A O   1 
ATOM   681  C CB  . ARG A 1 97  ? -0.867  -13.142 -1.132  1.00 49.01 ? 97  ARG A CB  1 
ATOM   682  C CG  . ARG A 1 97  ? -1.709  -14.405 -1.005  1.00 50.84 ? 97  ARG A CG  1 
ATOM   683  C CD  . ARG A 1 97  ? -2.265  -14.847 -2.354  1.00 54.82 ? 97  ARG A CD  1 
ATOM   684  N NE  . ARG A 1 97  ? -1.554  -15.993 -2.932  1.00 58.88 ? 97  ARG A NE  1 
ATOM   685  C CZ  . ARG A 1 97  ? -1.757  -17.268 -2.592  1.00 60.00 ? 97  ARG A CZ  1 
ATOM   686  N NH1 . ARG A 1 97  ? -2.657  -17.589 -1.669  1.00 62.08 ? 97  ARG A NH1 1 
ATOM   687  N NH2 . ARG A 1 97  ? -1.055  -18.227 -3.181  1.00 59.59 ? 97  ARG A NH2 1 
ATOM   688  N N   . GLY A 1 98  ? 1.735   -11.756 -2.479  1.00 45.82 ? 98  GLY A N   1 
ATOM   689  C CA  . GLY A 1 98  ? 2.424   -10.523 -2.811  1.00 42.36 ? 98  GLY A CA  1 
ATOM   690  C C   . GLY A 1 98  ? 1.535   -9.543  -3.557  1.00 41.98 ? 98  GLY A C   1 
ATOM   691  O O   . GLY A 1 98  ? 0.722   -9.947  -4.394  1.00 43.43 ? 98  GLY A O   1 
ATOM   692  N N   . PHE A 1 99  ? 1.690   -8.254  -3.240  1.00 40.15 ? 99  PHE A N   1 
ATOM   693  C CA  . PHE A 1 99  ? 0.923   -7.158  -3.845  1.00 38.07 ? 99  PHE A CA  1 
ATOM   694  C C   . PHE A 1 99  ? 1.932   -6.074  -4.242  1.00 38.74 ? 99  PHE A C   1 
ATOM   695  O O   . PHE A 1 99  ? 2.757   -5.670  -3.427  1.00 40.55 ? 99  PHE A O   1 
ATOM   696  C CB  . PHE A 1 99  ? -0.080  -6.593  -2.827  1.00 32.97 ? 99  PHE A CB  1 
ATOM   697  C CG  . PHE A 1 99  ? -1.014  -7.620  -2.278  1.00 30.76 ? 99  PHE A CG  1 
ATOM   698  C CD1 . PHE A 1 99  ? -2.304  -7.749  -2.785  1.00 30.44 ? 99  PHE A CD1 1 
ATOM   699  C CD2 . PHE A 1 99  ? -0.578  -8.524  -1.307  1.00 30.67 ? 99  PHE A CD2 1 
ATOM   700  C CE1 . PHE A 1 99  ? -3.154  -8.772  -2.343  1.00 27.65 ? 99  PHE A CE1 1 
ATOM   701  C CE2 . PHE A 1 99  ? -1.417  -9.548  -0.858  1.00 31.00 ? 99  PHE A CE2 1 
ATOM   702  C CZ  . PHE A 1 99  ? -2.713  -9.668  -1.386  1.00 29.63 ? 99  PHE A CZ  1 
ATOM   703  N N   . ILE A 1 100 ? 1.881   -5.610  -5.485  1.00 37.82 ? 100 ILE A N   1 
ATOM   704  C CA  . ILE A 1 100 ? 2.825   -4.596  -5.926  1.00 38.19 ? 100 ILE A CA  1 
ATOM   705  C C   . ILE A 1 100 ? 2.096   -3.266  -6.164  1.00 39.58 ? 100 ILE A C   1 
ATOM   706  O O   . ILE A 1 100 ? 1.279   -3.133  -7.085  1.00 40.72 ? 100 ILE A O   1 
ATOM   707  C CB  . ILE A 1 100 ? 3.561   -5.057  -7.226  1.00 38.54 ? 100 ILE A CB  1 
ATOM   708  C CG1 . ILE A 1 100 ? 4.086   -6.484  -7.058  1.00 35.47 ? 100 ILE A CG1 1 
ATOM   709  C CG2 . ILE A 1 100 ? 4.730   -4.128  -7.543  1.00 37.48 ? 100 ILE A CG2 1 
ATOM   710  C CD1 . ILE A 1 100 ? 5.085   -6.643  -5.944  1.00 32.69 ? 100 ILE A CD1 1 
ATOM   711  N N   . LEU A 1 101 ? 2.380   -2.292  -5.308  1.00 38.83 ? 101 LEU A N   1 
ATOM   712  C CA  . LEU A 1 101 ? 1.772   -0.969  -5.391  1.00 38.07 ? 101 LEU A CA  1 
ATOM   713  C C   . LEU A 1 101 ? 2.790   -0.113  -6.146  1.00 39.07 ? 101 LEU A C   1 
ATOM   714  O O   . LEU A 1 101 ? 3.902   0.119   -5.671  1.00 39.82 ? 101 LEU A O   1 
ATOM   715  C CB  . LEU A 1 101 ? 1.527   -0.454  -3.969  1.00 36.46 ? 101 LEU A CB  1 
ATOM   716  C CG  . LEU A 1 101 ? 0.800   0.861   -3.708  1.00 37.28 ? 101 LEU A CG  1 
ATOM   717  C CD1 . LEU A 1 101 ? -0.552  0.857   -4.382  1.00 38.15 ? 101 LEU A CD1 1 
ATOM   718  C CD2 . LEU A 1 101 ? 0.658   1.045   -2.208  1.00 34.41 ? 101 LEU A CD2 1 
ATOM   719  N N   . HIS A 1 102 ? 2.422   0.368   -7.323  1.00 39.95 ? 102 HIS A N   1 
ATOM   720  C CA  . HIS A 1 102 ? 3.390   1.117   -8.111  1.00 41.14 ? 102 HIS A CA  1 
ATOM   721  C C   . HIS A 1 102 ? 2.844   2.193   -9.031  1.00 42.60 ? 102 HIS A C   1 
ATOM   722  O O   . HIS A 1 102 ? 1.622   2.387   -9.162  1.00 42.64 ? 102 HIS A O   1 
ATOM   723  C CB  . HIS A 1 102 ? 4.171   0.131   -8.973  1.00 40.25 ? 102 HIS A CB  1 
ATOM   724  C CG  . HIS A 1 102 ? 3.317   -0.579  -9.979  1.00 38.40 ? 102 HIS A CG  1 
ATOM   725  N ND1 . HIS A 1 102 ? 2.824   0.045   -11.105 1.00 36.04 ? 102 HIS A ND1 1 
ATOM   726  C CD2 . HIS A 1 102 ? 2.817   -1.838  -9.998  1.00 38.10 ? 102 HIS A CD2 1 
ATOM   727  C CE1 . HIS A 1 102 ? 2.057   -0.799  -11.770 1.00 36.99 ? 102 HIS A CE1 1 
ATOM   728  N NE2 . HIS A 1 102 ? 2.034   -1.948  -11.120 1.00 37.48 ? 102 HIS A NE2 1 
ATOM   729  N N   . ARG A 1 103 ? 3.786   2.882   -9.675  1.00 42.78 ? 103 ARG A N   1 
ATOM   730  C CA  . ARG A 1 103 ? 3.465   3.915   -10.643 1.00 44.50 ? 103 ARG A CA  1 
ATOM   731  C C   . ARG A 1 103 ? 3.213   3.169   -11.935 1.00 46.65 ? 103 ARG A C   1 
ATOM   732  O O   . ARG A 1 103 ? 4.042   2.365   -12.370 1.00 46.75 ? 103 ARG A O   1 
ATOM   733  C CB  . ARG A 1 103 ? 4.632   4.873   -10.830 1.00 43.12 ? 103 ARG A CB  1 
ATOM   734  C CG  . ARG A 1 103 ? 4.853   5.798   -9.668  1.00 42.13 ? 103 ARG A CG  1 
ATOM   735  C CD  . ARG A 1 103 ? 6.145   6.538   -9.830  1.00 41.36 ? 103 ARG A CD  1 
ATOM   736  N NE  . ARG A 1 103 ? 6.331   7.520   -8.770  1.00 42.04 ? 103 ARG A NE  1 
ATOM   737  C CZ  . ARG A 1 103 ? 5.568   8.593   -8.601  1.00 40.48 ? 103 ARG A CZ  1 
ATOM   738  N NH1 . ARG A 1 103 ? 4.557   8.831   -9.425  1.00 38.22 ? 103 ARG A NH1 1 
ATOM   739  N NH2 . ARG A 1 103 ? 5.830   9.432   -7.609  1.00 40.24 ? 103 ARG A NH2 1 
ATOM   740  N N   . PRO A 1 104 ? 2.051   3.402   -12.553 1.00 48.85 ? 104 PRO A N   1 
ATOM   741  C CA  . PRO A 1 104 ? 1.686   2.743   -13.808 1.00 49.69 ? 104 PRO A CA  1 
ATOM   742  C C   . PRO A 1 104 ? 2.769   2.861   -14.873 1.00 50.18 ? 104 PRO A C   1 
ATOM   743  O O   . PRO A 1 104 ? 3.284   3.948   -15.129 1.00 50.35 ? 104 PRO A O   1 
ATOM   744  C CB  . PRO A 1 104 ? 0.405   3.466   -14.200 1.00 49.99 ? 104 PRO A CB  1 
ATOM   745  C CG  . PRO A 1 104 ? -0.227  3.735   -12.863 1.00 49.82 ? 104 PRO A CG  1 
ATOM   746  C CD  . PRO A 1 104 ? 0.949   4.250   -12.064 1.00 49.27 ? 104 PRO A CD  1 
ATOM   747  N N   . ARG A 1 105 ? 3.121   1.737   -15.484 1.00 51.12 ? 105 ARG A N   1 
ATOM   748  C CA  . ARG A 1 105 ? 4.136   1.722   -16.538 1.00 51.87 ? 105 ARG A CA  1 
ATOM   749  C C   . ARG A 1 105 ? 3.633   0.838   -17.672 1.00 51.42 ? 105 ARG A C   1 
ATOM   750  O O   . ARG A 1 105 ? 2.831   1.283   -18.490 1.00 51.30 ? 105 ARG A O   1 
ATOM   751  C CB  . ARG A 1 105 ? 5.465   1.185   -15.999 1.00 53.44 ? 105 ARG A CB  1 
ATOM   752  C CG  . ARG A 1 105 ? 6.651   1.303   -16.951 1.00 53.06 ? 105 ARG A CG  1 
ATOM   753  C CD  . ARG A 1 105 ? 7.935   0.971   -16.206 1.00 55.65 ? 105 ARG A CD  1 
ATOM   754  N NE  . ARG A 1 105 ? 9.101   0.825   -17.076 1.00 57.62 ? 105 ARG A NE  1 
ATOM   755  C CZ  . ARG A 1 105 ? 9.637   1.810   -17.789 1.00 58.20 ? 105 ARG A CZ  1 
ATOM   756  N NH1 . ARG A 1 105 ? 9.114   3.034   -17.744 1.00 57.79 ? 105 ARG A NH1 1 
ATOM   757  N NH2 . ARG A 1 105 ? 10.699  1.570   -18.549 1.00 57.30 ? 105 ARG A NH2 1 
ATOM   758  N N   . ASP A 1 106 ? 4.087   -0.413  -17.712 1.00 51.09 ? 106 ASP A N   1 
ATOM   759  C CA  . ASP A 1 106 ? 3.658   -1.336  -18.757 1.00 50.33 ? 106 ASP A CA  1 
ATOM   760  C C   . ASP A 1 106 ? 2.406   -2.092  -18.313 1.00 49.58 ? 106 ASP A C   1 
ATOM   761  O O   . ASP A 1 106 ? 1.942   -1.941  -17.183 1.00 50.43 ? 106 ASP A O   1 
ATOM   762  C CB  . ASP A 1 106 ? 4.773   -2.335  -19.097 1.00 51.36 ? 106 ASP A CB  1 
ATOM   763  C CG  . ASP A 1 106 ? 6.094   -1.657  -19.454 1.00 53.05 ? 106 ASP A CG  1 
ATOM   764  O OD1 . ASP A 1 106 ? 6.108   -0.780  -20.351 1.00 51.70 ? 106 ASP A OD1 1 
ATOM   765  O OD2 . ASP A 1 106 ? 7.125   -2.016  -18.833 1.00 55.02 ? 106 ASP A OD2 1 
ATOM   766  N N   . HIS A 1 107 ? 1.867   -2.910  -19.210 1.00 48.34 ? 107 HIS A N   1 
ATOM   767  C CA  . HIS A 1 107 ? 0.668   -3.676  -18.922 1.00 47.43 ? 107 HIS A CA  1 
ATOM   768  C C   . HIS A 1 107 ? 0.982   -5.031  -18.302 1.00 46.58 ? 107 HIS A C   1 
ATOM   769  O O   . HIS A 1 107 ? 1.785   -5.811  -18.823 1.00 46.21 ? 107 HIS A O   1 
ATOM   770  C CB  . HIS A 1 107 ? -0.163  -3.833  -20.207 1.00 48.89 ? 107 HIS A CB  1 
ATOM   771  C CG  . HIS A 1 107 ? -1.236  -4.879  -20.125 1.00 49.24 ? 107 HIS A CG  1 
ATOM   772  N ND1 . HIS A 1 107 ? -0.968  -6.230  -20.217 1.00 48.63 ? 107 HIS A ND1 1 
ATOM   773  C CD2 . HIS A 1 107 ? -2.579  -4.770  -19.987 1.00 49.61 ? 107 HIS A CD2 1 
ATOM   774  C CE1 . HIS A 1 107 ? -2.100  -6.907  -20.139 1.00 48.81 ? 107 HIS A CE1 1 
ATOM   775  N NE2 . HIS A 1 107 ? -3.093  -6.046  -20.000 1.00 50.83 ? 107 HIS A NE2 1 
ATOM   776  N N   . TYR A 1 108 ? 0.348   -5.296  -17.166 1.00 45.81 ? 108 TYR A N   1 
ATOM   777  C CA  . TYR A 1 108 ? 0.529   -6.557  -16.457 1.00 44.42 ? 108 TYR A CA  1 
ATOM   778  C C   . TYR A 1 108 ? -0.840  -7.215  -16.388 1.00 43.96 ? 108 TYR A C   1 
ATOM   779  O O   . TYR A 1 108 ? -1.867  -6.534  -16.354 1.00 40.89 ? 108 TYR A O   1 
ATOM   780  C CB  . TYR A 1 108 ? 1.097   -6.297  -15.054 1.00 43.31 ? 108 TYR A CB  1 
ATOM   781  C CG  . TYR A 1 108 ? 2.297   -5.377  -15.076 1.00 42.32 ? 108 TYR A CG  1 
ATOM   782  C CD1 . TYR A 1 108 ? 3.490   -5.775  -15.674 1.00 42.47 ? 108 TYR A CD1 1 
ATOM   783  C CD2 . TYR A 1 108 ? 2.213   -4.073  -14.585 1.00 41.85 ? 108 TYR A CD2 1 
ATOM   784  C CE1 . TYR A 1 108 ? 4.564   -4.895  -15.792 1.00 42.43 ? 108 TYR A CE1 1 
ATOM   785  C CE2 . TYR A 1 108 ? 3.279   -3.190  -14.697 1.00 41.83 ? 108 TYR A CE2 1 
ATOM   786  C CZ  . TYR A 1 108 ? 4.453   -3.606  -15.307 1.00 42.06 ? 108 TYR A CZ  1 
ATOM   787  O OH  . TYR A 1 108 ? 5.506   -2.732  -15.471 1.00 43.55 ? 108 TYR A OH  1 
ATOM   788  N N   . GLU A 1 109 ? -0.846  -8.540  -16.387 1.00 45.13 ? 109 GLU A N   1 
ATOM   789  C CA  . GLU A 1 109 ? -2.084  -9.302  -16.363 1.00 46.92 ? 109 GLU A CA  1 
ATOM   790  C C   . GLU A 1 109 ? -3.039  -8.942  -15.232 1.00 46.34 ? 109 GLU A C   1 
ATOM   791  O O   . GLU A 1 109 ? -4.119  -8.420  -15.482 1.00 47.71 ? 109 GLU A O   1 
ATOM   792  C CB  . GLU A 1 109 ? -1.749  -10.791 -16.346 1.00 49.96 ? 109 GLU A CB  1 
ATOM   793  C CG  . GLU A 1 109 ? -0.930  -11.209 -17.565 1.00 55.79 ? 109 GLU A CG  1 
ATOM   794  C CD  . GLU A 1 109 ? -0.334  -12.608 -17.450 1.00 59.00 ? 109 GLU A CD  1 
ATOM   795  O OE1 . GLU A 1 109 ? -1.047  -13.536 -16.991 1.00 58.72 ? 109 GLU A OE1 1 
ATOM   796  O OE2 . GLU A 1 109 ? 0.848   -12.775 -17.841 1.00 60.58 ? 109 GLU A OE2 1 
ATOM   797  N N   . SER A 1 110 ? -2.664  -9.208  -13.991 1.00 45.11 ? 110 SER A N   1 
ATOM   798  C CA  . SER A 1 110 ? -3.554  -8.884  -12.886 1.00 44.72 ? 110 SER A CA  1 
ATOM   799  C C   . SER A 1 110 ? -3.223  -7.521  -12.304 1.00 44.59 ? 110 SER A C   1 
ATOM   800  O O   . SER A 1 110 ? -2.383  -7.402  -11.409 1.00 45.91 ? 110 SER A O   1 
ATOM   801  C CB  . SER A 1 110 ? -3.445  -9.945  -11.804 1.00 44.81 ? 110 SER A CB  1 
ATOM   802  O OG  . SER A 1 110 ? -3.633  -11.229 -12.366 1.00 49.15 ? 110 SER A OG  1 
ATOM   803  N N   . SER A 1 111 ? -3.880  -6.486  -12.802 1.00 42.60 ? 111 SER A N   1 
ATOM   804  C CA  . SER A 1 111 ? -3.599  -5.163  -12.293 1.00 43.41 ? 111 SER A CA  1 
ATOM   805  C C   . SER A 1 111 ? -4.814  -4.262  -12.215 1.00 45.10 ? 111 SER A C   1 
ATOM   806  O O   . SER A 1 111 ? -5.675  -4.268  -13.095 1.00 46.00 ? 111 SER A O   1 
ATOM   807  C CB  . SER A 1 111 ? -2.521  -4.501  -13.138 1.00 43.57 ? 111 SER A CB  1 
ATOM   808  O OG  . SER A 1 111 ? -2.331  -3.161  -12.728 1.00 45.61 ? 111 SER A OG  1 
ATOM   809  N N   . MET A 1 112 ? -4.868  -3.482  -11.143 1.00 46.81 ? 112 MET A N   1 
ATOM   810  C CA  . MET A 1 112 ? -5.960  -2.562  -10.890 1.00 48.57 ? 112 MET A CA  1 
ATOM   811  C C   . MET A 1 112 ? -5.427  -1.136  -10.823 1.00 48.55 ? 112 MET A C   1 
ATOM   812  O O   . MET A 1 112 ? -4.729  -0.766  -9.882  1.00 49.46 ? 112 MET A O   1 
ATOM   813  C CB  . MET A 1 112 ? -6.647  -2.945  -9.575  1.00 52.24 ? 112 MET A CB  1 
ATOM   814  C CG  . MET A 1 112 ? -7.606  -1.890  -9.003  1.00 58.36 ? 112 MET A CG  1 
ATOM   815  S SD  . MET A 1 112 ? -8.623  -2.516  -7.613  1.00 64.51 ? 112 MET A SD  1 
ATOM   816  C CE  . MET A 1 112 ? -7.346  -3.078  -6.399  1.00 61.82 ? 112 MET A CE  1 
ATOM   817  N N   . LYS A 1 113 ? -5.734  -0.337  -11.833 1.00 48.40 ? 113 LYS A N   1 
ATOM   818  C CA  . LYS A 1 113 ? -5.272  1.034   -11.827 1.00 49.00 ? 113 LYS A CA  1 
ATOM   819  C C   . LYS A 1 113 ? -6.160  1.857   -10.906 1.00 49.69 ? 113 LYS A C   1 
ATOM   820  O O   . LYS A 1 113 ? -7.383  1.764   -10.961 1.00 48.55 ? 113 LYS A O   1 
ATOM   821  C CB  . LYS A 1 113 ? -5.289  1.629   -13.236 1.00 49.09 ? 113 LYS A CB  1 
ATOM   822  C CG  . LYS A 1 113 ? -3.898  1.946   -13.769 1.00 50.82 ? 113 LYS A CG  1 
ATOM   823  C CD  . LYS A 1 113 ? -3.926  3.023   -14.843 1.00 50.37 ? 113 LYS A CD  1 
ATOM   824  C CE  . LYS A 1 113 ? -4.479  4.336   -14.300 1.00 51.20 ? 113 LYS A CE  1 
ATOM   825  N NZ  . LYS A 1 113 ? -4.347  5.481   -15.267 1.00 51.37 ? 113 LYS A NZ  1 
ATOM   826  N N   . MET A 1 114 ? -5.527  2.643   -10.041 1.00 50.52 ? 114 MET A N   1 
ATOM   827  C CA  . MET A 1 114 ? -6.241  3.492   -9.103  1.00 50.11 ? 114 MET A CA  1 
ATOM   828  C C   . MET A 1 114 ? -6.231  4.910   -9.674  1.00 52.21 ? 114 MET A C   1 
ATOM   829  O O   . MET A 1 114 ? -7.276  5.537   -9.833  1.00 54.05 ? 114 MET A O   1 
ATOM   830  C CB  . MET A 1 114 ? -5.548  3.471   -7.747  1.00 48.41 ? 114 MET A CB  1 
ATOM   831  C CG  . MET A 1 114 ? -5.307  2.088   -7.172  1.00 48.46 ? 114 MET A CG  1 
ATOM   832  S SD  . MET A 1 114 ? -6.812  1.157   -6.794  1.00 50.85 ? 114 MET A SD  1 
ATOM   833  C CE  . MET A 1 114 ? -7.517  2.127   -5.488  1.00 48.69 ? 114 MET A CE  1 
ATOM   834  N N   . THR A 1 115 ? -5.043  5.411   -9.986  1.00 52.86 ? 115 THR A N   1 
ATOM   835  C CA  . THR A 1 115 ? -4.909  6.751   -10.540 1.00 52.95 ? 115 THR A CA  1 
ATOM   836  C C   . THR A 1 115 ? -3.908  6.719   -11.678 1.00 54.20 ? 115 THR A C   1 
ATOM   837  O O   . THR A 1 115 ? -3.401  5.660   -12.036 1.00 55.50 ? 115 THR A O   1 
ATOM   838  C CB  . THR A 1 115 ? -4.381  7.729   -9.502  1.00 52.13 ? 115 THR A CB  1 
ATOM   839  O OG1 . THR A 1 115 ? -3.022  7.398   -9.191  1.00 52.51 ? 115 THR A OG1 1 
ATOM   840  C CG2 . THR A 1 115 ? -5.219  7.664   -8.243  1.00 51.43 ? 115 THR A CG2 1 
ATOM   841  N N   . ASP A 1 116 ? -3.614  7.883   -12.238 1.00 53.97 ? 116 ASP A N   1 
ATOM   842  C CA  . ASP A 1 116 ? -2.656  7.961   -13.325 1.00 54.63 ? 116 ASP A CA  1 
ATOM   843  C C   . ASP A 1 116 ? -1.277  7.732   -12.750 1.00 54.05 ? 116 ASP A C   1 
ATOM   844  O O   . ASP A 1 116 ? -0.300  7.607   -13.489 1.00 53.96 ? 116 ASP A O   1 
ATOM   845  C CB  . ASP A 1 116 ? -2.702  9.340   -13.962 1.00 57.31 ? 116 ASP A CB  1 
ATOM   846  C CG  . ASP A 1 116 ? -4.026  9.624   -14.617 1.00 60.11 ? 116 ASP A CG  1 
ATOM   847  O OD1 . ASP A 1 116 ? -4.308  10.816  -14.882 1.00 61.42 ? 116 ASP A OD1 1 
ATOM   848  O OD2 . ASP A 1 116 ? -4.777  8.652   -14.874 1.00 61.85 ? 116 ASP A OD2 1 
ATOM   849  N N   . ASP A 1 117 ? -1.212  7.666   -11.424 1.00 52.41 ? 117 ASP A N   1 
ATOM   850  C CA  . ASP A 1 117 ? 0.054   7.495   -10.733 1.00 50.43 ? 117 ASP A CA  1 
ATOM   851  C C   . ASP A 1 117 ? 0.146   6.346   -9.749  1.00 48.19 ? 117 ASP A C   1 
ATOM   852  O O   . ASP A 1 117 ? 1.204   6.104   -9.190  1.00 48.29 ? 117 ASP A O   1 
ATOM   853  C CB  . ASP A 1 117 ? 0.399   8.791   -10.012 1.00 52.28 ? 117 ASP A CB  1 
ATOM   854  C CG  . ASP A 1 117 ? 0.799   9.895   -10.967 1.00 54.80 ? 117 ASP A CG  1 
ATOM   855  O OD1 . ASP A 1 117 ? 1.930   9.827   -11.509 1.00 56.62 ? 117 ASP A OD1 1 
ATOM   856  O OD2 . ASP A 1 117 ? -0.020  10.819  -11.185 1.00 52.71 ? 117 ASP A OD2 1 
ATOM   857  N N   . ILE A 1 118 ? -0.949  5.635   -9.530  1.00 45.71 ? 118 ILE A N   1 
ATOM   858  C CA  . ILE A 1 118 ? -0.916  4.528   -8.586  1.00 42.49 ? 118 ILE A CA  1 
ATOM   859  C C   . ILE A 1 118 ? -1.723  3.358   -9.122  1.00 41.85 ? 118 ILE A C   1 
ATOM   860  O O   . ILE A 1 118 ? -2.816  3.541   -9.663  1.00 40.84 ? 118 ILE A O   1 
ATOM   861  C CB  . ILE A 1 118 ? -1.510  4.946   -7.218  1.00 41.65 ? 118 ILE A CB  1 
ATOM   862  C CG1 . ILE A 1 118 ? -0.855  6.239   -6.736  1.00 40.73 ? 118 ILE A CG1 1 
ATOM   863  C CG2 . ILE A 1 118 ? -1.298  3.839   -6.186  1.00 41.07 ? 118 ILE A CG2 1 
ATOM   864  C CD1 . ILE A 1 118 ? -1.491  6.808   -5.499  1.00 41.11 ? 118 ILE A CD1 1 
ATOM   865  N N   . ALA A 1 119 ? -1.184  2.156   -8.968  1.00 39.94 ? 119 ALA A N   1 
ATOM   866  C CA  . ALA A 1 119 ? -1.881  0.963   -9.417  1.00 38.66 ? 119 ALA A CA  1 
ATOM   867  C C   . ALA A 1 119 ? -1.464  -0.239  -8.576  1.00 37.53 ? 119 ALA A C   1 
ATOM   868  O O   . ALA A 1 119 ? -0.448  -0.204  -7.897  1.00 39.35 ? 119 ALA A O   1 
ATOM   869  C CB  . ALA A 1 119 ? -1.577  0.721   -10.873 1.00 39.28 ? 119 ALA A CB  1 
ATOM   870  N N   . VAL A 1 120 ? -2.257  -1.297  -8.599  1.00 36.25 ? 120 VAL A N   1 
ATOM   871  C CA  . VAL A 1 120 ? -1.917  -2.494  -7.840  1.00 36.14 ? 120 VAL A CA  1 
ATOM   872  C C   . VAL A 1 120 ? -1.917  -3.676  -8.791  1.00 35.39 ? 120 VAL A C   1 
ATOM   873  O O   . VAL A 1 120 ? -2.897  -3.917  -9.480  1.00 34.91 ? 120 VAL A O   1 
ATOM   874  C CB  . VAL A 1 120 ? -2.931  -2.772  -6.713  1.00 36.49 ? 120 VAL A CB  1 
ATOM   875  C CG1 . VAL A 1 120 ? -2.549  -4.031  -5.967  1.00 35.21 ? 120 VAL A CG1 1 
ATOM   876  C CG2 . VAL A 1 120 ? -2.967  -1.610  -5.755  1.00 39.54 ? 120 VAL A CG2 1 
ATOM   877  N N   . THR A 1 121 ? -0.810  -4.404  -8.819  1.00 34.87 ? 121 THR A N   1 
ATOM   878  C CA  . THR A 1 121 ? -0.669  -5.555  -9.691  1.00 35.18 ? 121 THR A CA  1 
ATOM   879  C C   . THR A 1 121 ? -0.507  -6.820  -8.854  1.00 37.25 ? 121 THR A C   1 
ATOM   880  O O   . THR A 1 121 ? 0.278   -6.842  -7.901  1.00 38.55 ? 121 THR A O   1 
ATOM   881  C CB  . THR A 1 121 ? 0.579   -5.401  -10.568 1.00 34.74 ? 121 THR A CB  1 
ATOM   882  O OG1 . THR A 1 121 ? 0.597   -4.097  -11.160 1.00 31.26 ? 121 THR A OG1 1 
ATOM   883  C CG2 . THR A 1 121 ? 0.593   -6.460  -11.655 1.00 35.87 ? 121 THR A CG2 1 
ATOM   884  N N   . THR A 1 122 ? -1.231  -7.879  -9.192  1.00 38.36 ? 122 THR A N   1 
ATOM   885  C CA  . THR A 1 122 ? -1.080  -9.110  -8.421  1.00 41.35 ? 122 THR A CA  1 
ATOM   886  C C   . THR A 1 122 ? -0.616  -10.295 -9.258  1.00 42.43 ? 122 THR A C   1 
ATOM   887  O O   . THR A 1 122 ? -0.512  -11.406 -8.750  1.00 44.68 ? 122 THR A O   1 
ATOM   888  C CB  . THR A 1 122 ? -2.380  -9.511  -7.696  1.00 41.72 ? 122 THR A CB  1 
ATOM   889  O OG1 . THR A 1 122 ? -3.393  -9.830  -8.657  1.00 44.55 ? 122 THR A OG1 1 
ATOM   890  C CG2 . THR A 1 122 ? -2.856  -8.377  -6.812  1.00 42.75 ? 122 THR A CG2 1 
ATOM   891  N N   . SER A 1 123 ? -0.343  -10.074 -10.538 1.00 42.22 ? 123 SER A N   1 
ATOM   892  C CA  . SER A 1 123 ? 0.140   -11.158 -11.379 1.00 41.82 ? 123 SER A CA  1 
ATOM   893  C C   . SER A 1 123 ? 1.668   -11.242 -11.264 1.00 42.29 ? 123 SER A C   1 
ATOM   894  O O   . SER A 1 123 ? 2.337   -10.232 -11.033 1.00 42.12 ? 123 SER A O   1 
ATOM   895  C CB  . SER A 1 123 ? -0.293  -10.940 -12.837 1.00 41.34 ? 123 SER A CB  1 
ATOM   896  O OG  . SER A 1 123 ? -0.091  -9.609  -13.258 1.00 39.41 ? 123 SER A OG  1 
ATOM   897  N N   . LYS A 1 124 ? 2.213   -12.445 -11.418 1.00 42.43 ? 124 LYS A N   1 
ATOM   898  C CA  . LYS A 1 124 ? 3.655   -12.665 -11.313 1.00 42.89 ? 124 LYS A CA  1 
ATOM   899  C C   . LYS A 1 124 ? 4.486   -12.044 -12.434 1.00 42.47 ? 124 LYS A C   1 
ATOM   900  O O   . LYS A 1 124 ? 5.700   -11.861 -12.293 1.00 42.24 ? 124 LYS A O   1 
ATOM   901  C CB  . LYS A 1 124 ? 3.951   -14.161 -11.279 1.00 43.98 ? 124 LYS A CB  1 
ATOM   902  C CG  . LYS A 1 124 ? 3.232   -14.908 -10.191 1.00 50.04 ? 124 LYS A CG  1 
ATOM   903  C CD  . LYS A 1 124 ? 3.481   -16.410 -10.300 1.00 55.17 ? 124 LYS A CD  1 
ATOM   904  C CE  . LYS A 1 124 ? 4.949   -16.783 -10.014 1.00 58.98 ? 124 LYS A CE  1 
ATOM   905  N NZ  . LYS A 1 124 ? 5.914   -16.366 -11.083 1.00 59.28 ? 124 LYS A NZ  1 
ATOM   906  N N   . ASP A 1 125 ? 3.844   -11.724 -13.548 1.00 41.80 ? 125 ASP A N   1 
ATOM   907  C CA  . ASP A 1 125 ? 4.564   -11.162 -14.676 1.00 41.42 ? 125 ASP A CA  1 
ATOM   908  C C   . ASP A 1 125 ? 5.408   -9.944  -14.306 1.00 40.94 ? 125 ASP A C   1 
ATOM   909  O O   . ASP A 1 125 ? 6.495   -9.757  -14.851 1.00 41.74 ? 125 ASP A O   1 
ATOM   910  C CB  . ASP A 1 125 ? 3.579   -10.819 -15.799 1.00 42.64 ? 125 ASP A CB  1 
ATOM   911  C CG  . ASP A 1 125 ? 2.615   -9.726  -15.413 1.00 44.59 ? 125 ASP A CG  1 
ATOM   912  O OD1 . ASP A 1 125 ? 2.235   -9.673  -14.227 1.00 45.24 ? 125 ASP A OD1 1 
ATOM   913  O OD2 . ASP A 1 125 ? 2.226   -8.930  -16.298 1.00 46.98 ? 125 ASP A OD2 1 
ATOM   914  N N   . ILE A 1 126 ? 4.930   -9.138  -13.362 1.00 39.83 ? 126 ILE A N   1 
ATOM   915  C CA  . ILE A 1 126 ? 5.632   -7.921  -12.938 1.00 37.85 ? 126 ILE A CA  1 
ATOM   916  C C   . ILE A 1 126 ? 7.009   -8.150  -12.277 1.00 38.24 ? 126 ILE A C   1 
ATOM   917  O O   . ILE A 1 126 ? 7.937   -7.349  -12.438 1.00 37.41 ? 126 ILE A O   1 
ATOM   918  C CB  . ILE A 1 126 ? 4.728   -7.101  -11.992 1.00 36.43 ? 126 ILE A CB  1 
ATOM   919  C CG1 . ILE A 1 126 ? 5.151   -5.637  -11.998 1.00 35.62 ? 126 ILE A CG1 1 
ATOM   920  C CG2 . ILE A 1 126 ? 4.767   -7.686  -10.590 1.00 35.47 ? 126 ILE A CG2 1 
ATOM   921  C CD1 . ILE A 1 126 ? 4.184   -4.740  -11.262 1.00 37.73 ? 126 ILE A CD1 1 
ATOM   922  N N   . LEU A 1 127 ? 7.149   -9.251  -11.551 1.00 38.18 ? 127 LEU A N   1 
ATOM   923  C CA  . LEU A 1 127 ? 8.408   -9.562  -10.878 1.00 38.85 ? 127 LEU A CA  1 
ATOM   924  C C   . LEU A 1 127 ? 9.598   -9.732  -11.823 1.00 40.46 ? 127 LEU A C   1 
ATOM   925  O O   . LEU A 1 127 ? 10.742  -9.526  -11.422 1.00 41.04 ? 127 LEU A O   1 
ATOM   926  C CB  . LEU A 1 127 ? 8.255   -10.835 -10.044 1.00 37.80 ? 127 LEU A CB  1 
ATOM   927  C CG  . LEU A 1 127 ? 7.146   -10.875 -8.990  1.00 35.23 ? 127 LEU A CG  1 
ATOM   928  C CD1 . LEU A 1 127 ? 6.946   -12.299 -8.512  1.00 34.05 ? 127 LEU A CD1 1 
ATOM   929  C CD2 . LEU A 1 127 ? 7.507   -9.966  -7.847  1.00 32.94 ? 127 LEU A CD2 1 
ATOM   930  N N   . THR A 1 128 ? 9.342   -10.112 -13.070 1.00 41.76 ? 128 THR A N   1 
ATOM   931  C CA  . THR A 1 128 ? 10.434  -10.308 -14.015 1.00 41.53 ? 128 THR A CA  1 
ATOM   932  C C   . THR A 1 128 ? 11.019  -9.013  -14.560 1.00 43.62 ? 128 THR A C   1 
ATOM   933  O O   . THR A 1 128 ? 11.941  -9.050  -15.373 1.00 45.07 ? 128 THR A O   1 
ATOM   934  C CB  . THR A 1 128 ? 10.008  -11.199 -15.190 1.00 40.35 ? 128 THR A CB  1 
ATOM   935  O OG1 . THR A 1 128 ? 8.816   -10.673 -15.778 1.00 40.72 ? 128 THR A OG1 1 
ATOM   936  C CG2 . THR A 1 128 ? 9.757   -12.622 -14.723 1.00 37.69 ? 128 THR A CG2 1 
ATOM   937  N N   . VAL A 1 129 ? 10.499  -7.864  -14.134 1.00 45.04 ? 129 VAL A N   1 
ATOM   938  C CA  . VAL A 1 129 ? 11.068  -6.604  -14.613 1.00 46.51 ? 129 VAL A CA  1 
ATOM   939  C C   . VAL A 1 129 ? 11.701  -5.824  -13.479 1.00 47.61 ? 129 VAL A C   1 
ATOM   940  O O   . VAL A 1 129 ? 12.279  -4.761  -13.702 1.00 48.07 ? 129 VAL A O   1 
ATOM   941  C CB  . VAL A 1 129 ? 10.026  -5.685  -15.304 1.00 45.77 ? 129 VAL A CB  1 
ATOM   942  C CG1 . VAL A 1 129 ? 9.451   -6.387  -16.508 1.00 46.87 ? 129 VAL A CG1 1 
ATOM   943  C CG2 . VAL A 1 129 ? 8.937   -5.280  -14.339 1.00 44.80 ? 129 VAL A CG2 1 
ATOM   944  N N   . LEU A 1 130 ? 11.595  -6.354  -12.262 1.00 48.92 ? 130 LEU A N   1 
ATOM   945  C CA  . LEU A 1 130 ? 12.158  -5.680  -11.095 1.00 49.59 ? 130 LEU A CA  1 
ATOM   946  C C   . LEU A 1 130 ? 13.678  -5.724  -11.134 1.00 52.01 ? 130 LEU A C   1 
ATOM   947  O O   . LEU A 1 130 ? 14.279  -6.750  -11.466 1.00 53.10 ? 130 LEU A O   1 
ATOM   948  C CB  . LEU A 1 130 ? 11.621  -6.306  -9.796  1.00 46.22 ? 130 LEU A CB  1 
ATOM   949  C CG  . LEU A 1 130 ? 10.104  -6.108  -9.597  1.00 45.35 ? 130 LEU A CG  1 
ATOM   950  C CD1 . LEU A 1 130 ? 9.626   -6.764  -8.317  1.00 41.15 ? 130 LEU A CD1 1 
ATOM   951  C CD2 . LEU A 1 130 ? 9.785   -4.620  -9.578  1.00 44.05 ? 130 LEU A CD2 1 
ATOM   952  N N   . GLY A 1 131 ? 14.295  -4.595  -10.805 1.00 53.70 ? 131 GLY A N   1 
ATOM   953  C CA  . GLY A 1 131 ? 15.738  -4.520  -10.831 1.00 54.77 ? 131 GLY A CA  1 
ATOM   954  C C   . GLY A 1 131 ? 16.158  -4.169  -12.238 1.00 56.65 ? 131 GLY A C   1 
ATOM   955  O O   . GLY A 1 131 ? 17.259  -3.662  -12.446 1.00 58.97 ? 131 GLY A O   1 
ATOM   956  N N   . THR A 1 132 ? 15.279  -4.427  -13.205 1.00 56.76 ? 132 THR A N   1 
ATOM   957  C CA  . THR A 1 132 ? 15.576  -4.129  -14.608 1.00 57.37 ? 132 THR A CA  1 
ATOM   958  C C   . THR A 1 132 ? 15.145  -2.706  -14.952 1.00 57.16 ? 132 THR A C   1 
ATOM   959  O O   . THR A 1 132 ? 14.560  -2.011  -14.126 1.00 56.87 ? 132 THR A O   1 
ATOM   960  C CB  . THR A 1 132 ? 14.850  -5.098  -15.576 1.00 57.72 ? 132 THR A CB  1 
ATOM   961  O OG1 . THR A 1 132 ? 13.561  -4.568  -15.902 1.00 59.09 ? 132 THR A OG1 1 
ATOM   962  C CG2 . THR A 1 132 ? 14.683  -6.478  -14.942 1.00 56.68 ? 132 THR A CG2 1 
ATOM   963  N N   . GLU A 1 133 ? 15.426  -2.272  -16.173 1.00 57.81 ? 133 GLU A N   1 
ATOM   964  C CA  . GLU A 1 133 ? 15.058  -0.925  -16.578 1.00 59.57 ? 133 GLU A CA  1 
ATOM   965  C C   . GLU A 1 133 ? 13.597  -0.833  -17.018 1.00 57.97 ? 133 GLU A C   1 
ATOM   966  O O   . GLU A 1 133 ? 13.110  0.241   -17.388 1.00 56.27 ? 133 GLU A O   1 
ATOM   967  C CB  . GLU A 1 133 ? 15.978  -0.437  -17.703 1.00 64.07 ? 133 GLU A CB  1 
ATOM   968  C CG  . GLU A 1 133 ? 16.033  1.090   -17.797 1.00 70.87 ? 133 GLU A CG  1 
ATOM   969  C CD  . GLU A 1 133 ? 17.282  1.610   -18.494 1.00 74.08 ? 133 GLU A CD  1 
ATOM   970  O OE1 . GLU A 1 133 ? 18.382  1.043   -18.265 1.00 74.90 ? 133 GLU A OE1 1 
ATOM   971  O OE2 . GLU A 1 133 ? 17.160  2.598   -19.257 1.00 76.24 ? 133 GLU A OE2 1 
ATOM   972  N N   . ALA A 1 134 ? 12.900  -1.964  -16.957 1.00 56.87 ? 134 ALA A N   1 
ATOM   973  C CA  . ALA A 1 134 ? 11.494  -2.017  -17.346 1.00 55.73 ? 134 ALA A CA  1 
ATOM   974  C C   . ALA A 1 134 ? 10.590  -1.979  -16.122 1.00 54.99 ? 134 ALA A C   1 
ATOM   975  O O   . ALA A 1 134 ? 9.362   -2.047  -16.247 1.00 55.89 ? 134 ALA A O   1 
ATOM   976  C CB  . ALA A 1 134 ? 11.220  -3.284  -18.158 1.00 54.50 ? 134 ALA A CB  1 
ATOM   977  N N   . GLU A 1 135 ? 11.199  -1.879  -14.942 1.00 52.56 ? 135 GLU A N   1 
ATOM   978  C CA  . GLU A 1 135 ? 10.436  -1.834  -13.703 1.00 51.40 ? 135 GLU A CA  1 
ATOM   979  C C   . GLU A 1 135 ? 9.744   -0.487  -13.553 1.00 49.83 ? 135 GLU A C   1 
ATOM   980  O O   . GLU A 1 135 ? 10.066  0.466   -14.264 1.00 49.59 ? 135 GLU A O   1 
ATOM   981  C CB  . GLU A 1 135 ? 11.349  -2.095  -12.494 1.00 51.83 ? 135 GLU A CB  1 
ATOM   982  C CG  . GLU A 1 135 ? 12.266  -0.952  -12.093 1.00 50.89 ? 135 GLU A CG  1 
ATOM   983  C CD  . GLU A 1 135 ? 13.121  -1.292  -10.878 1.00 51.10 ? 135 GLU A CD  1 
ATOM   984  O OE1 . GLU A 1 135 ? 12.931  -2.381  -10.294 1.00 50.25 ? 135 GLU A OE1 1 
ATOM   985  O OE2 . GLU A 1 135 ? 13.980  -0.468  -10.502 1.00 50.98 ? 135 GLU A OE2 1 
ATOM   986  N N   . PRO A 1 136 ? 8.765   -0.395  -12.638 1.00 48.43 ? 136 PRO A N   1 
ATOM   987  C CA  . PRO A 1 136 ? 8.037   0.855   -12.414 1.00 48.26 ? 136 PRO A CA  1 
ATOM   988  C C   . PRO A 1 136 ? 8.987   1.889   -11.847 1.00 47.87 ? 136 PRO A C   1 
ATOM   989  O O   . PRO A 1 136 ? 9.972   1.527   -11.215 1.00 46.87 ? 136 PRO A O   1 
ATOM   990  C CB  . PRO A 1 136 ? 6.969   0.456   -11.401 1.00 48.57 ? 136 PRO A CB  1 
ATOM   991  C CG  . PRO A 1 136 ? 6.765   -1.004  -11.673 1.00 48.17 ? 136 PRO A CG  1 
ATOM   992  C CD  . PRO A 1 136 ? 8.173   -1.488  -11.853 1.00 48.06 ? 136 PRO A CD  1 
ATOM   993  N N   . GLU A 1 137 ? 8.699   3.168   -12.070 1.00 49.26 ? 137 GLU A N   1 
ATOM   994  C CA  . GLU A 1 137 ? 9.559   4.229   -11.548 1.00 51.59 ? 137 GLU A CA  1 
ATOM   995  C C   . GLU A 1 137 ? 9.343   4.467   -10.053 1.00 50.23 ? 137 GLU A C   1 
ATOM   996  O O   . GLU A 1 137 ? 9.959   5.350   -9.452  1.00 50.51 ? 137 GLU A O   1 
ATOM   997  C CB  . GLU A 1 137 ? 9.328   5.531   -12.311 1.00 54.14 ? 137 GLU A CB  1 
ATOM   998  C CG  . GLU A 1 137 ? 9.873   5.538   -13.719 1.00 58.70 ? 137 GLU A CG  1 
ATOM   999  C CD  . GLU A 1 137 ? 9.822   6.926   -14.338 1.00 64.02 ? 137 GLU A CD  1 
ATOM   1000 O OE1 . GLU A 1 137 ? 8.715   7.522   -14.389 1.00 66.59 ? 137 GLU A OE1 1 
ATOM   1001 O OE2 . GLU A 1 137 ? 10.887  7.424   -14.770 1.00 64.63 ? 137 GLU A OE2 1 
ATOM   1002 N N   . GLY A 1 138 ? 8.462   3.669   -9.463  1.00 48.52 ? 138 GLY A N   1 
ATOM   1003 C CA  . GLY A 1 138 ? 8.174   3.770   -8.044  1.00 45.51 ? 138 GLY A CA  1 
ATOM   1004 C C   . GLY A 1 138 ? 7.269   2.621   -7.658  1.00 42.74 ? 138 GLY A C   1 
ATOM   1005 O O   . GLY A 1 138 ? 6.155   2.517   -8.167  1.00 44.03 ? 138 GLY A O   1 
ATOM   1006 N N   . TYR A 1 139 ? 7.739   1.742   -6.786  1.00 39.62 ? 139 TYR A N   1 
ATOM   1007 C CA  . TYR A 1 139 ? 6.914   0.617   -6.382  1.00 38.59 ? 139 TYR A CA  1 
ATOM   1008 C C   . TYR A 1 139 ? 7.209   0.168   -4.963  1.00 37.44 ? 139 TYR A C   1 
ATOM   1009 O O   . TYR A 1 139 ? 8.275   0.442   -4.428  1.00 37.43 ? 139 TYR A O   1 
ATOM   1010 C CB  . TYR A 1 139 ? 7.090   -0.557  -7.363  1.00 39.43 ? 139 TYR A CB  1 
ATOM   1011 C CG  . TYR A 1 139 ? 8.480   -1.179  -7.406  1.00 41.03 ? 139 TYR A CG  1 
ATOM   1012 C CD1 . TYR A 1 139 ? 8.826   -2.240  -6.559  1.00 40.25 ? 139 TYR A CD1 1 
ATOM   1013 C CD2 . TYR A 1 139 ? 9.453   -0.698  -8.291  1.00 40.88 ? 139 TYR A CD2 1 
ATOM   1014 C CE1 . TYR A 1 139 ? 10.107  -2.800  -6.595  1.00 40.07 ? 139 TYR A CE1 1 
ATOM   1015 C CE2 . TYR A 1 139 ? 10.730  -1.248  -8.335  1.00 39.08 ? 139 TYR A CE2 1 
ATOM   1016 C CZ  . TYR A 1 139 ? 11.054  -2.295  -7.490  1.00 40.25 ? 139 TYR A CZ  1 
ATOM   1017 O OH  . TYR A 1 139 ? 12.325  -2.829  -7.549  1.00 40.04 ? 139 TYR A OH  1 
ATOM   1018 N N   . ILE A 1 140 ? 6.233   -0.501  -4.362  1.00 35.41 ? 140 ILE A N   1 
ATOM   1019 C CA  . ILE A 1 140 ? 6.339   -1.028  -3.011  1.00 35.23 ? 140 ILE A CA  1 
ATOM   1020 C C   . ILE A 1 140 ? 5.974   -2.498  -3.154  1.00 35.40 ? 140 ILE A C   1 
ATOM   1021 O O   . ILE A 1 140 ? 4.965   -2.816  -3.775  1.00 35.69 ? 140 ILE A O   1 
ATOM   1022 C CB  . ILE A 1 140 ? 5.318   -0.324  -2.042  1.00 36.31 ? 140 ILE A CB  1 
ATOM   1023 C CG1 . ILE A 1 140 ? 5.783   1.104   -1.745  1.00 37.62 ? 140 ILE A CG1 1 
ATOM   1024 C CG2 . ILE A 1 140 ? 5.158   -1.108  -0.739  1.00 34.32 ? 140 ILE A CG2 1 
ATOM   1025 C CD1 . ILE A 1 140 ? 7.202   1.184   -1.201  1.00 39.03 ? 140 ILE A CD1 1 
ATOM   1026 N N   . VAL A 1 141 ? 6.801   -3.394  -2.625  1.00 35.20 ? 141 VAL A N   1 
ATOM   1027 C CA  . VAL A 1 141 ? 6.503   -4.824  -2.698  1.00 34.97 ? 141 VAL A CA  1 
ATOM   1028 C C   . VAL A 1 141 ? 5.960   -5.205  -1.323  1.00 36.42 ? 141 VAL A C   1 
ATOM   1029 O O   . VAL A 1 141 ? 6.707   -5.253  -0.346  1.00 38.02 ? 141 VAL A O   1 
ATOM   1030 C CB  . VAL A 1 141 ? 7.777   -5.647  -3.027  1.00 34.98 ? 141 VAL A CB  1 
ATOM   1031 C CG1 . VAL A 1 141 ? 7.489   -7.130  -2.911  1.00 33.48 ? 141 VAL A CG1 1 
ATOM   1032 C CG2 . VAL A 1 141 ? 8.262   -5.317  -4.440  1.00 32.02 ? 141 VAL A CG2 1 
ATOM   1033 N N   . ALA A 1 142 ? 4.661   -5.475  -1.238  1.00 37.13 ? 142 ALA A N   1 
ATOM   1034 C CA  . ALA A 1 142 ? 4.047   -5.784  0.052   1.00 37.85 ? 142 ALA A CA  1 
ATOM   1035 C C   . ALA A 1 142 ? 3.501   -7.192  0.210   1.00 39.06 ? 142 ALA A C   1 
ATOM   1036 O O   . ALA A 1 142 ? 2.707   -7.647  -0.599  1.00 39.83 ? 142 ALA A O   1 
ATOM   1037 C CB  . ALA A 1 142 ? 2.946   -4.781  0.336   1.00 37.17 ? 142 ALA A CB  1 
ATOM   1038 N N   . LEU A 1 143 ? 3.912   -7.870  1.276   1.00 40.10 ? 143 LEU A N   1 
ATOM   1039 C CA  . LEU A 1 143 ? 3.444   -9.223  1.540   1.00 41.32 ? 143 LEU A CA  1 
ATOM   1040 C C   . LEU A 1 143 ? 2.287   -9.182  2.531   1.00 43.40 ? 143 LEU A C   1 
ATOM   1041 O O   . LEU A 1 143 ? 2.432   -8.673  3.651   1.00 45.25 ? 143 LEU A O   1 
ATOM   1042 C CB  . LEU A 1 143 ? 4.589   -10.074 2.101   1.00 40.93 ? 143 LEU A CB  1 
ATOM   1043 C CG  . LEU A 1 143 ? 5.835   -10.184 1.219   1.00 40.30 ? 143 LEU A CG  1 
ATOM   1044 C CD1 . LEU A 1 143 ? 6.735   -11.250 1.764   1.00 38.44 ? 143 LEU A CD1 1 
ATOM   1045 C CD2 . LEU A 1 143 ? 5.450   -10.525 -0.208  1.00 39.30 ? 143 LEU A CD2 1 
ATOM   1046 N N   . GLY A 1 144 ? 1.144   -9.729  2.124   1.00 45.15 ? 144 GLY A N   1 
ATOM   1047 C CA  . GLY A 1 144 ? -0.032  -9.730  2.978   1.00 44.83 ? 144 GLY A CA  1 
ATOM   1048 C C   . GLY A 1 144 ? -0.679  -8.363  2.902   1.00 46.18 ? 144 GLY A C   1 
ATOM   1049 O O   . GLY A 1 144 ? -0.036  -7.400  2.481   1.00 47.21 ? 144 GLY A O   1 
ATOM   1050 N N   . TYR A 1 145 ? -1.945  -8.260  3.290   1.00 47.32 ? 145 TYR A N   1 
ATOM   1051 C CA  . TYR A 1 145 ? -2.642  -6.974  3.248   1.00 47.78 ? 145 TYR A CA  1 
ATOM   1052 C C   . TYR A 1 145 ? -3.504  -6.804  4.499   1.00 47.09 ? 145 TYR A C   1 
ATOM   1053 O O   . TYR A 1 145 ? -3.644  -7.736  5.296   1.00 47.35 ? 145 TYR A O   1 
ATOM   1054 C CB  . TYR A 1 145 ? -3.521  -6.879  1.995   1.00 48.46 ? 145 TYR A CB  1 
ATOM   1055 C CG  . TYR A 1 145 ? -4.654  -7.877  1.989   1.00 51.28 ? 145 TYR A CG  1 
ATOM   1056 C CD1 . TYR A 1 145 ? -4.454  -9.185  1.560   1.00 51.94 ? 145 TYR A CD1 1 
ATOM   1057 C CD2 . TYR A 1 145 ? -5.918  -7.530  2.465   1.00 52.31 ? 145 TYR A CD2 1 
ATOM   1058 C CE1 . TYR A 1 145 ? -5.480  -10.121 1.606   1.00 51.96 ? 145 TYR A CE1 1 
ATOM   1059 C CE2 . TYR A 1 145 ? -6.949  -8.458  2.516   1.00 51.96 ? 145 TYR A CE2 1 
ATOM   1060 C CZ  . TYR A 1 145 ? -6.723  -9.751  2.083   1.00 52.49 ? 145 TYR A CZ  1 
ATOM   1061 O OH  . TYR A 1 145 ? -7.744  -10.674 2.112   1.00 52.40 ? 145 TYR A OH  1 
ATOM   1062 N N   . SER A 1 146 ? -4.063  -5.607  4.669   1.00 46.78 ? 146 SER A N   1 
ATOM   1063 C CA  . SER A 1 146 ? -4.915  -5.294  5.816   1.00 45.88 ? 146 SER A CA  1 
ATOM   1064 C C   . SER A 1 146 ? -6.354  -5.421  5.378   1.00 45.53 ? 146 SER A C   1 
ATOM   1065 O O   . SER A 1 146 ? -6.737  -4.864  4.359   1.00 46.25 ? 146 SER A O   1 
ATOM   1066 C CB  . SER A 1 146 ? -4.674  -3.860  6.294   1.00 45.57 ? 146 SER A CB  1 
ATOM   1067 O OG  . SER A 1 146 ? -3.350  -3.677  6.763   1.00 44.41 ? 146 SER A OG  1 
ATOM   1068 N N   . GLY A 1 147 ? -7.155  -6.143  6.151   1.00 47.02 ? 147 GLY A N   1 
ATOM   1069 C CA  . GLY A 1 147 ? -8.554  -6.311  5.792   1.00 48.98 ? 147 GLY A CA  1 
ATOM   1070 C C   . GLY A 1 147 ? -9.571  -5.936  6.864   1.00 50.13 ? 147 GLY A C   1 
ATOM   1071 O O   . GLY A 1 147 ? -9.329  -6.103  8.062   1.00 49.94 ? 147 GLY A O   1 
ATOM   1072 N N   . TRP A 1 148 ? -10.716 -5.423  6.417   1.00 52.23 ? 148 TRP A N   1 
ATOM   1073 C CA  . TRP A 1 148 ? -11.803 -5.022  7.303   1.00 54.07 ? 148 TRP A CA  1 
ATOM   1074 C C   . TRP A 1 148 ? -13.088 -5.651  6.809   1.00 55.83 ? 148 TRP A C   1 
ATOM   1075 O O   . TRP A 1 148 ? -13.368 -5.629  5.613   1.00 55.41 ? 148 TRP A O   1 
ATOM   1076 C CB  . TRP A 1 148 ? -11.975 -3.505  7.298   1.00 55.09 ? 148 TRP A CB  1 
ATOM   1077 C CG  . TRP A 1 148 ? -10.886 -2.784  7.992   1.00 55.87 ? 148 TRP A CG  1 
ATOM   1078 C CD1 . TRP A 1 148 ? -10.800 -2.517  9.324   1.00 55.16 ? 148 TRP A CD1 1 
ATOM   1079 C CD2 . TRP A 1 148 ? -9.682  -2.292  7.400   1.00 56.65 ? 148 TRP A CD2 1 
ATOM   1080 N NE1 . TRP A 1 148 ? -9.612  -1.888  9.603   1.00 55.97 ? 148 TRP A NE1 1 
ATOM   1081 C CE2 . TRP A 1 148 ? -8.905  -1.739  8.439   1.00 56.33 ? 148 TRP A CE2 1 
ATOM   1082 C CE3 . TRP A 1 148 ? -9.183  -2.266  6.088   1.00 56.91 ? 148 TRP A CE3 1 
ATOM   1083 C CZ2 . TRP A 1 148 ? -7.651  -1.165  8.210   1.00 56.92 ? 148 TRP A CZ2 1 
ATOM   1084 C CZ3 . TRP A 1 148 ? -7.939  -1.697  5.859   1.00 57.58 ? 148 TRP A CZ3 1 
ATOM   1085 C CH2 . TRP A 1 148 ? -7.185  -1.153  6.919   1.00 58.07 ? 148 TRP A CH2 1 
ATOM   1086 N N   . SER A 1 149 ? -13.867 -6.198  7.737   1.00 58.37 ? 149 SER A N   1 
ATOM   1087 C CA  . SER A 1 149 ? -15.148 -6.828  7.415   1.00 59.77 ? 149 SER A CA  1 
ATOM   1088 C C   . SER A 1 149 ? -16.225 -5.772  7.167   1.00 60.68 ? 149 SER A C   1 
ATOM   1089 O O   . SER A 1 149 ? -16.101 -4.628  7.620   1.00 60.39 ? 149 SER A O   1 
ATOM   1090 C CB  . SER A 1 149 ? -15.610 -7.725  8.574   1.00 60.14 ? 149 SER A CB  1 
ATOM   1091 O OG  . SER A 1 149 ? -14.653 -8.720  8.899   1.00 63.19 ? 149 SER A OG  1 
ATOM   1092 N N   . ALA A 1 150 ? -17.278 -6.179  6.459   1.00 61.41 ? 150 ALA A N   1 
ATOM   1093 C CA  . ALA A 1 150 ? -18.429 -5.334  6.136   1.00 61.63 ? 150 ALA A CA  1 
ATOM   1094 C C   . ALA A 1 150 ? -18.276 -3.846  6.435   1.00 62.43 ? 150 ALA A C   1 
ATOM   1095 O O   . ALA A 1 150 ? -17.894 -3.064  5.561   1.00 64.63 ? 150 ALA A O   1 
ATOM   1096 C CB  . ALA A 1 150 ? -19.650 -5.858  6.851   1.00 61.69 ? 150 ALA A CB  1 
ATOM   1097 N N   . GLY A 1 151 ? -18.591 -3.446  7.662   1.00 60.87 ? 151 GLY A N   1 
ATOM   1098 C CA  . GLY A 1 151 ? -18.476 -2.042  7.998   1.00 59.88 ? 151 GLY A CA  1 
ATOM   1099 C C   . GLY A 1 151 ? -17.536 -1.747  9.143   1.00 60.84 ? 151 GLY A C   1 
ATOM   1100 O O   . GLY A 1 151 ? -17.591 -0.650  9.703   1.00 60.78 ? 151 GLY A O   1 
ATOM   1101 N N   . GLN A 1 152 ? -16.677 -2.706  9.497   1.00 61.31 ? 152 GLN A N   1 
ATOM   1102 C CA  . GLN A 1 152 ? -15.732 -2.513  10.600  1.00 61.67 ? 152 GLN A CA  1 
ATOM   1103 C C   . GLN A 1 152 ? -14.842 -1.302  10.331  1.00 62.58 ? 152 GLN A C   1 
ATOM   1104 O O   . GLN A 1 152 ? -14.347 -0.657  11.265  1.00 61.56 ? 152 GLN A O   1 
ATOM   1105 C CB  . GLN A 1 152 ? -14.876 -3.761  10.810  1.00 60.37 ? 152 GLN A CB  1 
ATOM   1106 N N   . LEU A 1 153 ? -14.637 -0.985  9.055   1.00 63.71 ? 153 LEU A N   1 
ATOM   1107 C CA  . LEU A 1 153 ? -13.820 0.173   8.730   1.00 64.14 ? 153 LEU A CA  1 
ATOM   1108 C C   . LEU A 1 153 ? -14.504 1.393   9.349   1.00 64.78 ? 153 LEU A C   1 
ATOM   1109 O O   . LEU A 1 153 ? -13.983 1.998   10.296  1.00 64.54 ? 153 LEU A O   1 
ATOM   1110 C CB  . LEU A 1 153 ? -13.680 0.336   7.215   1.00 62.65 ? 153 LEU A CB  1 
ATOM   1111 C CG  . LEU A 1 153 ? -12.692 1.436   6.799   1.00 63.18 ? 153 LEU A CG  1 
ATOM   1112 C CD1 . LEU A 1 153 ? -11.419 1.343   7.627   1.00 61.05 ? 153 LEU A CD1 1 
ATOM   1113 C CD2 . LEU A 1 153 ? -12.365 1.320   5.314   1.00 63.19 ? 153 LEU A CD2 1 
ATOM   1114 N N   . GLU A 1 154 ? -15.686 1.727   8.829   1.00 65.10 ? 154 GLU A N   1 
ATOM   1115 C CA  . GLU A 1 154 ? -16.463 2.861   9.327   1.00 65.35 ? 154 GLU A CA  1 
ATOM   1116 C C   . GLU A 1 154 ? -16.385 2.958   10.849  1.00 65.52 ? 154 GLU A C   1 
ATOM   1117 O O   . GLU A 1 154 ? -16.066 4.013   11.403  1.00 67.09 ? 154 GLU A O   1 
ATOM   1118 C CB  . GLU A 1 154 ? -17.930 2.727   8.916   1.00 64.00 ? 154 GLU A CB  1 
ATOM   1119 C CG  . GLU A 1 154 ? -18.203 2.825   7.423   1.00 63.89 ? 154 GLU A CG  1 
ATOM   1120 C CD  . GLU A 1 154 ? -17.639 1.658   6.627   1.00 64.40 ? 154 GLU A CD  1 
ATOM   1121 O OE1 . GLU A 1 154 ? -17.604 0.513   7.141   1.00 63.84 ? 154 GLU A OE1 1 
ATOM   1122 O OE2 . GLU A 1 154 ? -17.248 1.890   5.466   1.00 64.84 ? 154 GLU A OE2 1 
ATOM   1123 N N   . VAL A 1 155 ? -16.677 1.847   11.519  1.00 64.41 ? 155 VAL A N   1 
ATOM   1124 C CA  . VAL A 1 155 ? -16.642 1.790   12.978  1.00 62.79 ? 155 VAL A CA  1 
ATOM   1125 C C   . VAL A 1 155 ? -15.321 2.287   13.555  1.00 62.91 ? 155 VAL A C   1 
ATOM   1126 O O   . VAL A 1 155 ? -15.285 3.292   14.272  1.00 63.66 ? 155 VAL A O   1 
ATOM   1127 C CB  . VAL A 1 155 ? -16.881 0.355   13.474  1.00 61.44 ? 155 VAL A CB  1 
ATOM   1128 C CG1 . VAL A 1 155 ? -16.822 0.303   14.989  1.00 59.34 ? 155 VAL A CG1 1 
ATOM   1129 C CG2 . VAL A 1 155 ? -18.215 -0.141  12.960  1.00 61.13 ? 155 VAL A CG2 1 
ATOM   1130 N N   . GLU A 1 156 ? -14.236 1.584   13.243  1.00 61.58 ? 156 GLU A N   1 
ATOM   1131 C CA  . GLU A 1 156 ? -12.926 1.964   13.750  1.00 60.05 ? 156 GLU A CA  1 
ATOM   1132 C C   . GLU A 1 156 ? -12.639 3.441   13.495  1.00 59.45 ? 156 GLU A C   1 
ATOM   1133 O O   . GLU A 1 156 ? -11.878 4.071   14.230  1.00 58.24 ? 156 GLU A O   1 
ATOM   1134 C CB  . GLU A 1 156 ? -11.846 1.094   13.111  1.00 59.94 ? 156 GLU A CB  1 
ATOM   1135 C CG  . GLU A 1 156 ? -12.019 -0.387  13.396  1.00 59.56 ? 156 GLU A CG  1 
ATOM   1136 C CD  . GLU A 1 156 ? -10.903 -1.230  12.813  1.00 59.15 ? 156 GLU A CD  1 
ATOM   1137 O OE1 . GLU A 1 156 ? -10.989 -2.475  12.915  1.00 58.08 ? 156 GLU A OE1 1 
ATOM   1138 O OE2 . GLU A 1 156 ? -9.942  -0.644  12.262  1.00 57.72 ? 156 GLU A OE2 1 
ATOM   1139 N N   . LEU A 1 157 ? -13.251 3.990   12.450  1.00 58.94 ? 157 LEU A N   1 
ATOM   1140 C CA  . LEU A 1 157 ? -13.069 5.400   12.119  1.00 59.55 ? 157 LEU A CA  1 
ATOM   1141 C C   . LEU A 1 157 ? -13.696 6.271   13.199  1.00 60.50 ? 157 LEU A C   1 
ATOM   1142 O O   . LEU A 1 157 ? -13.041 7.151   13.782  1.00 60.96 ? 157 LEU A O   1 
ATOM   1143 C CB  . LEU A 1 157 ? -13.725 5.719   10.777  1.00 57.77 ? 157 LEU A CB  1 
ATOM   1144 C CG  . LEU A 1 157 ? -12.894 5.394   9.542   1.00 57.88 ? 157 LEU A CG  1 
ATOM   1145 C CD1 . LEU A 1 157 ? -13.694 5.702   8.280   1.00 56.60 ? 157 LEU A CD1 1 
ATOM   1146 C CD2 . LEU A 1 157 ? -11.610 6.214   9.589   1.00 56.68 ? 157 LEU A CD2 1 
ATOM   1147 N N   . THR A 1 158 ? -14.972 6.015   13.456  1.00 59.68 ? 158 THR A N   1 
ATOM   1148 C CA  . THR A 1 158 ? -15.703 6.754   14.462  1.00 59.47 ? 158 THR A CA  1 
ATOM   1149 C C   . THR A 1 158 ? -15.148 6.419   15.851  1.00 59.37 ? 158 THR A C   1 
ATOM   1150 O O   . THR A 1 158 ? -15.491 7.069   16.842  1.00 58.95 ? 158 THR A O   1 
ATOM   1151 C CB  . THR A 1 158 ? -17.202 6.419   14.390  1.00 59.32 ? 158 THR A CB  1 
ATOM   1152 O OG1 . THR A 1 158 ? -17.423 5.095   14.886  1.00 59.25 ? 158 THR A OG1 1 
ATOM   1153 C CG2 . THR A 1 158 ? -17.683 6.492   12.939  1.00 58.94 ? 158 THR A CG2 1 
ATOM   1154 N N   . GLU A 1 159 ? -14.286 5.405   15.917  1.00 59.07 ? 159 GLU A N   1 
ATOM   1155 C CA  . GLU A 1 159 ? -13.667 5.004   17.185  1.00 58.01 ? 159 GLU A CA  1 
ATOM   1156 C C   . GLU A 1 159 ? -12.372 5.778   17.467  1.00 56.42 ? 159 GLU A C   1 
ATOM   1157 O O   . GLU A 1 159 ? -11.591 5.396   18.344  1.00 54.31 ? 159 GLU A O   1 
ATOM   1158 C CB  . GLU A 1 159 ? -13.368 3.497   17.200  1.00 59.14 ? 159 GLU A CB  1 
ATOM   1159 C CG  . GLU A 1 159 ? -14.509 2.617   17.690  1.00 61.23 ? 159 GLU A CG  1 
ATOM   1160 C CD  . GLU A 1 159 ? -14.071 1.182   17.969  1.00 63.72 ? 159 GLU A CD  1 
ATOM   1161 O OE1 . GLU A 1 159 ? -14.868 0.412   18.549  1.00 64.35 ? 159 GLU A OE1 1 
ATOM   1162 O OE2 . GLU A 1 159 ? -12.929 0.816   17.609  1.00 65.40 ? 159 GLU A OE2 1 
ATOM   1163 N N   . ASN A 1 160 ? -12.140 6.852   16.714  1.00 54.66 ? 160 ASN A N   1 
ATOM   1164 C CA  . ASN A 1 160 ? -10.950 7.671   16.914  1.00 54.01 ? 160 ASN A CA  1 
ATOM   1165 C C   . ASN A 1 160 ? -9.656  6.920   16.609  1.00 54.20 ? 160 ASN A C   1 
ATOM   1166 O O   . ASN A 1 160 ? -8.570  7.411   16.927  1.00 55.34 ? 160 ASN A O   1 
ATOM   1167 C CB  . ASN A 1 160 ? -10.875 8.145   18.366  1.00 53.20 ? 160 ASN A CB  1 
ATOM   1168 C CG  . ASN A 1 160 ? -12.171 8.742   18.853  1.00 52.89 ? 160 ASN A CG  1 
ATOM   1169 O OD1 . ASN A 1 160 ? -12.458 8.714   20.046  1.00 50.60 ? 160 ASN A OD1 1 
ATOM   1170 N ND2 . ASN A 1 160 ? -12.961 9.296   17.936  1.00 53.63 ? 160 ASN A ND2 1 
ATOM   1171 N N   . SER A 1 161 ? -9.755  5.736   16.011  1.00 52.38 ? 161 SER A N   1 
ATOM   1172 C CA  . SER A 1 161 ? -8.559  4.958   15.712  1.00 48.82 ? 161 SER A CA  1 
ATOM   1173 C C   . SER A 1 161 ? -7.744  5.513   14.554  1.00 47.99 ? 161 SER A C   1 
ATOM   1174 O O   . SER A 1 161 ? -6.518  5.505   14.598  1.00 49.11 ? 161 SER A O   1 
ATOM   1175 C CB  . SER A 1 161 ? -8.934  3.508   15.437  1.00 48.67 ? 161 SER A CB  1 
ATOM   1176 O OG  . SER A 1 161 ? -9.484  2.912   16.599  1.00 49.62 ? 161 SER A OG  1 
ATOM   1177 N N   . TRP A 1 162 ? -8.409  6.002   13.517  1.00 46.35 ? 162 TRP A N   1 
ATOM   1178 C CA  . TRP A 1 162 ? -7.677  6.538   12.384  1.00 44.66 ? 162 TRP A CA  1 
ATOM   1179 C C   . TRP A 1 162 ? -8.093  7.947   11.992  1.00 45.60 ? 162 TRP A C   1 
ATOM   1180 O O   . TRP A 1 162 ? -9.058  8.513   12.518  1.00 46.20 ? 162 TRP A O   1 
ATOM   1181 C CB  . TRP A 1 162 ? -7.847  5.641   11.154  1.00 43.27 ? 162 TRP A CB  1 
ATOM   1182 C CG  . TRP A 1 162 ? -7.678  4.175   11.395  1.00 43.41 ? 162 TRP A CG  1 
ATOM   1183 C CD1 . TRP A 1 162 ? -8.601  3.321   11.922  1.00 43.00 ? 162 TRP A CD1 1 
ATOM   1184 C CD2 . TRP A 1 162 ? -6.525  3.380   11.085  1.00 42.96 ? 162 TRP A CD2 1 
ATOM   1185 N NE1 . TRP A 1 162 ? -8.099  2.043   11.953  1.00 44.00 ? 162 TRP A NE1 1 
ATOM   1186 C CE2 . TRP A 1 162 ? -6.827  2.050   11.445  1.00 43.55 ? 162 TRP A CE2 1 
ATOM   1187 C CE3 . TRP A 1 162 ? -5.267  3.662   10.535  1.00 44.03 ? 162 TRP A CE3 1 
ATOM   1188 C CZ2 . TRP A 1 162 ? -5.916  1.003   11.275  1.00 44.87 ? 162 TRP A CZ2 1 
ATOM   1189 C CZ3 . TRP A 1 162 ? -4.363  2.626   10.366  1.00 44.31 ? 162 TRP A CZ3 1 
ATOM   1190 C CH2 . TRP A 1 162 ? -4.693  1.309   10.736  1.00 45.56 ? 162 TRP A CH2 1 
ATOM   1191 N N   . LEU A 1 163 ? -7.319  8.502   11.064  1.00 45.20 ? 163 LEU A N   1 
ATOM   1192 C CA  . LEU A 1 163 ? -7.557  9.808   10.474  1.00 44.96 ? 163 LEU A CA  1 
ATOM   1193 C C   . LEU A 1 163 ? -7.395  9.457   9.018   1.00 44.86 ? 163 LEU A C   1 
ATOM   1194 O O   . LEU A 1 163 ? -6.707  8.495   8.704   1.00 47.04 ? 163 LEU A O   1 
ATOM   1195 C CB  . LEU A 1 163 ? -6.492  10.824  10.880  1.00 45.24 ? 163 LEU A CB  1 
ATOM   1196 C CG  . LEU A 1 163 ? -6.930  11.826  11.954  1.00 47.38 ? 163 LEU A CG  1 
ATOM   1197 C CD1 . LEU A 1 163 ? -6.205  13.137  11.717  1.00 45.25 ? 163 LEU A CD1 1 
ATOM   1198 C CD2 . LEU A 1 163 ? -8.443  12.062  11.896  1.00 46.11 ? 163 LEU A CD2 1 
ATOM   1199 N N   . THR A 1 164 ? -8.015  10.205  8.122   1.00 44.39 ? 164 THR A N   1 
ATOM   1200 C CA  . THR A 1 164 ? -7.896  9.867   6.713   1.00 43.69 ? 164 THR A CA  1 
ATOM   1201 C C   . THR A 1 164 ? -7.610  11.081  5.828   1.00 44.50 ? 164 THR A C   1 
ATOM   1202 O O   . THR A 1 164 ? -8.142  12.166  6.052   1.00 44.97 ? 164 THR A O   1 
ATOM   1203 C CB  . THR A 1 164 ? -9.187  9.170   6.228   1.00 43.36 ? 164 THR A CB  1 
ATOM   1204 O OG1 . THR A 1 164 ? -10.280 10.094  6.296   1.00 43.59 ? 164 THR A OG1 1 
ATOM   1205 C CG2 . THR A 1 164 ? -9.517  7.978   7.115   1.00 40.61 ? 164 THR A CG2 1 
ATOM   1206 N N   . ILE A 1 165 ? -6.744  10.900  4.836   1.00 44.60 ? 165 ILE A N   1 
ATOM   1207 C CA  . ILE A 1 165 ? -6.414  11.969  3.895   1.00 44.62 ? 165 ILE A CA  1 
ATOM   1208 C C   . ILE A 1 165 ? -6.422  11.323  2.508   1.00 44.59 ? 165 ILE A C   1 
ATOM   1209 O O   . ILE A 1 165 ? -6.239  10.114  2.386   1.00 45.59 ? 165 ILE A O   1 
ATOM   1210 C CB  . ILE A 1 165 ? -5.028  12.566  4.212   1.00 42.86 ? 165 ILE A CB  1 
ATOM   1211 N N   . GLU A 1 166 ? -6.673  12.103  1.466   1.00 45.23 ? 166 GLU A N   1 
ATOM   1212 C CA  . GLU A 1 166 ? -6.666  11.540  0.120   1.00 47.01 ? 166 GLU A CA  1 
ATOM   1213 C C   . GLU A 1 166 ? -5.217  11.167  -0.201  1.00 46.91 ? 166 GLU A C   1 
ATOM   1214 O O   . GLU A 1 166 ? -4.298  11.941  0.054   1.00 46.98 ? 166 GLU A O   1 
ATOM   1215 C CB  . GLU A 1 166 ? -7.201  12.560  -0.895  1.00 47.71 ? 166 GLU A CB  1 
ATOM   1216 N N   . ALA A 1 167 ? -5.011  9.980   -0.751  1.00 47.87 ? 167 ALA A N   1 
ATOM   1217 C CA  . ALA A 1 167 ? -3.663  9.521   -1.065  1.00 50.09 ? 167 ALA A CA  1 
ATOM   1218 C C   . ALA A 1 167 ? -3.009  10.188  -2.280  1.00 50.89 ? 167 ALA A C   1 
ATOM   1219 O O   . ALA A 1 167 ? -3.684  10.633  -3.216  1.00 52.25 ? 167 ALA A O   1 
ATOM   1220 C CB  . ALA A 1 167 ? -3.665  8.001   -1.252  1.00 49.41 ? 167 ALA A CB  1 
ATOM   1221 N N   . ASP A 1 168 ? -1.681  10.258  -2.244  1.00 49.85 ? 168 ASP A N   1 
ATOM   1222 C CA  . ASP A 1 168 ? -0.900  10.830  -3.330  1.00 49.52 ? 168 ASP A CA  1 
ATOM   1223 C C   . ASP A 1 168 ? 0.366   9.977   -3.439  1.00 49.33 ? 168 ASP A C   1 
ATOM   1224 O O   . ASP A 1 168 ? 0.851   9.441   -2.440  1.00 49.16 ? 168 ASP A O   1 
ATOM   1225 C CB  . ASP A 1 168 ? -0.522  12.274  -3.032  1.00 50.42 ? 168 ASP A CB  1 
ATOM   1226 C CG  . ASP A 1 168 ? 0.663   12.376  -2.105  1.00 51.85 ? 168 ASP A CG  1 
ATOM   1227 O OD1 . ASP A 1 168 ? 0.497   12.072  -0.903  1.00 51.40 ? 168 ASP A OD1 1 
ATOM   1228 O OD2 . ASP A 1 168 ? 1.762   12.741  -2.586  1.00 51.38 ? 168 ASP A OD2 1 
ATOM   1229 N N   . PRO A 1 169 ? 0.923   9.853   -4.654  1.00 49.11 ? 169 PRO A N   1 
ATOM   1230 C CA  . PRO A 1 169 ? 2.130   9.065   -4.932  1.00 48.90 ? 169 PRO A CA  1 
ATOM   1231 C C   . PRO A 1 169 ? 3.418   9.410   -4.184  1.00 48.13 ? 169 PRO A C   1 
ATOM   1232 O O   . PRO A 1 169 ? 4.157   8.504   -3.788  1.00 48.22 ? 169 PRO A O   1 
ATOM   1233 C CB  . PRO A 1 169 ? 2.286   9.205   -6.445  1.00 49.25 ? 169 PRO A CB  1 
ATOM   1234 C CG  . PRO A 1 169 ? 1.722   10.567  -6.708  1.00 48.98 ? 169 PRO A CG  1 
ATOM   1235 C CD  . PRO A 1 169 ? 0.468   10.540  -5.875  1.00 48.96 ? 169 PRO A CD  1 
ATOM   1236 N N   . GLU A 1 170 ? 3.696   10.699  -3.996  1.00 47.50 ? 170 GLU A N   1 
ATOM   1237 C CA  . GLU A 1 170 ? 4.920   11.118  -3.304  1.00 47.12 ? 170 GLU A CA  1 
ATOM   1238 C C   . GLU A 1 170 ? 5.115   10.496  -1.926  1.00 44.66 ? 170 GLU A C   1 
ATOM   1239 O O   . GLU A 1 170 ? 6.238   10.176  -1.545  1.00 44.09 ? 170 GLU A O   1 
ATOM   1240 C CB  . GLU A 1 170 ? 4.980   12.643  -3.191  1.00 50.52 ? 170 GLU A CB  1 
ATOM   1241 C CG  . GLU A 1 170 ? 5.362   13.339  -4.490  1.00 54.83 ? 170 GLU A CG  1 
ATOM   1242 C CD  . GLU A 1 170 ? 4.457   12.946  -5.648  1.00 57.62 ? 170 GLU A CD  1 
ATOM   1243 O OE1 . GLU A 1 170 ? 3.223   13.124  -5.521  1.00 57.72 ? 170 GLU A OE1 1 
ATOM   1244 O OE2 . GLU A 1 170 ? 4.985   12.461  -6.680  1.00 58.19 ? 170 GLU A OE2 1 
ATOM   1245 N N   . LEU A 1 171 ? 4.031   10.320  -1.181  1.00 41.95 ? 171 LEU A N   1 
ATOM   1246 C CA  . LEU A 1 171 ? 4.124   9.723   0.141   1.00 40.82 ? 171 LEU A CA  1 
ATOM   1247 C C   . LEU A 1 171 ? 4.432   8.225   0.052   1.00 40.49 ? 171 LEU A C   1 
ATOM   1248 O O   . LEU A 1 171 ? 5.131   7.665   0.898   1.00 41.39 ? 171 LEU A O   1 
ATOM   1249 C CB  . LEU A 1 171 ? 2.812   9.914   0.893   1.00 41.11 ? 171 LEU A CB  1 
ATOM   1250 C CG  . LEU A 1 171 ? 2.909   9.774   2.408   1.00 40.91 ? 171 LEU A CG  1 
ATOM   1251 C CD1 . LEU A 1 171 ? 3.540   11.043  2.960   1.00 41.29 ? 171 LEU A CD1 1 
ATOM   1252 C CD2 . LEU A 1 171 ? 1.544   9.570   3.010   1.00 41.19 ? 171 LEU A CD2 1 
ATOM   1253 N N   . ILE A 1 172 ? 3.907   7.575   -0.977  1.00 39.87 ? 172 ILE A N   1 
ATOM   1254 C CA  . ILE A 1 172 ? 4.115   6.144   -1.152  1.00 39.37 ? 172 ILE A CA  1 
ATOM   1255 C C   . ILE A 1 172 ? 5.479   5.775   -1.711  1.00 38.77 ? 172 ILE A C   1 
ATOM   1256 O O   . ILE A 1 172 ? 6.093   4.808   -1.259  1.00 36.34 ? 172 ILE A O   1 
ATOM   1257 C CB  . ILE A 1 172 ? 3.071   5.521   -2.113  1.00 40.35 ? 172 ILE A CB  1 
ATOM   1258 C CG1 . ILE A 1 172 ? 1.647   5.847   -1.649  1.00 40.55 ? 172 ILE A CG1 1 
ATOM   1259 C CG2 . ILE A 1 172 ? 3.282   4.011   -2.181  1.00 40.19 ? 172 ILE A CG2 1 
ATOM   1260 C CD1 . ILE A 1 172 ? 0.556   5.298   -2.566  1.00 39.08 ? 172 ILE A CD1 1 
ATOM   1261 N N   . PHE A 1 173 ? 5.945   6.543   -2.696  1.00 38.64 ? 173 PHE A N   1 
ATOM   1262 C CA  . PHE A 1 173 ? 7.212   6.234   -3.346  1.00 39.22 ? 173 PHE A CA  1 
ATOM   1263 C C   . PHE A 1 173 ? 8.382   7.194   -3.127  1.00 39.40 ? 173 PHE A C   1 
ATOM   1264 O O   . PHE A 1 173 ? 9.535   6.796   -3.315  1.00 41.30 ? 173 PHE A O   1 
ATOM   1265 C CB  . PHE A 1 173 ? 6.991   6.071   -4.862  1.00 39.26 ? 173 PHE A CB  1 
ATOM   1266 C CG  . PHE A 1 173 ? 5.747   5.304   -5.226  1.00 38.38 ? 173 PHE A CG  1 
ATOM   1267 C CD1 . PHE A 1 173 ? 5.654   3.940   -4.990  1.00 39.00 ? 173 PHE A CD1 1 
ATOM   1268 C CD2 . PHE A 1 173 ? 4.657   5.959   -5.793  1.00 38.51 ? 173 PHE A CD2 1 
ATOM   1269 C CE1 . PHE A 1 173 ? 4.484   3.236   -5.315  1.00 38.61 ? 173 PHE A CE1 1 
ATOM   1270 C CE2 . PHE A 1 173 ? 3.492   5.267   -6.120  1.00 36.79 ? 173 PHE A CE2 1 
ATOM   1271 C CZ  . PHE A 1 173 ? 3.405   3.909   -5.882  1.00 37.36 ? 173 PHE A CZ  1 
ATOM   1272 N N   . ASN A 1 174 ? 8.117   8.440   -2.748  1.00 38.17 ? 174 ASN A N   1 
ATOM   1273 C CA  . ASN A 1 174 ? 9.216   9.390   -2.561  1.00 38.46 ? 174 ASN A CA  1 
ATOM   1274 C C   . ASN A 1 174 ? 9.318   9.967   -1.159  1.00 39.23 ? 174 ASN A C   1 
ATOM   1275 O O   . ASN A 1 174 ? 9.521   11.168  -0.994  1.00 40.87 ? 174 ASN A O   1 
ATOM   1276 C CB  . ASN A 1 174 ? 9.088   10.539  -3.555  1.00 37.76 ? 174 ASN A CB  1 
ATOM   1277 C CG  . ASN A 1 174 ? 8.392   10.123  -4.825  1.00 40.79 ? 174 ASN A CG  1 
ATOM   1278 O OD1 . ASN A 1 174 ? 8.686   9.064   -5.381  1.00 40.67 ? 174 ASN A OD1 1 
ATOM   1279 N ND2 . ASN A 1 174 ? 7.457   10.954  -5.300  1.00 40.38 ? 174 ASN A ND2 1 
ATOM   1280 N N   . THR A 1 175 ? 9.186   9.122   -0.146  1.00 38.11 ? 175 THR A N   1 
ATOM   1281 C CA  . THR A 1 175 ? 9.270   9.607   1.217   1.00 37.95 ? 175 THR A CA  1 
ATOM   1282 C C   . THR A 1 175 ? 9.893   8.556   2.095   1.00 37.54 ? 175 THR A C   1 
ATOM   1283 O O   . THR A 1 175 ? 9.448   7.415   2.109   1.00 37.28 ? 175 THR A O   1 
ATOM   1284 C CB  . THR A 1 175 ? 7.870   9.978   1.754   1.00 38.90 ? 175 THR A CB  1 
ATOM   1285 O OG1 . THR A 1 175 ? 7.414   11.162  1.087   1.00 37.72 ? 175 THR A OG1 1 
ATOM   1286 C CG2 . THR A 1 175 ? 7.907   10.227  3.265   1.00 38.79 ? 175 THR A CG2 1 
ATOM   1287 N N   . PRO A 1 176 ? 10.957  8.922   2.828   1.00 38.63 ? 176 PRO A N   1 
ATOM   1288 C CA  . PRO A 1 176 ? 11.627  7.961   3.712   1.00 39.10 ? 176 PRO A CA  1 
ATOM   1289 C C   . PRO A 1 176 ? 10.602  7.195   4.540   1.00 39.23 ? 176 PRO A C   1 
ATOM   1290 O O   . PRO A 1 176 ? 9.768   7.790   5.226   1.00 39.53 ? 176 PRO A O   1 
ATOM   1291 C CB  . PRO A 1 176 ? 12.539  8.851   4.548   1.00 38.76 ? 176 PRO A CB  1 
ATOM   1292 C CG  . PRO A 1 176 ? 12.949  9.888   3.548   1.00 36.58 ? 176 PRO A CG  1 
ATOM   1293 C CD  . PRO A 1 176 ? 11.638  10.231  2.864   1.00 37.11 ? 176 PRO A CD  1 
ATOM   1294 N N   . VAL A 1 177 ? 10.662  5.876   4.454   1.00 39.31 ? 177 VAL A N   1 
ATOM   1295 C CA  . VAL A 1 177 ? 9.724   5.027   5.157   1.00 41.31 ? 177 VAL A CA  1 
ATOM   1296 C C   . VAL A 1 177 ? 9.411   5.522   6.557   1.00 42.35 ? 177 VAL A C   1 
ATOM   1297 O O   . VAL A 1 177 ? 8.286   5.928   6.826   1.00 44.11 ? 177 VAL A O   1 
ATOM   1298 C CB  . VAL A 1 177 ? 10.230  3.577   5.203   1.00 42.73 ? 177 VAL A CB  1 
ATOM   1299 C CG1 . VAL A 1 177 ? 9.174   2.671   5.825   1.00 43.51 ? 177 VAL A CG1 1 
ATOM   1300 C CG2 . VAL A 1 177 ? 10.547  3.099   3.778   1.00 42.79 ? 177 VAL A CG2 1 
ATOM   1301 N N   . HIS A 1 178 ? 10.393  5.520   7.444   1.00 43.77 ? 178 HIS A N   1 
ATOM   1302 C CA  . HIS A 1 178 ? 10.163  5.980   8.820   1.00 47.06 ? 178 HIS A CA  1 
ATOM   1303 C C   . HIS A 1 178 ? 9.664   7.436   8.935   1.00 45.92 ? 178 HIS A C   1 
ATOM   1304 O O   . HIS A 1 178 ? 9.516   7.954   10.041  1.00 44.33 ? 178 HIS A O   1 
ATOM   1305 C CB  . HIS A 1 178 ? 11.450  5.832   9.634   1.00 49.71 ? 178 HIS A CB  1 
ATOM   1306 C CG  . HIS A 1 178 ? 12.608  6.549   9.024   1.00 53.86 ? 178 HIS A CG  1 
ATOM   1307 N ND1 . HIS A 1 178 ? 13.328  6.030   7.970   1.00 56.61 ? 178 HIS A ND1 1 
ATOM   1308 C CD2 . HIS A 1 178 ? 13.096  7.793   9.236   1.00 55.61 ? 178 HIS A CD2 1 
ATOM   1309 C CE1 . HIS A 1 178 ? 14.206  6.926   7.554   1.00 57.96 ? 178 HIS A CE1 1 
ATOM   1310 N NE2 . HIS A 1 178 ? 14.085  8.006   8.305   1.00 57.96 ? 178 HIS A NE2 1 
ATOM   1311 N N   . GLU A 1 179 ? 9.400   8.082   7.801   1.00 45.87 ? 179 GLU A N   1 
ATOM   1312 C CA  . GLU A 1 179 ? 8.938   9.473   7.773   1.00 46.65 ? 179 GLU A CA  1 
ATOM   1313 C C   . GLU A 1 179 ? 7.528   9.653   7.254   1.00 46.78 ? 179 GLU A C   1 
ATOM   1314 O O   . GLU A 1 179 ? 6.919   10.709  7.438   1.00 46.29 ? 179 GLU A O   1 
ATOM   1315 C CB  . GLU A 1 179 ? 9.854   10.308  6.887   1.00 48.52 ? 179 GLU A CB  1 
ATOM   1316 C CG  . GLU A 1 179 ? 10.955  11.018  7.623   1.00 52.51 ? 179 GLU A CG  1 
ATOM   1317 C CD  . GLU A 1 179 ? 11.999  11.543  6.680   1.00 54.42 ? 179 GLU A CD  1 
ATOM   1318 O OE1 . GLU A 1 179 ? 11.618  12.157  5.655   1.00 54.40 ? 179 GLU A OE1 1 
ATOM   1319 O OE2 . GLU A 1 179 ? 13.198  11.342  6.969   1.00 56.61 ? 179 GLU A OE2 1 
ATOM   1320 N N   . LYS A 1 180 ? 7.027   8.626   6.581   1.00 45.87 ? 180 LYS A N   1 
ATOM   1321 C CA  . LYS A 1 180 ? 5.700   8.670   6.007   1.00 43.99 ? 180 LYS A CA  1 
ATOM   1322 C C   . LYS A 1 180 ? 4.629   9.106   7.001   1.00 44.89 ? 180 LYS A C   1 
ATOM   1323 O O   . LYS A 1 180 ? 3.868   10.032  6.716   1.00 46.58 ? 180 LYS A O   1 
ATOM   1324 C CB  . LYS A 1 180 ? 5.368   7.302   5.406   1.00 42.57 ? 180 LYS A CB  1 
ATOM   1325 C CG  . LYS A 1 180 ? 6.271   6.933   4.234   1.00 40.51 ? 180 LYS A CG  1 
ATOM   1326 C CD  . LYS A 1 180 ? 6.054   5.518   3.737   1.00 38.55 ? 180 LYS A CD  1 
ATOM   1327 C CE  . LYS A 1 180 ? 6.816   5.295   2.439   1.00 38.78 ? 180 LYS A CE  1 
ATOM   1328 N NZ  . LYS A 1 180 ? 6.637   3.914   1.881   1.00 40.62 ? 180 LYS A NZ  1 
ATOM   1329 N N   . TRP A 1 181 ? 4.579   8.463   8.167   1.00 44.30 ? 181 TRP A N   1 
ATOM   1330 C CA  . TRP A 1 181 ? 3.579   8.782   9.186   1.00 43.72 ? 181 TRP A CA  1 
ATOM   1331 C C   . TRP A 1 181 ? 3.602   10.245  9.580   1.00 44.37 ? 181 TRP A C   1 
ATOM   1332 O O   . TRP A 1 181 ? 2.616   10.961  9.428   1.00 43.01 ? 181 TRP A O   1 
ATOM   1333 C CB  . TRP A 1 181 ? 3.801   7.937   10.439  1.00 43.79 ? 181 TRP A CB  1 
ATOM   1334 C CG  . TRP A 1 181 ? 2.683   8.042   11.438  1.00 44.59 ? 181 TRP A CG  1 
ATOM   1335 C CD1 . TRP A 1 181 ? 1.443   7.485   11.339  1.00 44.91 ? 181 TRP A CD1 1 
ATOM   1336 C CD2 . TRP A 1 181 ? 2.697   8.764   12.674  1.00 45.89 ? 181 TRP A CD2 1 
ATOM   1337 N NE1 . TRP A 1 181 ? 0.682   7.812   12.434  1.00 43.54 ? 181 TRP A NE1 1 
ATOM   1338 C CE2 . TRP A 1 181 ? 1.427   8.595   13.271  1.00 44.96 ? 181 TRP A CE2 1 
ATOM   1339 C CE3 . TRP A 1 181 ? 3.660   9.539   13.337  1.00 46.92 ? 181 TRP A CE3 1 
ATOM   1340 C CZ2 . TRP A 1 181 ? 1.093   9.168   14.500  1.00 45.63 ? 181 TRP A CZ2 1 
ATOM   1341 C CZ3 . TRP A 1 181 ? 3.328   10.112  14.564  1.00 46.12 ? 181 TRP A CZ3 1 
ATOM   1342 C CH2 . TRP A 1 181 ? 2.054   9.921   15.130  1.00 46.28 ? 181 TRP A CH2 1 
ATOM   1343 N N   . GLN A 1 182 ? 4.737   10.681  10.104  1.00 47.39 ? 182 GLN A N   1 
ATOM   1344 C CA  . GLN A 1 182 ? 4.899   12.060  10.534  1.00 49.97 ? 182 GLN A CA  1 
ATOM   1345 C C   . GLN A 1 182 ? 4.410   13.018  9.455   1.00 51.07 ? 182 GLN A C   1 
ATOM   1346 O O   . GLN A 1 182 ? 3.653   13.949  9.732   1.00 52.57 ? 182 GLN A O   1 
ATOM   1347 C CB  . GLN A 1 182 ? 6.371   12.328  10.888  1.00 50.18 ? 182 GLN A CB  1 
ATOM   1348 C CG  . GLN A 1 182 ? 6.746   13.789  11.055  1.00 52.74 ? 182 GLN A CG  1 
ATOM   1349 C CD  . GLN A 1 182 ? 7.377   14.368  9.791   1.00 57.58 ? 182 GLN A CD  1 
ATOM   1350 O OE1 . GLN A 1 182 ? 8.440   13.906  9.345   1.00 58.80 ? 182 GLN A OE1 1 
ATOM   1351 N NE2 . GLN A 1 182 ? 6.724   15.375  9.202   1.00 56.97 ? 182 GLN A NE2 1 
ATOM   1352 N N   . LYS A 1 183 ? 4.815   12.776  8.214   1.00 51.66 ? 183 LYS A N   1 
ATOM   1353 C CA  . LYS A 1 183 ? 4.402   13.656  7.133   1.00 51.99 ? 183 LYS A CA  1 
ATOM   1354 C C   . LYS A 1 183 ? 2.921   13.518  6.830   1.00 50.68 ? 183 LYS A C   1 
ATOM   1355 O O   . LYS A 1 183 ? 2.325   14.395  6.219   1.00 50.19 ? 183 LYS A O   1 
ATOM   1356 C CB  . LYS A 1 183 ? 5.244   13.391  5.884   1.00 53.89 ? 183 LYS A CB  1 
ATOM   1357 C CG  . LYS A 1 183 ? 6.729   13.719  6.080   1.00 57.38 ? 183 LYS A CG  1 
ATOM   1358 C CD  . LYS A 1 183 ? 7.199   14.773  5.100   1.00 60.64 ? 183 LYS A CD  1 
ATOM   1359 C CE  . LYS A 1 183 ? 7.026   14.289  3.658   1.00 64.29 ? 183 LYS A CE  1 
ATOM   1360 N NZ  . LYS A 1 183 ? 7.319   15.342  2.623   1.00 67.76 ? 183 LYS A NZ  1 
ATOM   1361 N N   . ALA A 1 184 ? 2.318   12.427  7.278   1.00 49.85 ? 184 ALA A N   1 
ATOM   1362 C CA  . ALA A 1 184 ? 0.904   12.222  7.036   1.00 48.36 ? 184 ALA A CA  1 
ATOM   1363 C C   . ALA A 1 184 ? 0.085   13.030  8.027   1.00 49.19 ? 184 ALA A C   1 
ATOM   1364 O O   . ALA A 1 184 ? -0.626  13.952  7.630   1.00 47.62 ? 184 ALA A O   1 
ATOM   1365 C CB  . ALA A 1 184 ? 0.566   10.750  7.144   1.00 47.78 ? 184 ALA A CB  1 
ATOM   1366 N N   . ILE A 1 185 ? 0.191   12.703  9.315   1.00 51.22 ? 185 ILE A N   1 
ATOM   1367 C CA  . ILE A 1 185 ? -0.576  13.421  10.339  1.00 52.74 ? 185 ILE A CA  1 
ATOM   1368 C C   . ILE A 1 185 ? -0.343  14.907  10.188  1.00 54.18 ? 185 ILE A C   1 
ATOM   1369 O O   . ILE A 1 185 ? -1.161  15.721  10.601  1.00 54.66 ? 185 ILE A O   1 
ATOM   1370 C CB  . ILE A 1 185 ? -0.191  13.009  11.791  1.00 51.12 ? 185 ILE A CB  1 
ATOM   1371 C CG1 . ILE A 1 185 ? 1.321   13.081  11.978  1.00 52.08 ? 185 ILE A CG1 1 
ATOM   1372 C CG2 . ILE A 1 185 ? -0.718  11.634  12.112  1.00 50.95 ? 185 ILE A CG2 1 
ATOM   1373 C CD1 . ILE A 1 185 ? 1.857   14.498  12.160  1.00 51.97 ? 185 ILE A CD1 1 
ATOM   1374 N N   . GLN A 1 186 ? 0.785   15.255  9.588   1.00 56.27 ? 186 GLN A N   1 
ATOM   1375 C CA  . GLN A 1 186 ? 1.115   16.650  9.382   1.00 58.65 ? 186 GLN A CA  1 
ATOM   1376 C C   . GLN A 1 186 ? 0.005   17.301  8.567   1.00 59.08 ? 186 GLN A C   1 
ATOM   1377 O O   . GLN A 1 186 ? -0.534  18.336  8.955   1.00 59.73 ? 186 GLN A O   1 
ATOM   1378 C CB  . GLN A 1 186 ? 2.456   16.763  8.651   1.00 59.98 ? 186 GLN A CB  1 
ATOM   1379 C CG  . GLN A 1 186 ? 3.010   18.175  8.592   1.00 62.59 ? 186 GLN A CG  1 
ATOM   1380 C CD  . GLN A 1 186 ? 4.507   18.205  8.312   1.00 64.64 ? 186 GLN A CD  1 
ATOM   1381 O OE1 . GLN A 1 186 ? 4.960   18.053  7.162   1.00 64.39 ? 186 GLN A OE1 1 
ATOM   1382 N NE2 . GLN A 1 186 ? 5.288   18.392  9.369   1.00 64.16 ? 186 GLN A NE2 1 
ATOM   1383 N N   . LYS A 1 187 ? -0.358  16.668  7.455   1.00 59.65 ? 187 LYS A N   1 
ATOM   1384 C CA  . LYS A 1 187 ? -1.394  17.196  6.576   1.00 60.00 ? 187 LYS A CA  1 
ATOM   1385 C C   . LYS A 1 187 ? -2.749  17.250  7.278   1.00 60.14 ? 187 LYS A C   1 
ATOM   1386 O O   . LYS A 1 187 ? -3.706  17.813  6.756   1.00 60.40 ? 187 LYS A O   1 
ATOM   1387 C CB  . LYS A 1 187 ? -1.505  16.347  5.302   1.00 59.94 ? 187 LYS A CB  1 
ATOM   1388 C CG  . LYS A 1 187 ? -0.247  15.568  4.939   1.00 63.31 ? 187 LYS A CG  1 
ATOM   1389 C CD  . LYS A 1 187 ? 1.047   16.404  5.007   1.00 65.72 ? 187 LYS A CD  1 
ATOM   1390 C CE  . LYS A 1 187 ? 1.259   17.295  3.793   1.00 67.97 ? 187 LYS A CE  1 
ATOM   1391 N NZ  . LYS A 1 187 ? 0.248   18.380  3.724   1.00 70.58 ? 187 LYS A NZ  1 
ATOM   1392 N N   . LEU A 1 188 ? -2.823  16.677  8.472   1.00 60.85 ? 188 LEU A N   1 
ATOM   1393 C CA  . LEU A 1 188 ? -4.068  16.669  9.225   1.00 61.63 ? 188 LEU A CA  1 
ATOM   1394 C C   . LEU A 1 188 ? -4.007  17.631  10.411  1.00 62.97 ? 188 LEU A C   1 
ATOM   1395 O O   . LEU A 1 188 ? -4.920  17.666  11.238  1.00 63.89 ? 188 LEU A O   1 
ATOM   1396 C CB  . LEU A 1 188 ? -4.367  15.243  9.702   1.00 61.53 ? 188 LEU A CB  1 
ATOM   1397 C CG  . LEU A 1 188 ? -4.641  14.201  8.604   1.00 61.80 ? 188 LEU A CG  1 
ATOM   1398 C CD1 . LEU A 1 188 ? -4.428  12.796  9.125   1.00 61.41 ? 188 LEU A CD1 1 
ATOM   1399 C CD2 . LEU A 1 188 ? -6.053  14.366  8.089   1.00 61.66 ? 188 LEU A CD2 1 
ATOM   1400 N N   . GLY A 1 189 ? -2.936  18.416  10.491  1.00 63.30 ? 189 GLY A N   1 
ATOM   1401 C CA  . GLY A 1 189 ? -2.799  19.361  11.585  1.00 63.71 ? 189 GLY A CA  1 
ATOM   1402 C C   . GLY A 1 189 ? -2.008  18.832  12.770  1.00 64.92 ? 189 GLY A C   1 
ATOM   1403 O O   . GLY A 1 189 ? -1.043  19.460  13.208  1.00 66.29 ? 189 GLY A O   1 
ATOM   1404 N N   . ILE A 1 190 ? -2.408  17.677  13.295  1.00 65.10 ? 190 ILE A N   1 
ATOM   1405 C CA  . ILE A 1 190 ? -1.726  17.075  14.439  1.00 66.01 ? 190 ILE A CA  1 
ATOM   1406 C C   . ILE A 1 190 ? -0.218  16.974  14.199  1.00 67.20 ? 190 ILE A C   1 
ATOM   1407 O O   . ILE A 1 190 ? 0.220   16.606  13.111  1.00 68.01 ? 190 ILE A O   1 
ATOM   1408 C CB  . ILE A 1 190 ? -2.258  15.639  14.738  1.00 66.21 ? 190 ILE A CB  1 
ATOM   1409 C CG1 . ILE A 1 190 ? -3.761  15.669  15.042  1.00 65.40 ? 190 ILE A CG1 1 
ATOM   1410 C CG2 . ILE A 1 190 ? -1.500  15.036  15.920  1.00 65.14 ? 190 ILE A CG2 1 
ATOM   1411 C CD1 . ILE A 1 190 ? -4.644  15.852  13.826  1.00 64.78 ? 190 ILE A CD1 1 
ATOM   1412 N N   . SER A 1 191 ? 0.574   17.301  15.215  1.00 68.59 ? 191 SER A N   1 
ATOM   1413 C CA  . SER A 1 191 ? 2.027   17.209  15.098  1.00 69.69 ? 191 SER A CA  1 
ATOM   1414 C C   . SER A 1 191 ? 2.518   16.004  15.895  1.00 69.86 ? 191 SER A C   1 
ATOM   1415 O O   . SER A 1 191 ? 1.969   15.680  16.948  1.00 70.30 ? 191 SER A O   1 
ATOM   1416 C CB  . SER A 1 191 ? 2.687   18.489  15.605  1.00 70.22 ? 191 SER A CB  1 
ATOM   1417 O OG  . SER A 1 191 ? 2.334   19.585  14.780  1.00 72.44 ? 191 SER A OG  1 
ATOM   1418 N N   . PRO A 1 192 ? 3.553   15.319  15.394  1.00 70.03 ? 192 PRO A N   1 
ATOM   1419 C CA  . PRO A 1 192 ? 4.130   14.135  16.044  1.00 70.19 ? 192 PRO A CA  1 
ATOM   1420 C C   . PRO A 1 192 ? 4.512   14.330  17.502  1.00 70.88 ? 192 PRO A C   1 
ATOM   1421 O O   . PRO A 1 192 ? 4.413   15.480  17.996  1.00 70.77 ? 192 PRO A O   1 
ATOM   1422 C CB  . PRO A 1 192 ? 5.341   13.818  15.173  1.00 70.21 ? 192 PRO A CB  1 
ATOM   1423 C CG  . PRO A 1 192 ? 4.887   14.264  13.812  1.00 71.22 ? 192 PRO A CG  1 
ATOM   1424 C CD  . PRO A 1 192 ? 4.219   15.591  14.107  1.00 70.11 ? 192 PRO A CD  1 
HETATM 1425 O O   . HOH B 2 .   ? -9.406  -4.672  12.376  1.00 42.00 ? 212 HOH A O   1 
HETATM 1426 O O   . HOH B 2 .   ? 19.491  1.610   -9.369  1.00 38.60 ? 213 HOH A O   1 
HETATM 1427 O O   . HOH B 2 .   ? 12.762  -1.176  -5.210  1.00 32.23 ? 214 HOH A O   1 
HETATM 1428 O O   . HOH B 2 .   ? 11.808  -0.641  -0.548  1.00 39.96 ? 215 HOH A O   1 
HETATM 1429 O O   . HOH B 2 .   ? 7.148   9.359   10.953  1.00 40.23 ? 216 HOH A O   1 
HETATM 1430 O O   . HOH B 2 .   ? 8.762   7.476   -8.101  1.00 26.02 ? 217 HOH A O   1 
HETATM 1431 O O   . HOH B 2 .   ? -8.272  -4.568  -13.499 1.00 51.84 ? 218 HOH A O   1 
HETATM 1432 O O   . HOH B 2 .   ? 8.962   3.722   0.333   1.00 45.74 ? 219 HOH A O   1 
HETATM 1433 O O   . HOH B 2 .   ? 6.477   6.110   8.693   1.00 31.97 ? 220 HOH A O   1 
HETATM 1434 O O   . HOH B 2 .   ? 15.910  -15.502 -0.903  1.00 43.83 ? 221 HOH A O   1 
HETATM 1435 O O   . HOH B 2 .   ? 3.409   11.439  -9.090  1.00 43.19 ? 222 HOH A O   1 
HETATM 1436 O O   . HOH B 2 .   ? -0.895  -7.059  17.637  1.00 50.87 ? 223 HOH A O   1 
HETATM 1437 O O   . HOH B 2 .   ? 9.948   2.652   -5.475  1.00 44.18 ? 224 HOH A O   1 
HETATM 1438 O O   . HOH B 2 .   ? -15.479 -2.303  19.338  1.00 66.71 ? 225 HOH A O   1 
HETATM 1439 O O   . HOH B 2 .   ? 11.277  -8.578  9.278   1.00 42.66 ? 226 HOH A O   1 
HETATM 1440 O O   . HOH B 2 .   ? -4.676  -5.644  -15.749 1.00 33.43 ? 227 HOH A O   1 
HETATM 1441 O O   . HOH B 2 .   ? -0.982  2.410   20.965  1.00 53.61 ? 228 HOH A O   1 
HETATM 1442 O O   . HOH B 2 .   ? -14.170 10.452  15.559  1.00 59.16 ? 229 HOH A O   1 
HETATM 1443 O O   . HOH B 2 .   ? 13.246  4.668   3.265   1.00 50.15 ? 230 HOH A O   1 
HETATM 1444 O O   . HOH B 2 .   ? 5.110   -11.986 9.773   1.00 52.43 ? 231 HOH A O   1 
HETATM 1445 O O   . HOH B 2 .   ? -3.508  -7.947  13.540  1.00 34.03 ? 232 HOH A O   1 
# 
